data_6I05
# 
_entry.id   6I05 
# 
_audit_conform.dict_name       mmcif_pdbx.dic 
_audit_conform.dict_version    5.392 
_audit_conform.dict_location   http://mmcif.pdb.org/dictionaries/ascii/mmcif_pdbx.dic 
# 
loop_
_database_2.database_id 
_database_2.database_code 
_database_2.pdbx_database_accession 
_database_2.pdbx_DOI 
PDB   6I05         pdb_00006i05 10.2210/pdb6i05/pdb 
WWPDB D_1200012588 ?            ?                   
# 
loop_
_pdbx_audit_revision_history.ordinal 
_pdbx_audit_revision_history.data_content_type 
_pdbx_audit_revision_history.major_revision 
_pdbx_audit_revision_history.minor_revision 
_pdbx_audit_revision_history.revision_date 
1 'Structure model' 1 0 2019-11-13 
2 'Structure model' 1 1 2020-05-27 
3 'Structure model' 1 2 2024-05-15 
# 
_pdbx_audit_revision_details.ordinal             1 
_pdbx_audit_revision_details.revision_ordinal    1 
_pdbx_audit_revision_details.data_content_type   'Structure model' 
_pdbx_audit_revision_details.provider            repository 
_pdbx_audit_revision_details.type                'Initial release' 
_pdbx_audit_revision_details.description         ? 
_pdbx_audit_revision_details.details             ? 
# 
loop_
_pdbx_audit_revision_group.ordinal 
_pdbx_audit_revision_group.revision_ordinal 
_pdbx_audit_revision_group.data_content_type 
_pdbx_audit_revision_group.group 
1 2 'Structure model' 'Database references' 
2 3 'Structure model' 'Data collection'     
3 3 'Structure model' 'Database references' 
# 
loop_
_pdbx_audit_revision_category.ordinal 
_pdbx_audit_revision_category.revision_ordinal 
_pdbx_audit_revision_category.data_content_type 
_pdbx_audit_revision_category.category 
1 2 'Structure model' citation        
2 2 'Structure model' citation_author 
3 3 'Structure model' chem_comp_atom  
4 3 'Structure model' chem_comp_bond  
5 3 'Structure model' database_2      
# 
loop_
_pdbx_audit_revision_item.ordinal 
_pdbx_audit_revision_item.revision_ordinal 
_pdbx_audit_revision_item.data_content_type 
_pdbx_audit_revision_item.item 
1  2 'Structure model' '_citation.country'                   
2  2 'Structure model' '_citation.journal_abbrev'            
3  2 'Structure model' '_citation.journal_id_CSD'            
4  2 'Structure model' '_citation.journal_id_ISSN'           
5  2 'Structure model' '_citation.journal_volume'            
6  2 'Structure model' '_citation.page_first'                
7  2 'Structure model' '_citation.page_last'                 
8  2 'Structure model' '_citation.pdbx_database_id_DOI'      
9  2 'Structure model' '_citation.pdbx_database_id_PubMed'   
10 2 'Structure model' '_citation.title'                     
11 2 'Structure model' '_citation.year'                      
12 3 'Structure model' '_database_2.pdbx_DOI'                
13 3 'Structure model' '_database_2.pdbx_database_accession' 
# 
_pdbx_database_status.status_code                     REL 
_pdbx_database_status.status_code_sf                  REL 
_pdbx_database_status.status_code_mr                  ? 
_pdbx_database_status.entry_id                        6I05 
_pdbx_database_status.recvd_initial_deposition_date   2018-10-25 
_pdbx_database_status.SG_entry                        N 
_pdbx_database_status.deposit_site                    PDBE 
_pdbx_database_status.process_site                    PDBE 
_pdbx_database_status.status_code_cs                  ? 
_pdbx_database_status.methods_development_category    ? 
_pdbx_database_status.pdb_format_compatible           Y 
_pdbx_database_status.status_code_nmr_data            ? 
# 
loop_
_audit_author.name 
_audit_author.pdbx_ordinal 
_audit_author.identifier_ORCID 
'Alcorlo, M.'   1 0000-0001-8337-6203 
'Hermoso, J.A.' 2 0000-0002-1862-8950 
# 
_citation.abstract                  ? 
_citation.abstract_id_CAS           ? 
_citation.book_id_ISBN              ? 
_citation.book_publisher            ? 
_citation.book_publisher_city       ? 
_citation.book_title                ? 
_citation.coordinate_linkage        ? 
_citation.country                   UK 
_citation.database_id_Medline       ? 
_citation.details                   ? 
_citation.id                        primary 
_citation.journal_abbrev            'Nat Commun' 
_citation.journal_id_ASTM           ? 
_citation.journal_id_CSD            ? 
_citation.journal_id_ISSN           2041-1723 
_citation.journal_full              ? 
_citation.journal_issue             ? 
_citation.journal_volume            10 
_citation.language                  ? 
_citation.page_first                5567 
_citation.page_last                 5567 
_citation.title                     'Structural basis of denuded glycan recognition by SPOR domains in bacterial cell division.' 
_citation.year                      2019 
_citation.database_id_CSD           ? 
_citation.pdbx_database_id_DOI      10.1038/s41467-019-13354-4 
_citation.pdbx_database_id_PubMed   31804467 
_citation.unpublished_flag          ? 
# 
loop_
_citation_author.citation_id 
_citation_author.name 
_citation_author.ordinal 
_citation_author.identifier_ORCID 
primary 'Alcorlo, M.'       1  0000-0001-8337-6203 
primary 'Dik, D.A.'         2  ?                   
primary 'De Benedetti, S.'  3  ?                   
primary 'Mahasenan, K.V.'   4  0000-0001-5591-7324 
primary 'Lee, M.'           5  ?                   
primary 'Dominguez-Gil, T.' 6  ?                   
primary 'Hesek, D.'         7  ?                   
primary 'Lastochkin, E.'    8  ?                   
primary 'Lopez, D.'         9  0000-0002-8627-3813 
primary 'Boggess, B.'       10 ?                   
primary 'Mobashery, S.'     11 ?                   
primary 'Hermoso, J.A.'     12 ?                   
# 
loop_
_entity.id 
_entity.type 
_entity.src_method 
_entity.pdbx_description 
_entity.formula_weight 
_entity.pdbx_number_of_molecules 
_entity.pdbx_ec 
_entity.pdbx_mutation 
_entity.pdbx_fragment 
_entity.details 
1 polymer man 'Endolytic peptidoglycan transglycosylase RlpA' 8359.492 1   4.2.2.- ? ? ? 
2 water   nat water                                           18.015   135 ?       ? ? ? 
# 
_entity_poly.entity_id                      1 
_entity_poly.type                           'polypeptide(L)' 
_entity_poly.nstd_linkage                   no 
_entity_poly.nstd_monomer                   no 
_entity_poly.pdbx_seq_one_letter_code       ADGLYLQVGAFANPDAAELLKAKLSGVTAAPVFISSVVRNQQILHRVRLGPIGSADEVSRTQDSIRVANLGQPTLVRPD 
_entity_poly.pdbx_seq_one_letter_code_can   ADGLYLQVGAFANPDAAELLKAKLSGVTAAPVFISSVVRNQQILHRVRLGPIGSADEVSRTQDSIRVANLGQPTLVRPD 
_entity_poly.pdbx_strand_id                 A 
_entity_poly.pdbx_target_identifier         ? 
# 
_pdbx_entity_nonpoly.entity_id   2 
_pdbx_entity_nonpoly.name        water 
_pdbx_entity_nonpoly.comp_id     HOH 
# 
loop_
_entity_poly_seq.entity_id 
_entity_poly_seq.num 
_entity_poly_seq.mon_id 
_entity_poly_seq.hetero 
1 1  ALA n 
1 2  ASP n 
1 3  GLY n 
1 4  LEU n 
1 5  TYR n 
1 6  LEU n 
1 7  GLN n 
1 8  VAL n 
1 9  GLY n 
1 10 ALA n 
1 11 PHE n 
1 12 ALA n 
1 13 ASN n 
1 14 PRO n 
1 15 ASP n 
1 16 ALA n 
1 17 ALA n 
1 18 GLU n 
1 19 LEU n 
1 20 LEU n 
1 21 LYS n 
1 22 ALA n 
1 23 LYS n 
1 24 LEU n 
1 25 SER n 
1 26 GLY n 
1 27 VAL n 
1 28 THR n 
1 29 ALA n 
1 30 ALA n 
1 31 PRO n 
1 32 VAL n 
1 33 PHE n 
1 34 ILE n 
1 35 SER n 
1 36 SER n 
1 37 VAL n 
1 38 VAL n 
1 39 ARG n 
1 40 ASN n 
1 41 GLN n 
1 42 GLN n 
1 43 ILE n 
1 44 LEU n 
1 45 HIS n 
1 46 ARG n 
1 47 VAL n 
1 48 ARG n 
1 49 LEU n 
1 50 GLY n 
1 51 PRO n 
1 52 ILE n 
1 53 GLY n 
1 54 SER n 
1 55 ALA n 
1 56 ASP n 
1 57 GLU n 
1 58 VAL n 
1 59 SER n 
1 60 ARG n 
1 61 THR n 
1 62 GLN n 
1 63 ASP n 
1 64 SER n 
1 65 ILE n 
1 66 ARG n 
1 67 VAL n 
1 68 ALA n 
1 69 ASN n 
1 70 LEU n 
1 71 GLY n 
1 72 GLN n 
1 73 PRO n 
1 74 THR n 
1 75 LEU n 
1 76 VAL n 
1 77 ARG n 
1 78 PRO n 
1 79 ASP n 
# 
_entity_src_gen.entity_id                          1 
_entity_src_gen.pdbx_src_id                        1 
_entity_src_gen.pdbx_alt_source_flag               sample 
_entity_src_gen.pdbx_seq_type                      'Biological sequence' 
_entity_src_gen.pdbx_beg_seq_num                   1 
_entity_src_gen.pdbx_end_seq_num                   79 
_entity_src_gen.gene_src_common_name               ? 
_entity_src_gen.gene_src_genus                     ? 
_entity_src_gen.pdbx_gene_src_gene                 'rlpA, PAMH19_1027' 
_entity_src_gen.gene_src_species                   ? 
_entity_src_gen.gene_src_strain                    ? 
_entity_src_gen.gene_src_tissue                    ? 
_entity_src_gen.gene_src_tissue_fraction           ? 
_entity_src_gen.gene_src_details                   ? 
_entity_src_gen.pdbx_gene_src_fragment             ? 
_entity_src_gen.pdbx_gene_src_scientific_name      'Pseudomonas aeruginosa' 
_entity_src_gen.pdbx_gene_src_ncbi_taxonomy_id     287 
_entity_src_gen.pdbx_gene_src_variant              ? 
_entity_src_gen.pdbx_gene_src_cell_line            ? 
_entity_src_gen.pdbx_gene_src_atcc                 ? 
_entity_src_gen.pdbx_gene_src_organ                ? 
_entity_src_gen.pdbx_gene_src_organelle            ? 
_entity_src_gen.pdbx_gene_src_cell                 ? 
_entity_src_gen.pdbx_gene_src_cellular_location    ? 
_entity_src_gen.host_org_common_name               ? 
_entity_src_gen.pdbx_host_org_scientific_name      'Escherichia coli' 
_entity_src_gen.pdbx_host_org_ncbi_taxonomy_id     562 
_entity_src_gen.host_org_genus                     ? 
_entity_src_gen.pdbx_host_org_gene                 ? 
_entity_src_gen.pdbx_host_org_organ                ? 
_entity_src_gen.host_org_species                   ? 
_entity_src_gen.pdbx_host_org_tissue               ? 
_entity_src_gen.pdbx_host_org_tissue_fraction      ? 
_entity_src_gen.pdbx_host_org_strain               ? 
_entity_src_gen.pdbx_host_org_variant              ? 
_entity_src_gen.pdbx_host_org_cell_line            ? 
_entity_src_gen.pdbx_host_org_atcc                 ? 
_entity_src_gen.pdbx_host_org_culture_collection   ? 
_entity_src_gen.pdbx_host_org_cell                 ? 
_entity_src_gen.pdbx_host_org_organelle            ? 
_entity_src_gen.pdbx_host_org_cellular_location    ? 
_entity_src_gen.pdbx_host_org_vector_type          ? 
_entity_src_gen.pdbx_host_org_vector               ? 
_entity_src_gen.host_org_details                   ? 
_entity_src_gen.expression_system_id               ? 
_entity_src_gen.plasmid_name                       ? 
_entity_src_gen.plasmid_details                    ? 
_entity_src_gen.pdbx_description                   ? 
# 
loop_
_chem_comp.id 
_chem_comp.type 
_chem_comp.mon_nstd_flag 
_chem_comp.name 
_chem_comp.pdbx_synonyms 
_chem_comp.formula 
_chem_comp.formula_weight 
ALA 'L-peptide linking' y ALANINE         ? 'C3 H7 N O2'     89.093  
ARG 'L-peptide linking' y ARGININE        ? 'C6 H15 N4 O2 1' 175.209 
ASN 'L-peptide linking' y ASPARAGINE      ? 'C4 H8 N2 O3'    132.118 
ASP 'L-peptide linking' y 'ASPARTIC ACID' ? 'C4 H7 N O4'     133.103 
GLN 'L-peptide linking' y GLUTAMINE       ? 'C5 H10 N2 O3'   146.144 
GLU 'L-peptide linking' y 'GLUTAMIC ACID' ? 'C5 H9 N O4'     147.129 
GLY 'peptide linking'   y GLYCINE         ? 'C2 H5 N O2'     75.067  
HIS 'L-peptide linking' y HISTIDINE       ? 'C6 H10 N3 O2 1' 156.162 
HOH non-polymer         . WATER           ? 'H2 O'           18.015  
ILE 'L-peptide linking' y ISOLEUCINE      ? 'C6 H13 N O2'    131.173 
LEU 'L-peptide linking' y LEUCINE         ? 'C6 H13 N O2'    131.173 
LYS 'L-peptide linking' y LYSINE          ? 'C6 H15 N2 O2 1' 147.195 
PHE 'L-peptide linking' y PHENYLALANINE   ? 'C9 H11 N O2'    165.189 
PRO 'L-peptide linking' y PROLINE         ? 'C5 H9 N O2'     115.130 
SER 'L-peptide linking' y SERINE          ? 'C3 H7 N O3'     105.093 
THR 'L-peptide linking' y THREONINE       ? 'C4 H9 N O3'     119.119 
TYR 'L-peptide linking' y TYROSINE        ? 'C9 H11 N O3'    181.189 
VAL 'L-peptide linking' y VALINE          ? 'C5 H11 N O2'    117.146 
# 
loop_
_pdbx_poly_seq_scheme.asym_id 
_pdbx_poly_seq_scheme.entity_id 
_pdbx_poly_seq_scheme.seq_id 
_pdbx_poly_seq_scheme.mon_id 
_pdbx_poly_seq_scheme.ndb_seq_num 
_pdbx_poly_seq_scheme.pdb_seq_num 
_pdbx_poly_seq_scheme.auth_seq_num 
_pdbx_poly_seq_scheme.pdb_mon_id 
_pdbx_poly_seq_scheme.auth_mon_id 
_pdbx_poly_seq_scheme.pdb_strand_id 
_pdbx_poly_seq_scheme.pdb_ins_code 
_pdbx_poly_seq_scheme.hetero 
A 1 1  ALA 1  264 ?   ?   ?   A . n 
A 1 2  ASP 2  265 ?   ?   ?   A . n 
A 1 3  GLY 3  266 266 GLY GLY A . n 
A 1 4  LEU 4  267 267 LEU LEU A . n 
A 1 5  TYR 5  268 268 TYR TYR A . n 
A 1 6  LEU 6  269 269 LEU LEU A . n 
A 1 7  GLN 7  270 270 GLN GLN A . n 
A 1 8  VAL 8  271 271 VAL VAL A . n 
A 1 9  GLY 9  272 272 GLY GLY A . n 
A 1 10 ALA 10 273 273 ALA ALA A . n 
A 1 11 PHE 11 274 274 PHE PHE A . n 
A 1 12 ALA 12 275 275 ALA ALA A . n 
A 1 13 ASN 13 276 276 ASN ASN A . n 
A 1 14 PRO 14 277 277 PRO PRO A . n 
A 1 15 ASP 15 278 278 ASP ASP A . n 
A 1 16 ALA 16 279 279 ALA ALA A . n 
A 1 17 ALA 17 280 280 ALA ALA A . n 
A 1 18 GLU 18 281 281 GLU GLU A . n 
A 1 19 LEU 19 282 282 LEU LEU A . n 
A 1 20 LEU 20 283 283 LEU LEU A . n 
A 1 21 LYS 21 284 284 LYS LYS A . n 
A 1 22 ALA 22 285 285 ALA ALA A . n 
A 1 23 LYS 23 286 286 LYS LYS A . n 
A 1 24 LEU 24 287 287 LEU LEU A . n 
A 1 25 SER 25 288 288 SER SER A . n 
A 1 26 GLY 26 289 289 GLY GLY A . n 
A 1 27 VAL 27 290 290 VAL VAL A . n 
A 1 28 THR 28 291 291 THR THR A . n 
A 1 29 ALA 29 292 292 ALA ALA A . n 
A 1 30 ALA 30 293 293 ALA ALA A . n 
A 1 31 PRO 31 294 294 PRO PRO A . n 
A 1 32 VAL 32 295 295 VAL VAL A . n 
A 1 33 PHE 33 296 296 PHE PHE A . n 
A 1 34 ILE 34 297 297 ILE ILE A . n 
A 1 35 SER 35 298 298 SER SER A . n 
A 1 36 SER 36 299 299 SER SER A . n 
A 1 37 VAL 37 300 300 VAL VAL A . n 
A 1 38 VAL 38 301 301 VAL VAL A . n 
A 1 39 ARG 39 302 302 ARG ARG A . n 
A 1 40 ASN 40 303 303 ASN ASN A . n 
A 1 41 GLN 41 304 304 GLN GLN A . n 
A 1 42 GLN 42 305 305 GLN GLN A . n 
A 1 43 ILE 43 306 306 ILE ILE A . n 
A 1 44 LEU 44 307 307 LEU LEU A . n 
A 1 45 HIS 45 308 308 HIS HIS A . n 
A 1 46 ARG 46 309 309 ARG ARG A . n 
A 1 47 VAL 47 310 310 VAL VAL A . n 
A 1 48 ARG 48 311 311 ARG ARG A . n 
A 1 49 LEU 49 312 312 LEU LEU A . n 
A 1 50 GLY 50 313 313 GLY GLY A . n 
A 1 51 PRO 51 314 314 PRO PRO A . n 
A 1 52 ILE 52 315 315 ILE ILE A . n 
A 1 53 GLY 53 316 316 GLY GLY A . n 
A 1 54 SER 54 317 317 SER SER A . n 
A 1 55 ALA 55 318 318 ALA ALA A . n 
A 1 56 ASP 56 319 319 ASP ASP A . n 
A 1 57 GLU 57 320 320 GLU GLU A . n 
A 1 58 VAL 58 321 321 VAL VAL A . n 
A 1 59 SER 59 322 322 SER SER A . n 
A 1 60 ARG 60 323 323 ARG ARG A . n 
A 1 61 THR 61 324 324 THR THR A . n 
A 1 62 GLN 62 325 325 GLN GLN A . n 
A 1 63 ASP 63 326 326 ASP ASP A . n 
A 1 64 SER 64 327 327 SER SER A . n 
A 1 65 ILE 65 328 328 ILE ILE A . n 
A 1 66 ARG 66 329 329 ARG ARG A . n 
A 1 67 VAL 67 330 330 VAL VAL A . n 
A 1 68 ALA 68 331 331 ALA ALA A . n 
A 1 69 ASN 69 332 332 ASN ASN A . n 
A 1 70 LEU 70 333 333 LEU LEU A . n 
A 1 71 GLY 71 334 334 GLY GLY A . n 
A 1 72 GLN 72 335 335 GLN GLN A . n 
A 1 73 PRO 73 336 336 PRO PRO A . n 
A 1 74 THR 74 337 337 THR THR A . n 
A 1 75 LEU 75 338 338 LEU LEU A . n 
A 1 76 VAL 76 339 339 VAL VAL A . n 
A 1 77 ARG 77 340 340 ARG ARG A . n 
A 1 78 PRO 78 341 341 PRO PRO A . n 
A 1 79 ASP 79 342 ?   ?   ?   A . n 
# 
loop_
_pdbx_nonpoly_scheme.asym_id 
_pdbx_nonpoly_scheme.entity_id 
_pdbx_nonpoly_scheme.mon_id 
_pdbx_nonpoly_scheme.ndb_seq_num 
_pdbx_nonpoly_scheme.pdb_seq_num 
_pdbx_nonpoly_scheme.auth_seq_num 
_pdbx_nonpoly_scheme.pdb_mon_id 
_pdbx_nonpoly_scheme.auth_mon_id 
_pdbx_nonpoly_scheme.pdb_strand_id 
_pdbx_nonpoly_scheme.pdb_ins_code 
B 2 HOH 1   401 404 HOH HOH A . 
B 2 HOH 2   402 402 HOH HOH A . 
B 2 HOH 3   403 406 HOH HOH A . 
B 2 HOH 4   404 405 HOH HOH A . 
B 2 HOH 5   405 407 HOH HOH A . 
B 2 HOH 6   406 414 HOH HOH A . 
B 2 HOH 7   407 408 HOH HOH A . 
B 2 HOH 8   408 413 HOH HOH A . 
B 2 HOH 9   409 410 HOH HOH A . 
B 2 HOH 10  410 416 HOH HOH A . 
B 2 HOH 11  411 417 HOH HOH A . 
B 2 HOH 12  412 415 HOH HOH A . 
B 2 HOH 13  413 425 HOH HOH A . 
B 2 HOH 14  414 411 HOH HOH A . 
B 2 HOH 15  415 419 HOH HOH A . 
B 2 HOH 16  416 409 HOH HOH A . 
B 2 HOH 17  417 420 HOH HOH A . 
B 2 HOH 18  418 442 HOH HOH A . 
B 2 HOH 19  419 412 HOH HOH A . 
B 2 HOH 20  420 421 HOH HOH A . 
B 2 HOH 21  421 432 HOH HOH A . 
B 2 HOH 22  422 426 HOH HOH A . 
B 2 HOH 23  423 418 HOH HOH A . 
B 2 HOH 24  424 424 HOH HOH A . 
B 2 HOH 25  425 423 HOH HOH A . 
B 2 HOH 26  426 436 HOH HOH A . 
B 2 HOH 27  427 429 HOH HOH A . 
B 2 HOH 28  428 422 HOH HOH A . 
B 2 HOH 29  429 431 HOH HOH A . 
B 2 HOH 30  430 434 HOH HOH A . 
B 2 HOH 31  431 428 HOH HOH A . 
B 2 HOH 32  432 433 HOH HOH A . 
B 2 HOH 33  433 443 HOH HOH A . 
B 2 HOH 34  434 444 HOH HOH A . 
B 2 HOH 35  435 430 HOH HOH A . 
B 2 HOH 36  436 438 HOH HOH A . 
B 2 HOH 37  437 427 HOH HOH A . 
B 2 HOH 38  438 445 HOH HOH A . 
B 2 HOH 39  439 446 HOH HOH A . 
B 2 HOH 40  440 440 HOH HOH A . 
B 2 HOH 41  441 437 HOH HOH A . 
B 2 HOH 42  442 448 HOH HOH A . 
B 2 HOH 43  443 441 HOH HOH A . 
B 2 HOH 44  444 458 HOH HOH A . 
B 2 HOH 45  445 439 HOH HOH A . 
B 2 HOH 46  446 456 HOH HOH A . 
B 2 HOH 47  447 452 HOH HOH A . 
B 2 HOH 48  448 451 HOH HOH A . 
B 2 HOH 49  449 469 HOH HOH A . 
B 2 HOH 50  450 453 HOH HOH A . 
B 2 HOH 51  451 462 HOH HOH A . 
B 2 HOH 52  452 465 HOH HOH A . 
B 2 HOH 53  453 454 HOH HOH A . 
B 2 HOH 54  454 450 HOH HOH A . 
B 2 HOH 55  455 460 HOH HOH A . 
B 2 HOH 56  456 435 HOH HOH A . 
B 2 HOH 57  457 461 HOH HOH A . 
B 2 HOH 58  458 474 HOH HOH A . 
B 2 HOH 59  459 467 HOH HOH A . 
B 2 HOH 60  460 459 HOH HOH A . 
B 2 HOH 61  461 497 HOH HOH A . 
B 2 HOH 62  462 457 HOH HOH A . 
B 2 HOH 63  463 463 HOH HOH A . 
B 2 HOH 64  464 455 HOH HOH A . 
B 2 HOH 65  465 447 HOH HOH A . 
B 2 HOH 66  466 466 HOH HOH A . 
B 2 HOH 67  467 471 HOH HOH A . 
B 2 HOH 68  468 481 HOH HOH A . 
B 2 HOH 69  469 472 HOH HOH A . 
B 2 HOH 70  470 473 HOH HOH A . 
B 2 HOH 71  471 478 HOH HOH A . 
B 2 HOH 72  472 477 HOH HOH A . 
B 2 HOH 73  473 476 HOH HOH A . 
B 2 HOH 74  474 449 HOH HOH A . 
B 2 HOH 75  475 475 HOH HOH A . 
B 2 HOH 76  476 482 HOH HOH A . 
B 2 HOH 77  477 464 HOH HOH A . 
B 2 HOH 78  478 470 HOH HOH A . 
B 2 HOH 79  479 468 HOH HOH A . 
B 2 HOH 80  480 479 HOH HOH A . 
B 2 HOH 81  481 480 HOH HOH A . 
B 2 HOH 82  482 485 HOH HOH A . 
B 2 HOH 83  483 489 HOH HOH A . 
B 2 HOH 84  484 483 HOH HOH A . 
B 2 HOH 85  485 484 HOH HOH A . 
B 2 HOH 86  486 490 HOH HOH A . 
B 2 HOH 87  487 486 HOH HOH A . 
B 2 HOH 88  488 488 HOH HOH A . 
B 2 HOH 89  489 491 HOH HOH A . 
B 2 HOH 90  490 499 HOH HOH A . 
B 2 HOH 91  492 492 HOH HOH A . 
B 2 HOH 92  493 493 HOH HOH A . 
B 2 HOH 93  494 496 HOH HOH A . 
B 2 HOH 94  495 495 HOH HOH A . 
B 2 HOH 95  496 498 HOH HOH A . 
B 2 HOH 96  497 500 HOH HOH A . 
B 2 HOH 97  498 503 HOH HOH A . 
B 2 HOH 98  499 511 HOH HOH A . 
B 2 HOH 99  501 504 HOH HOH A . 
B 2 HOH 100 502 505 HOH HOH A . 
B 2 HOH 101 503 512 HOH HOH A . 
B 2 HOH 102 504 506 HOH HOH A . 
B 2 HOH 103 505 508 HOH HOH A . 
B 2 HOH 104 506 507 HOH HOH A . 
B 2 HOH 105 507 513 HOH HOH A . 
B 2 HOH 106 508 514 HOH HOH A . 
B 2 HOH 107 509 518 HOH HOH A . 
B 2 HOH 108 510 517 HOH HOH A . 
B 2 HOH 109 511 519 HOH HOH A . 
B 2 HOH 110 512 515 HOH HOH A . 
B 2 HOH 111 513 516 HOH HOH A . 
B 2 HOH 112 514 510 HOH HOH A . 
B 2 HOH 113 515 520 HOH HOH A . 
B 2 HOH 114 516 521 HOH HOH A . 
B 2 HOH 115 517 527 HOH HOH A . 
B 2 HOH 116 518 522 HOH HOH A . 
B 2 HOH 117 519 525 HOH HOH A . 
B 2 HOH 118 520 526 HOH HOH A . 
B 2 HOH 119 521 523 HOH HOH A . 
B 2 HOH 120 522 533 HOH HOH A . 
B 2 HOH 121 523 524 HOH HOH A . 
B 2 HOH 122 524 531 HOH HOH A . 
B 2 HOH 123 525 529 HOH HOH A . 
B 2 HOH 124 527 534 HOH HOH A . 
B 2 HOH 125 528 532 HOH HOH A . 
B 2 HOH 126 529 537 HOH HOH A . 
B 2 HOH 127 530 536 HOH HOH A . 
B 2 HOH 128 531 535 HOH HOH A . 
B 2 HOH 129 532 538 HOH HOH A . 
B 2 HOH 130 533 539 HOH HOH A . 
B 2 HOH 131 534 541 HOH HOH A . 
B 2 HOH 132 535 540 HOH HOH A . 
B 2 HOH 133 536 543 HOH HOH A . 
B 2 HOH 134 537 542 HOH HOH A . 
B 2 HOH 135 538 545 HOH HOH A . 
# 
loop_
_software.citation_id 
_software.classification 
_software.compiler_name 
_software.compiler_version 
_software.contact_author 
_software.contact_author_email 
_software.date 
_software.description 
_software.dependencies 
_software.hardware 
_software.language 
_software.location 
_software.mods 
_software.name 
_software.os 
_software.os_version 
_software.type 
_software.version 
_software.pdbx_ordinal 
? refinement       ? ? ? ? ? ? ? ? ? ? ? PHENIX     ? ? ? 1.15.2_3472 1 
? 'data reduction' ? ? ? ? ? ? ? ? ? ? ? XDS        ? ? ? .           2 
? 'data scaling'   ? ? ? ? ? ? ? ? ? ? ? Aimless    ? ? ? .           3 
? phasing          ? ? ? ? ? ? ? ? ? ? ? Arcimboldo ? ? ? .           4 
# 
_cell.angle_alpha                  90.000 
_cell.angle_alpha_esd              ? 
_cell.angle_beta                   90.000 
_cell.angle_beta_esd               ? 
_cell.angle_gamma                  90.000 
_cell.angle_gamma_esd              ? 
_cell.entry_id                     6I05 
_cell.details                      ? 
_cell.formula_units_Z              ? 
_cell.length_a                     67.588 
_cell.length_a_esd                 ? 
_cell.length_b                     68.765 
_cell.length_b_esd                 ? 
_cell.length_c                     38.772 
_cell.length_c_esd                 ? 
_cell.volume                       180200.191 
_cell.volume_esd                   ? 
_cell.Z_PDB                        8 
_cell.reciprocal_angle_alpha       ? 
_cell.reciprocal_angle_beta        ? 
_cell.reciprocal_angle_gamma       ? 
_cell.reciprocal_angle_alpha_esd   ? 
_cell.reciprocal_angle_beta_esd    ? 
_cell.reciprocal_angle_gamma_esd   ? 
_cell.reciprocal_length_a          ? 
_cell.reciprocal_length_b          ? 
_cell.reciprocal_length_c          ? 
_cell.reciprocal_length_a_esd      ? 
_cell.reciprocal_length_b_esd      ? 
_cell.reciprocal_length_c_esd      ? 
_cell.pdbx_unique_axis             ? 
# 
_symmetry.entry_id                         6I05 
_symmetry.cell_setting                     ? 
_symmetry.Int_Tables_number                20 
_symmetry.space_group_name_Hall            'C 2c 2' 
_symmetry.space_group_name_H-M             'C 2 2 21' 
_symmetry.pdbx_full_space_group_name_H-M   ? 
# 
_exptl.absorpt_coefficient_mu     ? 
_exptl.absorpt_correction_T_max   ? 
_exptl.absorpt_correction_T_min   ? 
_exptl.absorpt_correction_type    ? 
_exptl.absorpt_process_details    ? 
_exptl.entry_id                   6I05 
_exptl.crystals_number            1 
_exptl.details                    ? 
_exptl.method                     'X-RAY DIFFRACTION' 
_exptl.method_details             ? 
# 
_exptl_crystal.colour                      ? 
_exptl_crystal.density_diffrn              ? 
_exptl_crystal.density_Matthews            2.70 
_exptl_crystal.density_method              ? 
_exptl_crystal.density_percent_sol         54.43 
_exptl_crystal.description                 ? 
_exptl_crystal.F_000                       ? 
_exptl_crystal.id                          1 
_exptl_crystal.preparation                 ? 
_exptl_crystal.size_max                    ? 
_exptl_crystal.size_mid                    ? 
_exptl_crystal.size_min                    ? 
_exptl_crystal.size_rad                    ? 
_exptl_crystal.colour_lustre               ? 
_exptl_crystal.colour_modifier             ? 
_exptl_crystal.colour_primary              ? 
_exptl_crystal.density_meas                ? 
_exptl_crystal.density_meas_esd            ? 
_exptl_crystal.density_meas_gt             ? 
_exptl_crystal.density_meas_lt             ? 
_exptl_crystal.density_meas_temp           ? 
_exptl_crystal.density_meas_temp_esd       ? 
_exptl_crystal.density_meas_temp_gt        ? 
_exptl_crystal.density_meas_temp_lt        ? 
_exptl_crystal.pdbx_crystal_image_url      ? 
_exptl_crystal.pdbx_crystal_image_format   ? 
_exptl_crystal.pdbx_mosaicity              ? 
_exptl_crystal.pdbx_mosaicity_esd          ? 
# 
_exptl_crystal_grow.apparatus       ? 
_exptl_crystal_grow.atmosphere      ? 
_exptl_crystal_grow.crystal_id      1 
_exptl_crystal_grow.details         ? 
_exptl_crystal_grow.method          'VAPOR DIFFUSION, SITTING DROP' 
_exptl_crystal_grow.method_ref      ? 
_exptl_crystal_grow.pH              ? 
_exptl_crystal_grow.pressure        ? 
_exptl_crystal_grow.pressure_esd    ? 
_exptl_crystal_grow.seeding         ? 
_exptl_crystal_grow.seeding_ref     ? 
_exptl_crystal_grow.temp            291 
_exptl_crystal_grow.temp_details    ? 
_exptl_crystal_grow.temp_esd        ? 
_exptl_crystal_grow.time            ? 
_exptl_crystal_grow.pdbx_details    '0.15 M NaF and 16% (w/v) PEG3350' 
_exptl_crystal_grow.pdbx_pH_range   ? 
# 
_diffrn.ambient_environment              ? 
_diffrn.ambient_temp                     100 
_diffrn.ambient_temp_details             ? 
_diffrn.ambient_temp_esd                 ? 
_diffrn.crystal_id                       1 
_diffrn.crystal_support                  ? 
_diffrn.crystal_treatment                ? 
_diffrn.details                          ? 
_diffrn.id                               1 
_diffrn.ambient_pressure                 ? 
_diffrn.ambient_pressure_esd             ? 
_diffrn.ambient_pressure_gt              ? 
_diffrn.ambient_pressure_lt              ? 
_diffrn.ambient_temp_gt                  ? 
_diffrn.ambient_temp_lt                  ? 
_diffrn.pdbx_serial_crystal_experiment   N 
# 
_diffrn_detector.details                      ? 
_diffrn_detector.detector                     PIXEL 
_diffrn_detector.diffrn_id                    1 
_diffrn_detector.type                         'DECTRIS PILATUS3 S 6M' 
_diffrn_detector.area_resol_mean              ? 
_diffrn_detector.dtime                        ? 
_diffrn_detector.pdbx_frames_total            ? 
_diffrn_detector.pdbx_collection_time_total   ? 
_diffrn_detector.pdbx_collection_date         2016-10-03 
_diffrn_detector.pdbx_frequency               ? 
# 
_diffrn_radiation.collimation                      ? 
_diffrn_radiation.diffrn_id                        1 
_diffrn_radiation.filter_edge                      ? 
_diffrn_radiation.inhomogeneity                    ? 
_diffrn_radiation.monochromator                    ? 
_diffrn_radiation.polarisn_norm                    ? 
_diffrn_radiation.polarisn_ratio                   ? 
_diffrn_radiation.probe                            ? 
_diffrn_radiation.type                             ? 
_diffrn_radiation.xray_symbol                      ? 
_diffrn_radiation.wavelength_id                    1 
_diffrn_radiation.pdbx_monochromatic_or_laue_m_l   M 
_diffrn_radiation.pdbx_wavelength_list             ? 
_diffrn_radiation.pdbx_wavelength                  ? 
_diffrn_radiation.pdbx_diffrn_protocol             'SINGLE WAVELENGTH' 
_diffrn_radiation.pdbx_analyzer                    ? 
_diffrn_radiation.pdbx_scattering_type             x-ray 
# 
_diffrn_radiation_wavelength.id           1 
_diffrn_radiation_wavelength.wavelength   0.99999 
_diffrn_radiation_wavelength.wt           1.0 
# 
_diffrn_source.current                     ? 
_diffrn_source.details                     ? 
_diffrn_source.diffrn_id                   1 
_diffrn_source.power                       ? 
_diffrn_source.size                        ? 
_diffrn_source.source                      SYNCHROTRON 
_diffrn_source.target                      ? 
_diffrn_source.type                        'ALBA BEAMLINE XALOC' 
_diffrn_source.voltage                     ? 
_diffrn_source.take-off_angle              ? 
_diffrn_source.pdbx_wavelength_list        0.99999 
_diffrn_source.pdbx_wavelength             ? 
_diffrn_source.pdbx_synchrotron_beamline   XALOC 
_diffrn_source.pdbx_synchrotron_site       ALBA 
# 
_reflns.B_iso_Wilson_estimate            12.93 
_reflns.entry_id                         6I05 
_reflns.data_reduction_details           ? 
_reflns.data_reduction_method            ? 
_reflns.d_resolution_high                1.21 
_reflns.d_resolution_low                 34.383 
_reflns.details                          ? 
_reflns.limit_h_max                      ? 
_reflns.limit_h_min                      ? 
_reflns.limit_k_max                      ? 
_reflns.limit_k_min                      ? 
_reflns.limit_l_max                      ? 
_reflns.limit_l_min                      ? 
_reflns.number_all                       ? 
_reflns.number_obs                       24714 
_reflns.observed_criterion               ? 
_reflns.observed_criterion_F_max         ? 
_reflns.observed_criterion_F_min         ? 
_reflns.observed_criterion_I_max         ? 
_reflns.observed_criterion_I_min         ? 
_reflns.observed_criterion_sigma_F       ? 
_reflns.observed_criterion_sigma_I       ? 
_reflns.percent_possible_obs             89.11 
_reflns.R_free_details                   ? 
_reflns.Rmerge_F_all                     ? 
_reflns.Rmerge_F_obs                     ? 
_reflns.Friedel_coverage                 ? 
_reflns.number_gt                        ? 
_reflns.threshold_expression             ? 
_reflns.pdbx_redundancy                  3.0 
_reflns.pdbx_Rmerge_I_obs                0.04 
_reflns.pdbx_Rmerge_I_all                ? 
_reflns.pdbx_Rsym_value                  ? 
_reflns.pdbx_netI_over_av_sigmaI         ? 
_reflns.pdbx_netI_over_sigmaI            16.46 
_reflns.pdbx_res_netI_over_av_sigmaI_2   ? 
_reflns.pdbx_res_netI_over_sigmaI_2      ? 
_reflns.pdbx_chi_squared                 ? 
_reflns.pdbx_scaling_rejects             ? 
_reflns.pdbx_d_res_high_opt              ? 
_reflns.pdbx_d_res_low_opt               ? 
_reflns.pdbx_d_res_opt_method            ? 
_reflns.phase_calculation_details        ? 
_reflns.pdbx_Rrim_I_all                  ? 
_reflns.pdbx_Rpim_I_all                  0.026 
_reflns.pdbx_d_opt                       ? 
_reflns.pdbx_number_measured_all         ? 
_reflns.pdbx_diffrn_id                   1 
_reflns.pdbx_ordinal                     1 
_reflns.pdbx_CC_half                     ? 
_reflns.pdbx_R_split                     ? 
# 
_reflns_shell.d_res_high                  1.21 
_reflns_shell.d_res_low                   1.257 
_reflns_shell.meanI_over_sigI_all         ? 
_reflns_shell.meanI_over_sigI_obs         2.85 
_reflns_shell.number_measured_all         ? 
_reflns_shell.number_measured_obs         ? 
_reflns_shell.number_possible             ? 
_reflns_shell.number_unique_all           ? 
_reflns_shell.number_unique_obs           911 
_reflns_shell.percent_possible_all        ? 
_reflns_shell.percent_possible_obs        ? 
_reflns_shell.Rmerge_F_all                ? 
_reflns_shell.Rmerge_F_obs                ? 
_reflns_shell.Rmerge_I_all                ? 
_reflns_shell.Rmerge_I_obs                0.186 
_reflns_shell.meanI_over_sigI_gt          ? 
_reflns_shell.meanI_over_uI_all           ? 
_reflns_shell.meanI_over_uI_gt            ? 
_reflns_shell.number_measured_gt          ? 
_reflns_shell.number_unique_gt            ? 
_reflns_shell.percent_possible_gt         ? 
_reflns_shell.Rmerge_F_gt                 ? 
_reflns_shell.Rmerge_I_gt                 ? 
_reflns_shell.pdbx_redundancy             ? 
_reflns_shell.pdbx_Rsym_value             ? 
_reflns_shell.pdbx_chi_squared            ? 
_reflns_shell.pdbx_netI_over_sigmaI_all   ? 
_reflns_shell.pdbx_netI_over_sigmaI_obs   ? 
_reflns_shell.pdbx_Rrim_I_all             ? 
_reflns_shell.pdbx_Rpim_I_all             ? 
_reflns_shell.pdbx_rejects                ? 
_reflns_shell.pdbx_ordinal                1 
_reflns_shell.pdbx_diffrn_id              1 
_reflns_shell.pdbx_CC_half                ? 
_reflns_shell.pdbx_R_split                ? 
# 
_refine.aniso_B[1][1]                            ? 
_refine.aniso_B[1][2]                            ? 
_refine.aniso_B[1][3]                            ? 
_refine.aniso_B[2][2]                            ? 
_refine.aniso_B[2][3]                            ? 
_refine.aniso_B[3][3]                            ? 
_refine.B_iso_max                                ? 
_refine.B_iso_mean                               20.68 
_refine.B_iso_min                                ? 
_refine.correlation_coeff_Fo_to_Fc               ? 
_refine.correlation_coeff_Fo_to_Fc_free          ? 
_refine.details                                  ? 
_refine.diff_density_max                         ? 
_refine.diff_density_max_esd                     ? 
_refine.diff_density_min                         ? 
_refine.diff_density_min_esd                     ? 
_refine.diff_density_rms                         ? 
_refine.diff_density_rms_esd                     ? 
_refine.entry_id                                 6I05 
_refine.pdbx_refine_id                           'X-RAY DIFFRACTION' 
_refine.ls_abs_structure_details                 ? 
_refine.ls_abs_structure_Flack                   ? 
_refine.ls_abs_structure_Flack_esd               ? 
_refine.ls_abs_structure_Rogers                  ? 
_refine.ls_abs_structure_Rogers_esd              ? 
_refine.ls_d_res_high                            1.213 
_refine.ls_d_res_low                             34.38 
_refine.ls_extinction_coef                       ? 
_refine.ls_extinction_coef_esd                   ? 
_refine.ls_extinction_expression                 ? 
_refine.ls_extinction_method                     ? 
_refine.ls_goodness_of_fit_all                   ? 
_refine.ls_goodness_of_fit_all_esd               ? 
_refine.ls_goodness_of_fit_obs                   ? 
_refine.ls_goodness_of_fit_obs_esd               ? 
_refine.ls_hydrogen_treatment                    ? 
_refine.ls_matrix_type                           ? 
_refine.ls_number_constraints                    ? 
_refine.ls_number_parameters                     ? 
_refine.ls_number_reflns_all                     ? 
_refine.ls_number_reflns_obs                     24712 
_refine.ls_number_reflns_R_free                  3557 
_refine.ls_number_reflns_R_work                  ? 
_refine.ls_number_restraints                     ? 
_refine.ls_percent_reflns_obs                    82.22 
_refine.ls_percent_reflns_R_free                 8.17 
_refine.ls_R_factor_all                          ? 
_refine.ls_R_factor_obs                          0.1545 
_refine.ls_R_factor_R_free                       0.1712 
_refine.ls_R_factor_R_free_error                 ? 
_refine.ls_R_factor_R_free_error_details         ? 
_refine.ls_R_factor_R_work                       0.1529 
_refine.ls_R_Fsqd_factor_obs                     ? 
_refine.ls_R_I_factor_obs                        ? 
_refine.ls_redundancy_reflns_all                 ? 
_refine.ls_redundancy_reflns_obs                 ? 
_refine.ls_restrained_S_all                      ? 
_refine.ls_restrained_S_obs                      ? 
_refine.ls_shift_over_esd_max                    ? 
_refine.ls_shift_over_esd_mean                   ? 
_refine.ls_structure_factor_coef                 ? 
_refine.ls_weighting_details                     ? 
_refine.ls_weighting_scheme                      ? 
_refine.ls_wR_factor_all                         ? 
_refine.ls_wR_factor_obs                         ? 
_refine.ls_wR_factor_R_free                      ? 
_refine.ls_wR_factor_R_work                      ? 
_refine.occupancy_max                            ? 
_refine.occupancy_min                            ? 
_refine.solvent_model_details                    ? 
_refine.solvent_model_param_bsol                 ? 
_refine.solvent_model_param_ksol                 ? 
_refine.ls_R_factor_gt                           ? 
_refine.ls_goodness_of_fit_gt                    ? 
_refine.ls_goodness_of_fit_ref                   ? 
_refine.ls_shift_over_su_max                     ? 
_refine.ls_shift_over_su_max_lt                  ? 
_refine.ls_shift_over_su_mean                    ? 
_refine.ls_shift_over_su_mean_lt                 ? 
_refine.pdbx_ls_sigma_I                          ? 
_refine.pdbx_ls_sigma_F                          1.37 
_refine.pdbx_ls_sigma_Fsqd                       ? 
_refine.pdbx_data_cutoff_high_absF               ? 
_refine.pdbx_data_cutoff_high_rms_absF           ? 
_refine.pdbx_data_cutoff_low_absF                ? 
_refine.pdbx_isotropic_thermal_model             ? 
_refine.pdbx_ls_cross_valid_method               'FREE R-VALUE' 
_refine.pdbx_method_to_determine_struct          'AB INITIO PHASING' 
_refine.pdbx_starting_model                      ? 
_refine.pdbx_stereochemistry_target_values       ? 
_refine.pdbx_R_Free_selection_details            ? 
_refine.pdbx_stereochem_target_val_spec_case     ? 
_refine.pdbx_overall_ESU_R                       ? 
_refine.pdbx_overall_ESU_R_Free                  ? 
_refine.pdbx_solvent_vdw_probe_radii             1.1100 
_refine.pdbx_solvent_ion_probe_radii             ? 
_refine.pdbx_solvent_shrinkage_radii             0.9000 
_refine.pdbx_real_space_R                        ? 
_refine.pdbx_density_correlation                 ? 
_refine.pdbx_pd_number_of_powder_patterns        ? 
_refine.pdbx_pd_number_of_points                 ? 
_refine.pdbx_pd_meas_number_of_points            ? 
_refine.pdbx_pd_proc_ls_prof_R_factor            ? 
_refine.pdbx_pd_proc_ls_prof_wR_factor           ? 
_refine.pdbx_pd_Marquardt_correlation_coeff      ? 
_refine.pdbx_pd_Fsqrd_R_factor                   ? 
_refine.pdbx_pd_ls_matrix_band_width             ? 
_refine.pdbx_overall_phase_error                 17.8247 
_refine.pdbx_overall_SU_R_free_Cruickshank_DPI   ? 
_refine.pdbx_overall_SU_R_free_Blow_DPI          ? 
_refine.pdbx_overall_SU_R_Blow_DPI               ? 
_refine.pdbx_TLS_residual_ADP_flag               ? 
_refine.pdbx_diffrn_id                           1 
_refine.overall_SU_B                             ? 
_refine.overall_SU_ML                            0.0902 
_refine.overall_SU_R_Cruickshank_DPI             ? 
_refine.overall_SU_R_free                        ? 
_refine.overall_FOM_free_R_set                   ? 
_refine.overall_FOM_work_R_set                   ? 
_refine.pdbx_average_fsc_overall                 ? 
_refine.pdbx_average_fsc_work                    ? 
_refine.pdbx_average_fsc_free                    ? 
# 
_refine_hist.pdbx_refine_id                   'X-RAY DIFFRACTION' 
_refine_hist.cycle_id                         LAST 
_refine_hist.details                          ? 
_refine_hist.d_res_high                       1.213 
_refine_hist.d_res_low                        34.38 
_refine_hist.number_atoms_solvent             141 
_refine_hist.number_atoms_total               708 
_refine_hist.number_reflns_all                ? 
_refine_hist.number_reflns_obs                ? 
_refine_hist.number_reflns_R_free             ? 
_refine_hist.number_reflns_R_work             ? 
_refine_hist.R_factor_all                     ? 
_refine_hist.R_factor_obs                     ? 
_refine_hist.R_factor_R_free                  ? 
_refine_hist.R_factor_R_work                  ? 
_refine_hist.pdbx_number_residues_total       ? 
_refine_hist.pdbx_B_iso_mean_ligand           ? 
_refine_hist.pdbx_B_iso_mean_solvent          ? 
_refine_hist.pdbx_number_atoms_protein        567 
_refine_hist.pdbx_number_atoms_nucleic_acid   0 
_refine_hist.pdbx_number_atoms_ligand         0 
_refine_hist.pdbx_number_atoms_lipid          ? 
_refine_hist.pdbx_number_atoms_carb           ? 
_refine_hist.pdbx_pseudo_atom_details         ? 
# 
loop_
_refine_ls_restr.pdbx_refine_id 
_refine_ls_restr.criterion 
_refine_ls_restr.dev_ideal 
_refine_ls_restr.dev_ideal_target 
_refine_ls_restr.number 
_refine_ls_restr.rejects 
_refine_ls_restr.type 
_refine_ls_restr.weight 
_refine_ls_restr.pdbx_restraint_function 
'X-RAY DIFFRACTION' ? 0.0046 ? 599 ? f_bond_d           ? ? 
'X-RAY DIFFRACTION' ? 0.7812 ? 823 ? f_angle_d          ? ? 
'X-RAY DIFFRACTION' ? 0.0714 ? 101 ? f_chiral_restr     ? ? 
'X-RAY DIFFRACTION' ? 0.0041 ? 109 ? f_plane_restr      ? ? 
'X-RAY DIFFRACTION' ? 8.4456 ? 483 ? f_dihedral_angle_d ? ? 
# 
loop_
_refine_ls_shell.pdbx_refine_id 
_refine_ls_shell.d_res_high 
_refine_ls_shell.d_res_low 
_refine_ls_shell.number_reflns_all 
_refine_ls_shell.number_reflns_obs 
_refine_ls_shell.number_reflns_R_free 
_refine_ls_shell.number_reflns_R_work 
_refine_ls_shell.percent_reflns_obs 
_refine_ls_shell.percent_reflns_R_free 
_refine_ls_shell.R_factor_all 
_refine_ls_shell.R_factor_obs 
_refine_ls_shell.R_factor_R_free 
_refine_ls_shell.R_factor_R_free_error 
_refine_ls_shell.R_factor_R_work 
_refine_ls_shell.redundancy_reflns_all 
_refine_ls_shell.redundancy_reflns_obs 
_refine_ls_shell.wR_factor_all 
_refine_ls_shell.wR_factor_obs 
_refine_ls_shell.wR_factor_R_free 
_refine_ls_shell.wR_factor_R_work 
_refine_ls_shell.pdbx_total_number_of_bins_used 
_refine_ls_shell.pdbx_phase_error 
_refine_ls_shell.pdbx_fsc_work 
_refine_ls_shell.pdbx_fsc_free 
'X-RAY DIFFRACTION' 1.213 1.23  . . 14  190  10.00 . . . 0.2575 . 0.2198 . . . . . . . . . . 
'X-RAY DIFFRACTION' 1.23  1.25  . . 45  488  24.73 . . . 0.2439 . 0.2004 . . . . . . . . . . 
'X-RAY DIFFRACTION' 1.25  1.27  . . 70  739  38.32 . . . 0.2222 . 0.1887 . . . . . . . . . . 
'X-RAY DIFFRACTION' 1.27  1.29  . . 90  1099 56.32 . . . 0.2513 . 0.1827 . . . . . . . . . . 
'X-RAY DIFFRACTION' 1.29  1.31  . . 130 1312 68.73 . . . 0.2086 . 0.1736 . . . . . . . . . . 
'X-RAY DIFFRACTION' 1.31  1.33  . . 123 1501 76.24 . . . 0.1910 . 0.1575 . . . . . . . . . . 
'X-RAY DIFFRACTION' 1.33  1.35  . . 136 1664 85.55 . . . 0.1840 . 0.1484 . . . . . . . . . . 
'X-RAY DIFFRACTION' 1.35  1.38  . . 154 1777 89.98 . . . 0.1615 . 0.1490 . . . . . . . . . . 
'X-RAY DIFFRACTION' 1.38  1.41  . . 155 1809 92.16 . . . 0.1696 . 0.1482 . . . . . . . . . . 
'X-RAY DIFFRACTION' 1.41  1.44  . . 169 1793 92.46 . . . 0.1715 . 0.1433 . . . . . . . . . . 
'X-RAY DIFFRACTION' 1.44  1.47  . . 167 1784 93.71 . . . 0.1671 . 0.1447 . . . . . . . . . . 
'X-RAY DIFFRACTION' 1.47  1.51  . . 168 1859 94.76 . . . 0.1625 . 0.1435 . . . . . . . . . . 
'X-RAY DIFFRACTION' 1.51  1.55  . . 176 1848 94.49 . . . 0.1481 . 0.1340 . . . . . . . . . . 
'X-RAY DIFFRACTION' 1.55  1.59  . . 158 1769 92.38 . . . 0.1929 . 0.1311 . . . . . . . . . . 
'X-RAY DIFFRACTION' 1.59  1.65  . . 151 1861 95.31 . . . 0.1775 . 0.1430 . . . . . . . . . . 
'X-RAY DIFFRACTION' 1.65  1.70  . . 158 1868 96.52 . . . 0.1815 . 0.1430 . . . . . . . . . . 
'X-RAY DIFFRACTION' 1.70  1.77  . . 168 1903 96.64 . . . 0.2026 . 0.1509 . . . . . . . . . . 
'X-RAY DIFFRACTION' 1.77  1.85  . . 166 1871 96.27 . . . 0.1751 . 0.1520 . . . . . . . . . . 
'X-RAY DIFFRACTION' 1.85  1.95  . . 159 1836 94.46 . . . 0.1801 . 0.1431 . . . . . . . . . . 
'X-RAY DIFFRACTION' 1.95  2.07  . . 161 1843 94.39 . . . 0.1826 . 0.1459 . . . . . . . . . . 
'X-RAY DIFFRACTION' 2.07  2.23  . . 161 1778 91.98 . . . 0.1538 . 0.1479 . . . . . . . . . . 
'X-RAY DIFFRACTION' 2.23  2.46  . . 174 1870 96.51 . . . 0.1603 . 0.1520 . . . . . . . . . . 
'X-RAY DIFFRACTION' 2.46  2.81  . . 165 1900 96.59 . . . 0.1627 . 0.1683 . . . . . . . . . . 
'X-RAY DIFFRACTION' 2.81  3.54  . . 172 1816 94.58 . . . 0.1632 . 0.1576 . . . . . . . . . . 
'X-RAY DIFFRACTION' 3.54  34.38 . . 167 1779 91.32 . . . 0.1726 . 0.1577 . . . . . . . . . . 
# 
_struct.entry_id                     6I05 
_struct.title                        'Crystal structure of RlpA SPOR domain from Pseudomonas aeruginosa' 
_struct.pdbx_model_details           ? 
_struct.pdbx_formula_weight          ? 
_struct.pdbx_formula_weight_method   ? 
_struct.pdbx_model_type_details      ? 
_struct.pdbx_CASP_flag               N 
# 
_struct_keywords.entry_id        6I05 
_struct_keywords.text            
'Lytic transglycosylase, septum, SPOR domain, cell division, divisome, murein, denuded glycan, CELL CYCLE' 
_struct_keywords.pdbx_keywords   'CELL CYCLE' 
# 
loop_
_struct_asym.id 
_struct_asym.pdbx_blank_PDB_chainid_flag 
_struct_asym.pdbx_modified 
_struct_asym.entity_id 
_struct_asym.details 
A N N 1 ? 
B N N 2 ? 
# 
_struct_ref.id                         1 
_struct_ref.db_name                    UNP 
_struct_ref.db_code                    A0A0A8RDC6_PSEAI 
_struct_ref.pdbx_db_accession          A0A0A8RDC6 
_struct_ref.pdbx_db_isoform            ? 
_struct_ref.entity_id                  1 
_struct_ref.pdbx_seq_one_letter_code   ADGLYLQVGAFANPDAAELLKAKLSGVTAAPVFISSVVRNQQILHRVRLGPIGSADEVSRTQDSIRVANLGQPTLVRPD 
_struct_ref.pdbx_align_begin           264 
# 
_struct_ref_seq.align_id                      1 
_struct_ref_seq.ref_id                        1 
_struct_ref_seq.pdbx_PDB_id_code              6I05 
_struct_ref_seq.pdbx_strand_id                A 
_struct_ref_seq.seq_align_beg                 1 
_struct_ref_seq.pdbx_seq_align_beg_ins_code   ? 
_struct_ref_seq.seq_align_end                 79 
_struct_ref_seq.pdbx_seq_align_end_ins_code   ? 
_struct_ref_seq.pdbx_db_accession             A0A0A8RDC6 
_struct_ref_seq.db_align_beg                  264 
_struct_ref_seq.pdbx_db_align_beg_ins_code    ? 
_struct_ref_seq.db_align_end                  342 
_struct_ref_seq.pdbx_db_align_end_ins_code    ? 
_struct_ref_seq.pdbx_auth_seq_align_beg       264 
_struct_ref_seq.pdbx_auth_seq_align_end       342 
# 
_pdbx_struct_assembly.id                   1 
_pdbx_struct_assembly.details              author_and_software_defined_assembly 
_pdbx_struct_assembly.method_details       PISA 
_pdbx_struct_assembly.oligomeric_details   monomeric 
_pdbx_struct_assembly.oligomeric_count     1 
# 
loop_
_pdbx_struct_assembly_prop.biol_id 
_pdbx_struct_assembly_prop.type 
_pdbx_struct_assembly_prop.value 
_pdbx_struct_assembly_prop.details 
1 'ABSA (A^2)' 0    ? 
1 MORE         0    ? 
1 'SSA (A^2)'  4690 ? 
# 
_pdbx_struct_assembly_gen.assembly_id       1 
_pdbx_struct_assembly_gen.oper_expression   1 
_pdbx_struct_assembly_gen.asym_id_list      A,B 
# 
_pdbx_struct_assembly_auth_evidence.id                     1 
_pdbx_struct_assembly_auth_evidence.assembly_id            1 
_pdbx_struct_assembly_auth_evidence.experimental_support   none 
_pdbx_struct_assembly_auth_evidence.details                ? 
# 
_pdbx_struct_oper_list.id                   1 
_pdbx_struct_oper_list.type                 'identity operation' 
_pdbx_struct_oper_list.name                 1_555 
_pdbx_struct_oper_list.symmetry_operation   x,y,z 
_pdbx_struct_oper_list.matrix[1][1]         1.0000000000 
_pdbx_struct_oper_list.matrix[1][2]         0.0000000000 
_pdbx_struct_oper_list.matrix[1][3]         0.0000000000 
_pdbx_struct_oper_list.vector[1]            0.0000000000 
_pdbx_struct_oper_list.matrix[2][1]         0.0000000000 
_pdbx_struct_oper_list.matrix[2][2]         1.0000000000 
_pdbx_struct_oper_list.matrix[2][3]         0.0000000000 
_pdbx_struct_oper_list.vector[2]            0.0000000000 
_pdbx_struct_oper_list.matrix[3][1]         0.0000000000 
_pdbx_struct_oper_list.matrix[3][2]         0.0000000000 
_pdbx_struct_oper_list.matrix[3][3]         1.0000000000 
_pdbx_struct_oper_list.vector[3]            0.0000000000 
# 
loop_
_struct_conf.conf_type_id 
_struct_conf.id 
_struct_conf.pdbx_PDB_helix_id 
_struct_conf.beg_label_comp_id 
_struct_conf.beg_label_asym_id 
_struct_conf.beg_label_seq_id 
_struct_conf.pdbx_beg_PDB_ins_code 
_struct_conf.end_label_comp_id 
_struct_conf.end_label_asym_id 
_struct_conf.end_label_seq_id 
_struct_conf.pdbx_end_PDB_ins_code 
_struct_conf.beg_auth_comp_id 
_struct_conf.beg_auth_asym_id 
_struct_conf.beg_auth_seq_id 
_struct_conf.end_auth_comp_id 
_struct_conf.end_auth_asym_id 
_struct_conf.end_auth_seq_id 
_struct_conf.pdbx_PDB_helix_class 
_struct_conf.details 
_struct_conf.pdbx_PDB_helix_length 
HELX_P HELX_P1 AA1 ASN A 13 ? GLY A 26 ? ASN A 276 GLY A 289 1 ? 14 
HELX_P HELX_P2 AA2 SER A 54 ? ALA A 68 ? SER A 317 ALA A 331 1 ? 15 
# 
_struct_conf_type.id          HELX_P 
_struct_conf_type.criteria    ? 
_struct_conf_type.reference   ? 
# 
_struct_mon_prot_cis.pdbx_id                1 
_struct_mon_prot_cis.label_comp_id          GLY 
_struct_mon_prot_cis.label_seq_id           50 
_struct_mon_prot_cis.label_asym_id          A 
_struct_mon_prot_cis.label_alt_id           . 
_struct_mon_prot_cis.pdbx_PDB_ins_code      ? 
_struct_mon_prot_cis.auth_comp_id           GLY 
_struct_mon_prot_cis.auth_seq_id            313 
_struct_mon_prot_cis.auth_asym_id           A 
_struct_mon_prot_cis.pdbx_label_comp_id_2   PRO 
_struct_mon_prot_cis.pdbx_label_seq_id_2    51 
_struct_mon_prot_cis.pdbx_label_asym_id_2   A 
_struct_mon_prot_cis.pdbx_PDB_ins_code_2    ? 
_struct_mon_prot_cis.pdbx_auth_comp_id_2    PRO 
_struct_mon_prot_cis.pdbx_auth_seq_id_2     314 
_struct_mon_prot_cis.pdbx_auth_asym_id_2    A 
_struct_mon_prot_cis.pdbx_PDB_model_num     1 
_struct_mon_prot_cis.pdbx_omega_angle       7.77 
# 
_struct_sheet.id               AA1 
_struct_sheet.type             ? 
_struct_sheet.number_strands   4 
_struct_sheet.details          ? 
# 
loop_
_struct_sheet_order.sheet_id 
_struct_sheet_order.range_id_1 
_struct_sheet_order.range_id_2 
_struct_sheet_order.offset 
_struct_sheet_order.sense 
AA1 1 2 ? anti-parallel 
AA1 2 3 ? anti-parallel 
AA1 3 4 ? anti-parallel 
# 
loop_
_struct_sheet_range.sheet_id 
_struct_sheet_range.id 
_struct_sheet_range.beg_label_comp_id 
_struct_sheet_range.beg_label_asym_id 
_struct_sheet_range.beg_label_seq_id 
_struct_sheet_range.pdbx_beg_PDB_ins_code 
_struct_sheet_range.end_label_comp_id 
_struct_sheet_range.end_label_asym_id 
_struct_sheet_range.end_label_seq_id 
_struct_sheet_range.pdbx_end_PDB_ins_code 
_struct_sheet_range.beg_auth_comp_id 
_struct_sheet_range.beg_auth_asym_id 
_struct_sheet_range.beg_auth_seq_id 
_struct_sheet_range.end_auth_comp_id 
_struct_sheet_range.end_auth_asym_id 
_struct_sheet_range.end_auth_seq_id 
AA1 1 VAL A 32 ? ARG A 39 ? VAL A 295 ARG A 302 
AA1 2 GLN A 42 ? ILE A 52 ? GLN A 305 ILE A 315 
AA1 3 LEU A 4  ? PHE A 11 ? LEU A 267 PHE A 274 
AA1 4 THR A 74 ? VAL A 76 ? THR A 337 VAL A 339 
# 
loop_
_pdbx_struct_sheet_hbond.sheet_id 
_pdbx_struct_sheet_hbond.range_id_1 
_pdbx_struct_sheet_hbond.range_id_2 
_pdbx_struct_sheet_hbond.range_1_label_atom_id 
_pdbx_struct_sheet_hbond.range_1_label_comp_id 
_pdbx_struct_sheet_hbond.range_1_label_asym_id 
_pdbx_struct_sheet_hbond.range_1_label_seq_id 
_pdbx_struct_sheet_hbond.range_1_PDB_ins_code 
_pdbx_struct_sheet_hbond.range_1_auth_atom_id 
_pdbx_struct_sheet_hbond.range_1_auth_comp_id 
_pdbx_struct_sheet_hbond.range_1_auth_asym_id 
_pdbx_struct_sheet_hbond.range_1_auth_seq_id 
_pdbx_struct_sheet_hbond.range_2_label_atom_id 
_pdbx_struct_sheet_hbond.range_2_label_comp_id 
_pdbx_struct_sheet_hbond.range_2_label_asym_id 
_pdbx_struct_sheet_hbond.range_2_label_seq_id 
_pdbx_struct_sheet_hbond.range_2_PDB_ins_code 
_pdbx_struct_sheet_hbond.range_2_auth_atom_id 
_pdbx_struct_sheet_hbond.range_2_auth_comp_id 
_pdbx_struct_sheet_hbond.range_2_auth_asym_id 
_pdbx_struct_sheet_hbond.range_2_auth_seq_id 
AA1 1 2 N VAL A 37 ? N VAL A 300 O LEU A 44 ? O LEU A 307 
AA1 2 3 O ILE A 52 ? O ILE A 315 N LEU A 4  ? N LEU A 267 
AA1 3 4 N GLN A 7  ? N GLN A 270 O THR A 74 ? O THR A 337 
# 
loop_
_pdbx_struct_special_symmetry.id 
_pdbx_struct_special_symmetry.PDB_model_num 
_pdbx_struct_special_symmetry.auth_asym_id 
_pdbx_struct_special_symmetry.auth_comp_id 
_pdbx_struct_special_symmetry.auth_seq_id 
_pdbx_struct_special_symmetry.PDB_ins_code 
_pdbx_struct_special_symmetry.label_asym_id 
_pdbx_struct_special_symmetry.label_comp_id 
_pdbx_struct_special_symmetry.label_seq_id 
1 1 A HOH 429 ? B HOH . 
2 1 A HOH 538 ? B HOH . 
# 
loop_
_pdbx_unobs_or_zero_occ_residues.id 
_pdbx_unobs_or_zero_occ_residues.PDB_model_num 
_pdbx_unobs_or_zero_occ_residues.polymer_flag 
_pdbx_unobs_or_zero_occ_residues.occupancy_flag 
_pdbx_unobs_or_zero_occ_residues.auth_asym_id 
_pdbx_unobs_or_zero_occ_residues.auth_comp_id 
_pdbx_unobs_or_zero_occ_residues.auth_seq_id 
_pdbx_unobs_or_zero_occ_residues.PDB_ins_code 
_pdbx_unobs_or_zero_occ_residues.label_asym_id 
_pdbx_unobs_or_zero_occ_residues.label_comp_id 
_pdbx_unobs_or_zero_occ_residues.label_seq_id 
1 1 Y 1 A ALA 264 ? A ALA 1  
2 1 Y 1 A ASP 265 ? A ASP 2  
3 1 Y 1 A ASP 342 ? A ASP 79 
# 
loop_
_chem_comp_atom.comp_id 
_chem_comp_atom.atom_id 
_chem_comp_atom.type_symbol 
_chem_comp_atom.pdbx_aromatic_flag 
_chem_comp_atom.pdbx_stereo_config 
_chem_comp_atom.pdbx_ordinal 
ALA N    N N N 1   
ALA CA   C N S 2   
ALA C    C N N 3   
ALA O    O N N 4   
ALA CB   C N N 5   
ALA OXT  O N N 6   
ALA H    H N N 7   
ALA H2   H N N 8   
ALA HA   H N N 9   
ALA HB1  H N N 10  
ALA HB2  H N N 11  
ALA HB3  H N N 12  
ALA HXT  H N N 13  
ARG N    N N N 14  
ARG CA   C N S 15  
ARG C    C N N 16  
ARG O    O N N 17  
ARG CB   C N N 18  
ARG CG   C N N 19  
ARG CD   C N N 20  
ARG NE   N N N 21  
ARG CZ   C N N 22  
ARG NH1  N N N 23  
ARG NH2  N N N 24  
ARG OXT  O N N 25  
ARG H    H N N 26  
ARG H2   H N N 27  
ARG HA   H N N 28  
ARG HB2  H N N 29  
ARG HB3  H N N 30  
ARG HG2  H N N 31  
ARG HG3  H N N 32  
ARG HD2  H N N 33  
ARG HD3  H N N 34  
ARG HE   H N N 35  
ARG HH11 H N N 36  
ARG HH12 H N N 37  
ARG HH21 H N N 38  
ARG HH22 H N N 39  
ARG HXT  H N N 40  
ASN N    N N N 41  
ASN CA   C N S 42  
ASN C    C N N 43  
ASN O    O N N 44  
ASN CB   C N N 45  
ASN CG   C N N 46  
ASN OD1  O N N 47  
ASN ND2  N N N 48  
ASN OXT  O N N 49  
ASN H    H N N 50  
ASN H2   H N N 51  
ASN HA   H N N 52  
ASN HB2  H N N 53  
ASN HB3  H N N 54  
ASN HD21 H N N 55  
ASN HD22 H N N 56  
ASN HXT  H N N 57  
ASP N    N N N 58  
ASP CA   C N S 59  
ASP C    C N N 60  
ASP O    O N N 61  
ASP CB   C N N 62  
ASP CG   C N N 63  
ASP OD1  O N N 64  
ASP OD2  O N N 65  
ASP OXT  O N N 66  
ASP H    H N N 67  
ASP H2   H N N 68  
ASP HA   H N N 69  
ASP HB2  H N N 70  
ASP HB3  H N N 71  
ASP HD2  H N N 72  
ASP HXT  H N N 73  
GLN N    N N N 74  
GLN CA   C N S 75  
GLN C    C N N 76  
GLN O    O N N 77  
GLN CB   C N N 78  
GLN CG   C N N 79  
GLN CD   C N N 80  
GLN OE1  O N N 81  
GLN NE2  N N N 82  
GLN OXT  O N N 83  
GLN H    H N N 84  
GLN H2   H N N 85  
GLN HA   H N N 86  
GLN HB2  H N N 87  
GLN HB3  H N N 88  
GLN HG2  H N N 89  
GLN HG3  H N N 90  
GLN HE21 H N N 91  
GLN HE22 H N N 92  
GLN HXT  H N N 93  
GLU N    N N N 94  
GLU CA   C N S 95  
GLU C    C N N 96  
GLU O    O N N 97  
GLU CB   C N N 98  
GLU CG   C N N 99  
GLU CD   C N N 100 
GLU OE1  O N N 101 
GLU OE2  O N N 102 
GLU OXT  O N N 103 
GLU H    H N N 104 
GLU H2   H N N 105 
GLU HA   H N N 106 
GLU HB2  H N N 107 
GLU HB3  H N N 108 
GLU HG2  H N N 109 
GLU HG3  H N N 110 
GLU HE2  H N N 111 
GLU HXT  H N N 112 
GLY N    N N N 113 
GLY CA   C N N 114 
GLY C    C N N 115 
GLY O    O N N 116 
GLY OXT  O N N 117 
GLY H    H N N 118 
GLY H2   H N N 119 
GLY HA2  H N N 120 
GLY HA3  H N N 121 
GLY HXT  H N N 122 
HIS N    N N N 123 
HIS CA   C N S 124 
HIS C    C N N 125 
HIS O    O N N 126 
HIS CB   C N N 127 
HIS CG   C Y N 128 
HIS ND1  N Y N 129 
HIS CD2  C Y N 130 
HIS CE1  C Y N 131 
HIS NE2  N Y N 132 
HIS OXT  O N N 133 
HIS H    H N N 134 
HIS H2   H N N 135 
HIS HA   H N N 136 
HIS HB2  H N N 137 
HIS HB3  H N N 138 
HIS HD1  H N N 139 
HIS HD2  H N N 140 
HIS HE1  H N N 141 
HIS HE2  H N N 142 
HIS HXT  H N N 143 
HOH O    O N N 144 
HOH H1   H N N 145 
HOH H2   H N N 146 
ILE N    N N N 147 
ILE CA   C N S 148 
ILE C    C N N 149 
ILE O    O N N 150 
ILE CB   C N S 151 
ILE CG1  C N N 152 
ILE CG2  C N N 153 
ILE CD1  C N N 154 
ILE OXT  O N N 155 
ILE H    H N N 156 
ILE H2   H N N 157 
ILE HA   H N N 158 
ILE HB   H N N 159 
ILE HG12 H N N 160 
ILE HG13 H N N 161 
ILE HG21 H N N 162 
ILE HG22 H N N 163 
ILE HG23 H N N 164 
ILE HD11 H N N 165 
ILE HD12 H N N 166 
ILE HD13 H N N 167 
ILE HXT  H N N 168 
LEU N    N N N 169 
LEU CA   C N S 170 
LEU C    C N N 171 
LEU O    O N N 172 
LEU CB   C N N 173 
LEU CG   C N N 174 
LEU CD1  C N N 175 
LEU CD2  C N N 176 
LEU OXT  O N N 177 
LEU H    H N N 178 
LEU H2   H N N 179 
LEU HA   H N N 180 
LEU HB2  H N N 181 
LEU HB3  H N N 182 
LEU HG   H N N 183 
LEU HD11 H N N 184 
LEU HD12 H N N 185 
LEU HD13 H N N 186 
LEU HD21 H N N 187 
LEU HD22 H N N 188 
LEU HD23 H N N 189 
LEU HXT  H N N 190 
LYS N    N N N 191 
LYS CA   C N S 192 
LYS C    C N N 193 
LYS O    O N N 194 
LYS CB   C N N 195 
LYS CG   C N N 196 
LYS CD   C N N 197 
LYS CE   C N N 198 
LYS NZ   N N N 199 
LYS OXT  O N N 200 
LYS H    H N N 201 
LYS H2   H N N 202 
LYS HA   H N N 203 
LYS HB2  H N N 204 
LYS HB3  H N N 205 
LYS HG2  H N N 206 
LYS HG3  H N N 207 
LYS HD2  H N N 208 
LYS HD3  H N N 209 
LYS HE2  H N N 210 
LYS HE3  H N N 211 
LYS HZ1  H N N 212 
LYS HZ2  H N N 213 
LYS HZ3  H N N 214 
LYS HXT  H N N 215 
PHE N    N N N 216 
PHE CA   C N S 217 
PHE C    C N N 218 
PHE O    O N N 219 
PHE CB   C N N 220 
PHE CG   C Y N 221 
PHE CD1  C Y N 222 
PHE CD2  C Y N 223 
PHE CE1  C Y N 224 
PHE CE2  C Y N 225 
PHE CZ   C Y N 226 
PHE OXT  O N N 227 
PHE H    H N N 228 
PHE H2   H N N 229 
PHE HA   H N N 230 
PHE HB2  H N N 231 
PHE HB3  H N N 232 
PHE HD1  H N N 233 
PHE HD2  H N N 234 
PHE HE1  H N N 235 
PHE HE2  H N N 236 
PHE HZ   H N N 237 
PHE HXT  H N N 238 
PRO N    N N N 239 
PRO CA   C N S 240 
PRO C    C N N 241 
PRO O    O N N 242 
PRO CB   C N N 243 
PRO CG   C N N 244 
PRO CD   C N N 245 
PRO OXT  O N N 246 
PRO H    H N N 247 
PRO HA   H N N 248 
PRO HB2  H N N 249 
PRO HB3  H N N 250 
PRO HG2  H N N 251 
PRO HG3  H N N 252 
PRO HD2  H N N 253 
PRO HD3  H N N 254 
PRO HXT  H N N 255 
SER N    N N N 256 
SER CA   C N S 257 
SER C    C N N 258 
SER O    O N N 259 
SER CB   C N N 260 
SER OG   O N N 261 
SER OXT  O N N 262 
SER H    H N N 263 
SER H2   H N N 264 
SER HA   H N N 265 
SER HB2  H N N 266 
SER HB3  H N N 267 
SER HG   H N N 268 
SER HXT  H N N 269 
THR N    N N N 270 
THR CA   C N S 271 
THR C    C N N 272 
THR O    O N N 273 
THR CB   C N R 274 
THR OG1  O N N 275 
THR CG2  C N N 276 
THR OXT  O N N 277 
THR H    H N N 278 
THR H2   H N N 279 
THR HA   H N N 280 
THR HB   H N N 281 
THR HG1  H N N 282 
THR HG21 H N N 283 
THR HG22 H N N 284 
THR HG23 H N N 285 
THR HXT  H N N 286 
TYR N    N N N 287 
TYR CA   C N S 288 
TYR C    C N N 289 
TYR O    O N N 290 
TYR CB   C N N 291 
TYR CG   C Y N 292 
TYR CD1  C Y N 293 
TYR CD2  C Y N 294 
TYR CE1  C Y N 295 
TYR CE2  C Y N 296 
TYR CZ   C Y N 297 
TYR OH   O N N 298 
TYR OXT  O N N 299 
TYR H    H N N 300 
TYR H2   H N N 301 
TYR HA   H N N 302 
TYR HB2  H N N 303 
TYR HB3  H N N 304 
TYR HD1  H N N 305 
TYR HD2  H N N 306 
TYR HE1  H N N 307 
TYR HE2  H N N 308 
TYR HH   H N N 309 
TYR HXT  H N N 310 
VAL N    N N N 311 
VAL CA   C N S 312 
VAL C    C N N 313 
VAL O    O N N 314 
VAL CB   C N N 315 
VAL CG1  C N N 316 
VAL CG2  C N N 317 
VAL OXT  O N N 318 
VAL H    H N N 319 
VAL H2   H N N 320 
VAL HA   H N N 321 
VAL HB   H N N 322 
VAL HG11 H N N 323 
VAL HG12 H N N 324 
VAL HG13 H N N 325 
VAL HG21 H N N 326 
VAL HG22 H N N 327 
VAL HG23 H N N 328 
VAL HXT  H N N 329 
# 
loop_
_chem_comp_bond.comp_id 
_chem_comp_bond.atom_id_1 
_chem_comp_bond.atom_id_2 
_chem_comp_bond.value_order 
_chem_comp_bond.pdbx_aromatic_flag 
_chem_comp_bond.pdbx_stereo_config 
_chem_comp_bond.pdbx_ordinal 
ALA N   CA   sing N N 1   
ALA N   H    sing N N 2   
ALA N   H2   sing N N 3   
ALA CA  C    sing N N 4   
ALA CA  CB   sing N N 5   
ALA CA  HA   sing N N 6   
ALA C   O    doub N N 7   
ALA C   OXT  sing N N 8   
ALA CB  HB1  sing N N 9   
ALA CB  HB2  sing N N 10  
ALA CB  HB3  sing N N 11  
ALA OXT HXT  sing N N 12  
ARG N   CA   sing N N 13  
ARG N   H    sing N N 14  
ARG N   H2   sing N N 15  
ARG CA  C    sing N N 16  
ARG CA  CB   sing N N 17  
ARG CA  HA   sing N N 18  
ARG C   O    doub N N 19  
ARG C   OXT  sing N N 20  
ARG CB  CG   sing N N 21  
ARG CB  HB2  sing N N 22  
ARG CB  HB3  sing N N 23  
ARG CG  CD   sing N N 24  
ARG CG  HG2  sing N N 25  
ARG CG  HG3  sing N N 26  
ARG CD  NE   sing N N 27  
ARG CD  HD2  sing N N 28  
ARG CD  HD3  sing N N 29  
ARG NE  CZ   sing N N 30  
ARG NE  HE   sing N N 31  
ARG CZ  NH1  sing N N 32  
ARG CZ  NH2  doub N N 33  
ARG NH1 HH11 sing N N 34  
ARG NH1 HH12 sing N N 35  
ARG NH2 HH21 sing N N 36  
ARG NH2 HH22 sing N N 37  
ARG OXT HXT  sing N N 38  
ASN N   CA   sing N N 39  
ASN N   H    sing N N 40  
ASN N   H2   sing N N 41  
ASN CA  C    sing N N 42  
ASN CA  CB   sing N N 43  
ASN CA  HA   sing N N 44  
ASN C   O    doub N N 45  
ASN C   OXT  sing N N 46  
ASN CB  CG   sing N N 47  
ASN CB  HB2  sing N N 48  
ASN CB  HB3  sing N N 49  
ASN CG  OD1  doub N N 50  
ASN CG  ND2  sing N N 51  
ASN ND2 HD21 sing N N 52  
ASN ND2 HD22 sing N N 53  
ASN OXT HXT  sing N N 54  
ASP N   CA   sing N N 55  
ASP N   H    sing N N 56  
ASP N   H2   sing N N 57  
ASP CA  C    sing N N 58  
ASP CA  CB   sing N N 59  
ASP CA  HA   sing N N 60  
ASP C   O    doub N N 61  
ASP C   OXT  sing N N 62  
ASP CB  CG   sing N N 63  
ASP CB  HB2  sing N N 64  
ASP CB  HB3  sing N N 65  
ASP CG  OD1  doub N N 66  
ASP CG  OD2  sing N N 67  
ASP OD2 HD2  sing N N 68  
ASP OXT HXT  sing N N 69  
GLN N   CA   sing N N 70  
GLN N   H    sing N N 71  
GLN N   H2   sing N N 72  
GLN CA  C    sing N N 73  
GLN CA  CB   sing N N 74  
GLN CA  HA   sing N N 75  
GLN C   O    doub N N 76  
GLN C   OXT  sing N N 77  
GLN CB  CG   sing N N 78  
GLN CB  HB2  sing N N 79  
GLN CB  HB3  sing N N 80  
GLN CG  CD   sing N N 81  
GLN CG  HG2  sing N N 82  
GLN CG  HG3  sing N N 83  
GLN CD  OE1  doub N N 84  
GLN CD  NE2  sing N N 85  
GLN NE2 HE21 sing N N 86  
GLN NE2 HE22 sing N N 87  
GLN OXT HXT  sing N N 88  
GLU N   CA   sing N N 89  
GLU N   H    sing N N 90  
GLU N   H2   sing N N 91  
GLU CA  C    sing N N 92  
GLU CA  CB   sing N N 93  
GLU CA  HA   sing N N 94  
GLU C   O    doub N N 95  
GLU C   OXT  sing N N 96  
GLU CB  CG   sing N N 97  
GLU CB  HB2  sing N N 98  
GLU CB  HB3  sing N N 99  
GLU CG  CD   sing N N 100 
GLU CG  HG2  sing N N 101 
GLU CG  HG3  sing N N 102 
GLU CD  OE1  doub N N 103 
GLU CD  OE2  sing N N 104 
GLU OE2 HE2  sing N N 105 
GLU OXT HXT  sing N N 106 
GLY N   CA   sing N N 107 
GLY N   H    sing N N 108 
GLY N   H2   sing N N 109 
GLY CA  C    sing N N 110 
GLY CA  HA2  sing N N 111 
GLY CA  HA3  sing N N 112 
GLY C   O    doub N N 113 
GLY C   OXT  sing N N 114 
GLY OXT HXT  sing N N 115 
HIS N   CA   sing N N 116 
HIS N   H    sing N N 117 
HIS N   H2   sing N N 118 
HIS CA  C    sing N N 119 
HIS CA  CB   sing N N 120 
HIS CA  HA   sing N N 121 
HIS C   O    doub N N 122 
HIS C   OXT  sing N N 123 
HIS CB  CG   sing N N 124 
HIS CB  HB2  sing N N 125 
HIS CB  HB3  sing N N 126 
HIS CG  ND1  sing Y N 127 
HIS CG  CD2  doub Y N 128 
HIS ND1 CE1  doub Y N 129 
HIS ND1 HD1  sing N N 130 
HIS CD2 NE2  sing Y N 131 
HIS CD2 HD2  sing N N 132 
HIS CE1 NE2  sing Y N 133 
HIS CE1 HE1  sing N N 134 
HIS NE2 HE2  sing N N 135 
HIS OXT HXT  sing N N 136 
HOH O   H1   sing N N 137 
HOH O   H2   sing N N 138 
ILE N   CA   sing N N 139 
ILE N   H    sing N N 140 
ILE N   H2   sing N N 141 
ILE CA  C    sing N N 142 
ILE CA  CB   sing N N 143 
ILE CA  HA   sing N N 144 
ILE C   O    doub N N 145 
ILE C   OXT  sing N N 146 
ILE CB  CG1  sing N N 147 
ILE CB  CG2  sing N N 148 
ILE CB  HB   sing N N 149 
ILE CG1 CD1  sing N N 150 
ILE CG1 HG12 sing N N 151 
ILE CG1 HG13 sing N N 152 
ILE CG2 HG21 sing N N 153 
ILE CG2 HG22 sing N N 154 
ILE CG2 HG23 sing N N 155 
ILE CD1 HD11 sing N N 156 
ILE CD1 HD12 sing N N 157 
ILE CD1 HD13 sing N N 158 
ILE OXT HXT  sing N N 159 
LEU N   CA   sing N N 160 
LEU N   H    sing N N 161 
LEU N   H2   sing N N 162 
LEU CA  C    sing N N 163 
LEU CA  CB   sing N N 164 
LEU CA  HA   sing N N 165 
LEU C   O    doub N N 166 
LEU C   OXT  sing N N 167 
LEU CB  CG   sing N N 168 
LEU CB  HB2  sing N N 169 
LEU CB  HB3  sing N N 170 
LEU CG  CD1  sing N N 171 
LEU CG  CD2  sing N N 172 
LEU CG  HG   sing N N 173 
LEU CD1 HD11 sing N N 174 
LEU CD1 HD12 sing N N 175 
LEU CD1 HD13 sing N N 176 
LEU CD2 HD21 sing N N 177 
LEU CD2 HD22 sing N N 178 
LEU CD2 HD23 sing N N 179 
LEU OXT HXT  sing N N 180 
LYS N   CA   sing N N 181 
LYS N   H    sing N N 182 
LYS N   H2   sing N N 183 
LYS CA  C    sing N N 184 
LYS CA  CB   sing N N 185 
LYS CA  HA   sing N N 186 
LYS C   O    doub N N 187 
LYS C   OXT  sing N N 188 
LYS CB  CG   sing N N 189 
LYS CB  HB2  sing N N 190 
LYS CB  HB3  sing N N 191 
LYS CG  CD   sing N N 192 
LYS CG  HG2  sing N N 193 
LYS CG  HG3  sing N N 194 
LYS CD  CE   sing N N 195 
LYS CD  HD2  sing N N 196 
LYS CD  HD3  sing N N 197 
LYS CE  NZ   sing N N 198 
LYS CE  HE2  sing N N 199 
LYS CE  HE3  sing N N 200 
LYS NZ  HZ1  sing N N 201 
LYS NZ  HZ2  sing N N 202 
LYS NZ  HZ3  sing N N 203 
LYS OXT HXT  sing N N 204 
PHE N   CA   sing N N 205 
PHE N   H    sing N N 206 
PHE N   H2   sing N N 207 
PHE CA  C    sing N N 208 
PHE CA  CB   sing N N 209 
PHE CA  HA   sing N N 210 
PHE C   O    doub N N 211 
PHE C   OXT  sing N N 212 
PHE CB  CG   sing N N 213 
PHE CB  HB2  sing N N 214 
PHE CB  HB3  sing N N 215 
PHE CG  CD1  doub Y N 216 
PHE CG  CD2  sing Y N 217 
PHE CD1 CE1  sing Y N 218 
PHE CD1 HD1  sing N N 219 
PHE CD2 CE2  doub Y N 220 
PHE CD2 HD2  sing N N 221 
PHE CE1 CZ   doub Y N 222 
PHE CE1 HE1  sing N N 223 
PHE CE2 CZ   sing Y N 224 
PHE CE2 HE2  sing N N 225 
PHE CZ  HZ   sing N N 226 
PHE OXT HXT  sing N N 227 
PRO N   CA   sing N N 228 
PRO N   CD   sing N N 229 
PRO N   H    sing N N 230 
PRO CA  C    sing N N 231 
PRO CA  CB   sing N N 232 
PRO CA  HA   sing N N 233 
PRO C   O    doub N N 234 
PRO C   OXT  sing N N 235 
PRO CB  CG   sing N N 236 
PRO CB  HB2  sing N N 237 
PRO CB  HB3  sing N N 238 
PRO CG  CD   sing N N 239 
PRO CG  HG2  sing N N 240 
PRO CG  HG3  sing N N 241 
PRO CD  HD2  sing N N 242 
PRO CD  HD3  sing N N 243 
PRO OXT HXT  sing N N 244 
SER N   CA   sing N N 245 
SER N   H    sing N N 246 
SER N   H2   sing N N 247 
SER CA  C    sing N N 248 
SER CA  CB   sing N N 249 
SER CA  HA   sing N N 250 
SER C   O    doub N N 251 
SER C   OXT  sing N N 252 
SER CB  OG   sing N N 253 
SER CB  HB2  sing N N 254 
SER CB  HB3  sing N N 255 
SER OG  HG   sing N N 256 
SER OXT HXT  sing N N 257 
THR N   CA   sing N N 258 
THR N   H    sing N N 259 
THR N   H2   sing N N 260 
THR CA  C    sing N N 261 
THR CA  CB   sing N N 262 
THR CA  HA   sing N N 263 
THR C   O    doub N N 264 
THR C   OXT  sing N N 265 
THR CB  OG1  sing N N 266 
THR CB  CG2  sing N N 267 
THR CB  HB   sing N N 268 
THR OG1 HG1  sing N N 269 
THR CG2 HG21 sing N N 270 
THR CG2 HG22 sing N N 271 
THR CG2 HG23 sing N N 272 
THR OXT HXT  sing N N 273 
TYR N   CA   sing N N 274 
TYR N   H    sing N N 275 
TYR N   H2   sing N N 276 
TYR CA  C    sing N N 277 
TYR CA  CB   sing N N 278 
TYR CA  HA   sing N N 279 
TYR C   O    doub N N 280 
TYR C   OXT  sing N N 281 
TYR CB  CG   sing N N 282 
TYR CB  HB2  sing N N 283 
TYR CB  HB3  sing N N 284 
TYR CG  CD1  doub Y N 285 
TYR CG  CD2  sing Y N 286 
TYR CD1 CE1  sing Y N 287 
TYR CD1 HD1  sing N N 288 
TYR CD2 CE2  doub Y N 289 
TYR CD2 HD2  sing N N 290 
TYR CE1 CZ   doub Y N 291 
TYR CE1 HE1  sing N N 292 
TYR CE2 CZ   sing Y N 293 
TYR CE2 HE2  sing N N 294 
TYR CZ  OH   sing N N 295 
TYR OH  HH   sing N N 296 
TYR OXT HXT  sing N N 297 
VAL N   CA   sing N N 298 
VAL N   H    sing N N 299 
VAL N   H2   sing N N 300 
VAL CA  C    sing N N 301 
VAL CA  CB   sing N N 302 
VAL CA  HA   sing N N 303 
VAL C   O    doub N N 304 
VAL C   OXT  sing N N 305 
VAL CB  CG1  sing N N 306 
VAL CB  CG2  sing N N 307 
VAL CB  HB   sing N N 308 
VAL CG1 HG11 sing N N 309 
VAL CG1 HG12 sing N N 310 
VAL CG1 HG13 sing N N 311 
VAL CG2 HG21 sing N N 312 
VAL CG2 HG22 sing N N 313 
VAL CG2 HG23 sing N N 314 
VAL OXT HXT  sing N N 315 
# 
_pdbx_audit_support.funding_organization   'Spanish Ministry of Economy and Competitiveness' 
_pdbx_audit_support.country                Spain 
_pdbx_audit_support.grant_number           'BFU2014-59389-P and BFU2017-90030-P to JAH' 
_pdbx_audit_support.ordinal                1 
# 
_atom_sites.entry_id                    6I05 
_atom_sites.Cartn_transf_matrix[1][1]   ? 
_atom_sites.Cartn_transf_matrix[1][2]   ? 
_atom_sites.Cartn_transf_matrix[1][3]   ? 
_atom_sites.Cartn_transf_matrix[2][1]   ? 
_atom_sites.Cartn_transf_matrix[2][2]   ? 
_atom_sites.Cartn_transf_matrix[2][3]   ? 
_atom_sites.Cartn_transf_matrix[3][1]   ? 
_atom_sites.Cartn_transf_matrix[3][2]   ? 
_atom_sites.Cartn_transf_matrix[3][3]   ? 
_atom_sites.Cartn_transf_vector[1]      ? 
_atom_sites.Cartn_transf_vector[2]      ? 
_atom_sites.Cartn_transf_vector[3]      ? 
_atom_sites.fract_transf_matrix[1][1]   0.00164675 
_atom_sites.fract_transf_matrix[1][2]   -0.00684085 
_atom_sites.fract_transf_matrix[1][3]   -0.01301586 
_atom_sites.fract_transf_matrix[2][1]   -0.01437248 
_atom_sites.fract_transf_matrix[2][2]   0.00059672 
_atom_sites.fract_transf_matrix[2][3]   -0.00213202 
_atom_sites.fract_transf_matrix[3][1]   0.00267933 
_atom_sites.fract_transf_matrix[3][2]   0.02284527 
_atom_sites.fract_transf_matrix[3][3]   -0.01166799 
_atom_sites.fract_transf_vector[1]      0.356741 
_atom_sites.fract_transf_vector[2]      0.812706 
_atom_sites.fract_transf_vector[3]      0.013216 
_atom_sites.solution_primary            ? 
_atom_sites.solution_secondary          ? 
_atom_sites.solution_hydrogens          ? 
_atom_sites.special_details             ? 
# 
loop_
_atom_type.symbol 
C 
N 
O 
# 
loop_
_atom_site.group_PDB 
_atom_site.id 
_atom_site.type_symbol 
_atom_site.label_atom_id 
_atom_site.label_alt_id 
_atom_site.label_comp_id 
_atom_site.label_asym_id 
_atom_site.label_entity_id 
_atom_site.label_seq_id 
_atom_site.pdbx_PDB_ins_code 
_atom_site.Cartn_x 
_atom_site.Cartn_y 
_atom_site.Cartn_z 
_atom_site.occupancy 
_atom_site.B_iso_or_equiv 
_atom_site.pdbx_formal_charge 
_atom_site.auth_seq_id 
_atom_site.auth_comp_id 
_atom_site.auth_asym_id 
_atom_site.auth_atom_id 
_atom_site.pdbx_PDB_model_num 
ATOM   1   N N   . GLY A 1 3  ? -9.98235  5.28770   10.57934  1.000 21.62046  ? 266 GLY A N   1 
ATOM   2   C CA  . GLY A 1 3  ? -9.80257  4.43164   9.42062   1.000 18.43822  ? 266 GLY A CA  1 
ATOM   3   C C   . GLY A 1 3  ? -8.59438  3.51231   9.48597   1.000 15.90899  ? 266 GLY A C   1 
ATOM   4   O O   . GLY A 1 3  ? -7.66159  3.72589   10.25852  1.000 17.62265  ? 266 GLY A O   1 
ATOM   5   N N   . LEU A 1 4  ? -8.61128  2.48024   8.65191   1.000 13.11908  ? 267 LEU A N   1 
ATOM   6   C CA  . LEU A 1 4  ? -7.59463  1.43763   8.64523   1.000 11.41037  ? 267 LEU A CA  1 
ATOM   7   C C   . LEU A 1 4  ? -6.67255  1.62263   7.44420   1.000 9.96366   ? 267 LEU A C   1 
ATOM   8   O O   . LEU A 1 4  ? -7.09928  2.08939   6.38460   1.000 10.80486  ? 267 LEU A O   1 
ATOM   9   C CB  . LEU A 1 4  ? -8.27942  0.07484   8.58338   1.000 11.96214  ? 267 LEU A CB  1 
ATOM   10  C CG  . LEU A 1 4  ? -9.18832  -0.18567  9.78584   1.000 13.87484  ? 267 LEU A CG  1 
ATOM   11  C CD1 . LEU A 1 4  ? -10.02360 -1.43183  9.55344   1.000 15.90448  ? 267 LEU A CD1 1 
ATOM   12  C CD2 . LEU A 1 4  ? -8.36948  -0.32446  11.06090  1.000 15.23761  ? 267 LEU A CD2 1 
ATOM   13  N N   . TYR A 1 5  ? -5.40472  1.23158   7.59725   1.000 10.47085  ? 268 TYR A N   1 
ATOM   14  C CA  . TYR A 1 5  ? -4.41890  1.44213   6.54696   1.000 10.55229  ? 268 TYR A CA  1 
ATOM   15  C C   . TYR A 1 5  ? -3.64121  0.16474   6.28481   1.000 10.27423  ? 268 TYR A C   1 
ATOM   16  O O   . TYR A 1 5  ? -3.36162  -0.60827  7.20401   1.000 11.00468  ? 268 TYR A O   1 
ATOM   17  C CB  . TYR A 1 5  ? -3.42961  2.54206   6.92915   1.000 12.10874  ? 268 TYR A CB  1 
ATOM   18  C CG  . TYR A 1 5  ? -4.05186  3.91042   7.00299   1.000 12.01010  ? 268 TYR A CG  1 
ATOM   19  C CD1 . TYR A 1 5  ? -4.69222  4.34216   8.15151   1.000 13.27264  ? 268 TYR A CD1 1 
ATOM   20  C CD2 . TYR A 1 5  ? -3.99191  4.77766   5.92279   1.000 12.92825  ? 268 TYR A CD2 1 
ATOM   21  C CE1 . TYR A 1 5  ? -5.26121  5.60556   8.22387   1.000 14.16772  ? 268 TYR A CE1 1 
ATOM   22  C CE2 . TYR A 1 5  ? -4.55676  6.03823   5.97883   1.000 14.03768  ? 268 TYR A CE2 1 
ATOM   23  C CZ  . TYR A 1 5  ? -5.18948  6.44825   7.12986   1.000 14.11902  ? 268 TYR A CZ  1 
ATOM   24  O OH  . TYR A 1 5  ? -5.73798  7.70582   7.18226   1.000 16.18073  ? 268 TYR A OH  1 
ATOM   25  N N   . LEU A 1 6  ? -3.27791  -0.03529  5.01976   1.000 9.85211   ? 269 LEU A N   1 
ATOM   26  C CA  . LEU A 1 6  ? -2.41418  -1.12959  4.59986   1.000 9.85538   ? 269 LEU A CA  1 
ATOM   27  C C   . LEU A 1 6  ? -1.12078  -0.55495  4.04492   1.000 10.18290  ? 269 LEU A C   1 
ATOM   28  O O   . LEU A 1 6  ? -1.10703  0.53565   3.46854   1.000 11.37818  ? 269 LEU A O   1 
ATOM   29  C CB  . LEU A 1 6  ? -3.06797  -1.96826  3.49549   1.000 10.36399  ? 269 LEU A CB  1 
ATOM   30  C CG  . LEU A 1 6  ? -4.26461  -2.82427  3.89619   1.000 10.10692  ? 269 LEU A CG  1 
ATOM   31  C CD1 . LEU A 1 6  ? -4.97551  -3.35154  2.66110   1.000 11.13295  ? 269 LEU A CD1 1 
ATOM   32  C CD2 . LEU A 1 6  ? -3.80584  -3.96813  4.79330   1.000 10.42779  ? 269 LEU A CD2 1 
ATOM   33  N N   . GLN A 1 7  ? -0.03187  -1.29903  4.22701   1.000 9.86867   ? 270 GLN A N   1 
ATOM   34  C CA  . GLN A 1 7  ? 1.22484   -1.03642  3.53877   1.000 10.00838  ? 270 GLN A CA  1 
ATOM   35  C C   . GLN A 1 7  ? 1.49002   -2.19987  2.59588   1.000 10.40143  ? 270 GLN A C   1 
ATOM   36  O O   . GLN A 1 7  ? 1.33314   -3.36509  2.97752   1.000 11.80140  ? 270 GLN A O   1 
ATOM   37  C CB  . GLN A 1 7  ? 2.38725   -0.87154  4.51587   1.000 10.81234  ? 270 GLN A CB  1 
ATOM   38  C CG  . GLN A 1 7  ? 3.72715   -0.63169  3.83491   1.000 11.65386  ? 270 GLN A CG  1 
ATOM   39  C CD  . GLN A 1 7  ? 4.75493   -0.06976  4.78877   1.000 12.54491  ? 270 GLN A CD  1 
ATOM   40  O OE1 . GLN A 1 7  ? 4.49956   0.91810   5.47884   1.000 13.01941  ? 270 GLN A OE1 1 
ATOM   41  N NE2 . GLN A 1 7  ? 5.92047   -0.70241  4.84613   1.000 14.79595  ? 270 GLN A NE2 1 
ATOM   42  N N   . VAL A 1 8  ? 1.87210   -1.88307  1.36132   1.000 11.80401  ? 271 VAL A N   1 
ATOM   43  C CA  . VAL A 1 8  ? 2.04602   -2.89408  0.33214   1.000 13.88679  ? 271 VAL A CA  1 
ATOM   44  C C   . VAL A 1 8  ? 3.50933   -3.09931  -0.05210  1.000 14.97382  ? 271 VAL A C   1 
ATOM   45  O O   . VAL A 1 8  ? 3.87159   -4.18635  -0.51859  1.000 17.51940  ? 271 VAL A O   1 
ATOM   46  C CB  . VAL A 1 8  ? 1.17789   -2.58303  -0.90682  1.000 15.36196  ? 271 VAL A CB  1 
ATOM   47  C CG1 . VAL A 1 8  ? 1.21589   -3.72212  -1.91677  1.000 17.18064  ? 271 VAL A CG1 1 
ATOM   48  C CG2 . VAL A 1 8  ? -0.26244  -2.29893  -0.47849  1.000 16.75400  ? 271 VAL A CG2 1 
ATOM   49  N N   . GLY A 1 9  ? 4.35495   -2.09562  0.12675   1.000 13.17188  ? 272 GLY A N   1 
ATOM   50  C CA  . GLY A 1 9  ? 5.77314   -2.23795  -0.12886  1.000 13.84733  ? 272 GLY A CA  1 
ATOM   51  C C   . GLY A 1 9  ? 6.49997   -1.04393  0.43846   1.000 13.22290  ? 272 GLY A C   1 
ATOM   52  O O   . GLY A 1 9  ? 5.89531   -0.04458  0.83341   1.000 13.05609  ? 272 GLY A O   1 
ATOM   53  N N   . ALA A 1 10 ? 7.81683   -1.15848  0.46196   1.000 14.11468  ? 273 ALA A N   1 
ATOM   54  C CA  . ALA A 1 10 ? 8.67387   -0.07752  0.91501   1.000 15.15142  ? 273 ALA A CA  1 
ATOM   55  C C   . ALA A 1 10 ? 9.95567   -0.17385  0.10572   1.000 16.25573  ? 273 ALA A C   1 
ATOM   56  O O   . ALA A 1 10 ? 10.50348  -1.26804  -0.04848  1.000 18.44055  ? 273 ALA A O   1 
ATOM   57  C CB  . ALA A 1 10 ? 8.96207   -0.21085  2.41322   1.000 17.04838  ? 273 ALA A CB  1 
ATOM   58  N N   . PHE A 1 11 ? 10.40589  0.95548   -0.43411  1.000 14.74022  ? 274 PHE A N   1 
ATOM   59  C CA  . PHE A 1 11 ? 11.44316  0.96012   -1.45497  1.000 15.09189  ? 274 PHE A CA  1 
ATOM   60  C C   . PHE A 1 11 ? 12.45270  2.06200   -1.18298  1.000 16.60692  ? 274 PHE A C   1 
ATOM   61  O O   . PHE A 1 11 ? 12.09933  3.14728   -0.72439  1.000 16.37895  ? 274 PHE A O   1 
ATOM   62  C CB  . PHE A 1 11 ? 10.84403  1.21603   -2.84470  1.000 16.75602  ? 274 PHE A CB  1 
ATOM   63  C CG  . PHE A 1 11 ? 9.77170   0.24131   -3.22511  1.000 17.14432  ? 274 PHE A CG  1 
ATOM   64  C CD1 . PHE A 1 11 ? 8.44558   0.49563   -2.91572  1.000 16.82124  ? 274 PHE A CD1 1 
ATOM   65  C CD2 . PHE A 1 11 ? 10.08975  -0.93661  -3.88636  1.000 18.77372  ? 274 PHE A CD2 1 
ATOM   66  C CE1 . PHE A 1 11 ? 7.45286   -0.40663  -3.25741  1.000 17.74869  ? 274 PHE A CE1 1 
ATOM   67  C CE2 . PHE A 1 11 ? 9.09816   -1.84490  -4.23273  1.000 19.78813  ? 274 PHE A CE2 1 
ATOM   68  C CZ  . PHE A 1 11 ? 7.77841   -1.57403  -3.91760  1.000 19.39542  ? 274 PHE A CZ  1 
ATOM   69  N N   . ALA A 1 12 ? 13.71685  1.78184   -1.50980  1.000 18.51939  ? 275 ALA A N   1 
ATOM   70  C CA  . ALA A 1 12 ? 14.73249  2.82712   -1.52710  1.000 20.22740  ? 275 ALA A CA  1 
ATOM   71  C C   . ALA A 1 12 ? 14.60355  3.71773   -2.75833  1.000 21.23173  ? 275 ALA A C   1 
ATOM   72  O O   . ALA A 1 12 ? 14.92807  4.90881   -2.69611  1.000 23.41961  ? 275 ALA A O   1 
ATOM   73  C CB  . ALA A 1 12 ? 16.12896  2.20235   -1.47334  1.000 21.78070  ? 275 ALA A CB  1 
ATOM   74  N N   . ASN A 1 13 ? 14.12522  3.16575   -3.87197  1.000 22.33345  ? 276 ASN A N   1 
ATOM   75  C CA  . ASN A 1 13 ? 14.03233  3.89938   -5.13040  1.000 23.95005  ? 276 ASN A CA  1 
ATOM   76  C C   . ASN A 1 13 ? 12.64584  4.51799   -5.25408  1.000 22.06952  ? 276 ASN A C   1 
ATOM   77  O O   . ASN A 1 13 ? 11.65136  3.78199   -5.23764  1.000 20.97787  ? 276 ASN A O   1 
ATOM   78  C CB  . ASN A 1 13 ? 14.28618  2.94989   -6.29627  1.000 28.44109  ? 276 ASN A CB  1 
ATOM   79  C CG  . ASN A 1 13 ? 13.89595  3.53828   -7.64524  1.000 32.23845  ? 276 ASN A CG  1 
ATOM   80  O OD1 . ASN A 1 13 ? 13.88038  4.75488   -7.83696  1.000 33.96460  ? 276 ASN A OD1 1 
ATOM   81  N ND2 . ASN A 1 13 ? 13.59084  2.66282   -8.59643  1.000 34.50103  ? 276 ASN A ND2 1 
ATOM   82  N N   . PRO A 1 14 ? 12.52561  5.84278   -5.38523  1.000 21.36562  ? 277 PRO A N   1 
ATOM   83  C CA  . PRO A 1 14 ? 11.18122  6.43996   -5.46231  1.000 21.43036  ? 277 PRO A CA  1 
ATOM   84  C C   . PRO A 1 14 ? 10.39815  6.04440   -6.70211  1.000 19.32042  ? 277 PRO A C   1 
ATOM   85  O O   . PRO A 1 14 ? 9.16406   5.99437   -6.64396  1.000 18.15225  ? 277 PRO A O   1 
ATOM   86  C CB  . PRO A 1 14 ? 11.45386  7.94854   -5.40693  1.000 22.47194  ? 277 PRO A CB  1 
ATOM   87  C CG  . PRO A 1 14 ? 12.84026  8.09175   -5.90134  1.000 22.93327  ? 277 PRO A CG  1 
ATOM   88  C CD  . PRO A 1 14 ? 13.58328  6.86614   -5.43776  1.000 22.13896  ? 277 PRO A CD  1 
ATOM   89  N N   . ASP A 1 15 ? 11.06762  5.76484   -7.82379  1.000 19.02127  ? 278 ASP A N   1 
ATOM   90  C CA  . ASP A 1 15 ? 10.34464  5.32737   -9.01525  1.000 19.81018  ? 278 ASP A CA  1 
ATOM   91  C C   . ASP A 1 15 ? 9.62363   4.01220   -8.76093  1.000 18.01686  ? 278 ASP A C   1 
ATOM   92  O O   . ASP A 1 15 ? 8.50531   3.80283   -9.24612  1.000 17.40626  ? 278 ASP A O   1 
ATOM   93  C CB  . ASP A 1 15 ? 11.30614  5.15649   -10.18851 1.000 21.88384  ? 278 ASP A CB  1 
ATOM   94  C CG  . ASP A 1 15 ? 11.60779  6.45787   -10.90818 1.000 24.84046  ? 278 ASP A CG  1 
ATOM   95  O OD1 . ASP A 1 15 ? 11.04795  7.51390   -10.54669 1.000 25.32580  ? 278 ASP A OD1 1 
ATOM   96  O OD2 . ASP A 1 15 ? 12.42436  6.40889   -11.84704 1.000 27.04808  ? 278 ASP A OD2 1 
ATOM   97  N N   . ALA A 1 16 ? 10.25361  3.10624   -8.00705  1.000 17.29045  ? 279 ALA A N   1 
ATOM   98  C CA  . ALA A 1 16 ? 9.61217   1.83484   -7.69772  1.000 17.09509  ? 279 ALA A CA  1 
ATOM   99  C C   . ALA A 1 16 ? 8.39127   2.04339   -6.81422  1.000 15.04506  ? 279 ALA A C   1 
ATOM   100 O O   . ALA A 1 16 ? 7.36471   1.37698   -6.99384  1.000 14.55337  ? 279 ALA A O   1 
ATOM   101 C CB  . ALA A 1 16 ? 10.61494  0.89182   -7.03019  1.000 18.47900  ? 279 ALA A CB  1 
ATOM   102 N N   . ALA A 1 17 ? 8.48940   2.95531   -5.84341  1.000 14.38365  ? 280 ALA A N   1 
ATOM   103 C CA  . ALA A 1 17 ? 7.34237   3.26470   -4.99782  1.000 13.44606  ? 280 ALA A CA  1 
ATOM   104 C C   . ALA A 1 17 ? 6.22611   3.90799   -5.81044  1.000 13.52055  ? 280 ALA A C   1 
ATOM   105 O O   . ALA A 1 17 ? 5.05581   3.53298   -5.67612  1.000 13.12129  ? 280 ALA A O   1 
ATOM   106 C CB  . ALA A 1 17 ? 7.76811   4.16397   -3.83831  1.000 14.57028  ? 280 ALA A CB  1 
ATOM   107 N N   . GLU A 1 18 ? 6.57232   4.86698   -6.67367  1.000 14.65674  ? 281 GLU A N   1 
ATOM   108 C CA  A GLU A 1 18 ? 5.55732   5.50326   -7.50725  0.621 14.86411  ? 281 GLU A CA  1 
ATOM   109 C CA  B GLU A 1 18 ? 5.56296   5.50467   -7.51331  0.379 15.29563  ? 281 GLU A CA  1 
ATOM   110 C C   . GLU A 1 18 ? 4.91673   4.50063   -8.45502  1.000 14.29676  ? 281 GLU A C   1 
ATOM   111 O O   . GLU A 1 18 ? 3.71448   4.58013   -8.73147  1.000 14.21433  ? 281 GLU A O   1 
ATOM   112 C CB  A GLU A 1 18 ? 6.16402   6.67015   -8.28580  0.621 16.44803  ? 281 GLU A CB  1 
ATOM   113 C CB  B GLU A 1 18 ? 6.19346   6.64351   -8.31004  0.379 17.36375  ? 281 GLU A CB  1 
ATOM   114 C CG  A GLU A 1 18 ? 6.64709   7.82439   -7.41279  0.621 17.53710  ? 281 GLU A CG  1 
ATOM   115 C CG  B GLU A 1 18 ? 6.14318   7.98699   -7.61270  0.379 19.23260  ? 281 GLU A CG  1 
ATOM   116 C CD  A GLU A 1 18 ? 5.52112   8.74333   -6.96658  0.621 20.27081  ? 281 GLU A CD  1 
ATOM   117 C CD  B GLU A 1 18 ? 6.26391   9.14279   -8.58306  0.379 21.08430  ? 281 GLU A CD  1 
ATOM   118 O OE1 A GLU A 1 18 ? 4.37045   8.53051   -7.39549  0.621 22.65288  ? 281 GLU A OE1 1 
ATOM   119 O OE1 B GLU A 1 18 ? 7.40325   9.57301   -8.85399  0.379 21.72482  ? 281 GLU A OE1 1 
ATOM   120 O OE2 A GLU A 1 18 ? 5.78606   9.68179   -6.18676  0.621 22.19954  ? 281 GLU A OE2 1 
ATOM   121 O OE2 B GLU A 1 18 ? 5.21955   9.61821   -9.07820  0.379 22.44005  ? 281 GLU A OE2 1 
ATOM   122 N N   . LEU A 1 19 ? 5.70246   3.54898   -8.96635  1.000 13.82297  ? 282 LEU A N   1 
ATOM   123 C CA  . LEU A 1 19 ? 5.14705   2.54567   -9.86683  1.000 13.83071  ? 282 LEU A CA  1 
ATOM   124 C C   . LEU A 1 19 ? 4.13568   1.67127   -9.14087  1.000 13.51615  ? 282 LEU A C   1 
ATOM   125 O O   . LEU A 1 19 ? 3.03679   1.42569   -9.64940  1.000 14.23964  ? 282 LEU A O   1 
ATOM   126 C CB  . LEU A 1 19 ? 6.26491   1.69804   -10.46303 1.000 14.13474  ? 282 LEU A CB  1 
ATOM   127 C CG  . LEU A 1 19 ? 5.80972   0.57710   -11.39550 1.000 14.31611  ? 282 LEU A CG  1 
ATOM   128 C CD1 . LEU A 1 19 ? 4.99869   1.12630   -12.56067 1.000 15.45167  ? 282 LEU A CD1 1 
ATOM   129 C CD2 . LEU A 1 19 ? 7.00690   -0.21108  -11.91068 1.000 15.77914  ? 282 LEU A CD2 1 
ATOM   130 N N   . LEU A 1 20 ? 4.48617   1.19707   -7.94159  1.000 12.73491  ? 283 LEU A N   1 
ATOM   131 C CA  . LEU A 1 20 ? 3.53569   0.40053   -7.17650  1.000 12.64150  ? 283 LEU A CA  1 
ATOM   132 C C   . LEU A 1 20 ? 2.28525   1.20761   -6.84967  1.000 12.78813  ? 283 LEU A C   1 
ATOM   133 O O   . LEU A 1 20 ? 1.16626   0.69357   -6.94648  1.000 13.15212  ? 283 LEU A O   1 
ATOM   134 C CB  . LEU A 1 20 ? 4.18398   -0.15352  -5.90691  1.000 13.28302  ? 283 LEU A CB  1 
ATOM   135 C CG  . LEU A 1 20 ? 3.24147   -0.97861  -5.02272  1.000 14.05928  ? 283 LEU A CG  1 
ATOM   136 C CD1 . LEU A 1 20 ? 2.64832   -2.15616  -5.78426  1.000 15.89008  ? 283 LEU A CD1 1 
ATOM   137 C CD2 . LEU A 1 20 ? 3.95745   -1.45542  -3.77134  1.000 14.44108  ? 283 LEU A CD2 1 
ATOM   138 N N   . LYS A 1 21 ? 2.45278   2.47550   -6.46476  1.000 12.07516  ? 284 LYS A N   1 
ATOM   139 C CA  . LYS A 1 21 ? 1.29318   3.32738   -6.20798  1.000 13.34852  ? 284 LYS A CA  1 
ATOM   140 C C   . LYS A 1 21 ? 0.36771   3.38754   -7.42026  1.000 13.51450  ? 284 LYS A C   1 
ATOM   141 O O   . LYS A 1 21 ? -0.85425  3.24051   -7.29185  1.000 14.03149  ? 284 LYS A O   1 
ATOM   142 C CB  . LYS A 1 21 ? 1.74118   4.72840   -5.79016  1.000 14.04773  ? 284 LYS A CB  1 
ATOM   143 C CG  . LYS A 1 21 ? 0.62686   5.75180   -5.79482  1.000 15.30319  ? 284 LYS A CG  1 
ATOM   144 C CD  . LYS A 1 21 ? 1.13171   7.09910   -5.31447  1.000 17.54221  ? 284 LYS A CD  1 
ATOM   145 C CE  . LYS A 1 21 ? 0.06748   8.17606   -5.44405  1.000 20.29284  ? 284 LYS A CE  1 
ATOM   146 N NZ  . LYS A 1 21 ? 0.58992   9.52168   -5.07131  1.000 24.25289  ? 284 LYS A NZ  1 
ATOM   147 N N   . ALA A 1 22 ? 0.93546   3.61102   -8.60893  1.000 14.08280  ? 285 ALA A N   1 
ATOM   148 C CA  . ALA A 1 22 ? 0.11788   3.68485   -9.81652  1.000 15.39014  ? 285 ALA A CA  1 
ATOM   149 C C   . ALA A 1 22 ? -0.60375  2.36816   -10.08566 1.000 16.12563  ? 285 ALA A C   1 
ATOM   150 O O   . ALA A 1 22 ? -1.79321  2.36384   -10.42299 1.000 17.65917  ? 285 ALA A O   1 
ATOM   151 C CB  . ALA A 1 22 ? 0.97844   4.08993   -11.01485 1.000 16.25394  ? 285 ALA A CB  1 
ATOM   152 N N   . LYS A 1 23 ? 0.09353   1.23752   -9.93364  1.000 15.70598  ? 286 LYS A N   1 
ATOM   153 C CA  . LYS A 1 23 ? -0.54760  -0.05395  -10.16703 1.000 16.04113  ? 286 LYS A CA  1 
ATOM   154 C C   . LYS A 1 23 ? -1.66459  -0.31108  -9.16234  1.000 15.54555  ? 286 LYS A C   1 
ATOM   155 O O   . LYS A 1 23 ? -2.72018  -0.84584  -9.51994  1.000 16.68825  ? 286 LYS A O   1 
ATOM   156 C CB  . LYS A 1 23 ? 0.49056   -1.17592  -10.11669 1.000 17.13115  ? 286 LYS A CB  1 
ATOM   157 C CG  . LYS A 1 23 ? 1.49407   -1.14604  -11.26251 1.000 19.67364  ? 286 LYS A CG  1 
ATOM   158 C CD  . LYS A 1 23 ? 2.46207   -2.30986  -11.17094 1.000 23.49326  ? 286 LYS A CD  1 
ATOM   159 C CE  . LYS A 1 23 ? 3.37154   -2.37136  -12.38489 1.000 26.56814  ? 286 LYS A CE  1 
ATOM   160 N NZ  . LYS A 1 23 ? 4.53307   -3.27636  -12.14684 1.000 29.52147  ? 286 LYS A NZ  1 
ATOM   161 N N   . LEU A 1 24 ? -1.44865  0.05065   -7.89685  1.000 15.24672  ? 287 LEU A N   1 
ATOM   162 C CA  . LEU A 1 24 ? -2.47550  -0.18003  -6.88586  1.000 15.05562  ? 287 LEU A CA  1 
ATOM   163 C C   . LEU A 1 24 ? -3.74395  0.60275   -7.17947  1.000 16.05803  ? 287 LEU A C   1 
ATOM   164 O O   . LEU A 1 24 ? -4.84656  0.14124   -6.86210  1.000 15.71409  ? 287 LEU A O   1 
ATOM   165 C CB  . LEU A 1 24 ? -1.94658  0.17646   -5.49941  1.000 14.70179  ? 287 LEU A CB  1 
ATOM   166 C CG  . LEU A 1 24 ? -0.98268  -0.83596  -4.88446  1.000 14.05687  ? 287 LEU A CG  1 
ATOM   167 C CD1 . LEU A 1 24 ? -0.24182  -0.22064  -3.70339  1.000 14.24033  ? 287 LEU A CD1 1 
ATOM   168 C CD2 . LEU A 1 24 ? -1.73853  -2.08408  -4.46181  1.000 15.21027  ? 287 LEU A CD2 1 
ATOM   169 N N   . SER A 1 25 ? -3.61514  1.78384   -7.78122  1.000 17.54922  ? 288 SER A N   1 
ATOM   170 C CA  . SER A 1 25 ? -4.79887  2.55453   -8.13249  1.000 19.98056  ? 288 SER A CA  1 
ATOM   171 C C   . SER A 1 25 ? -5.71142  1.80341   -9.09241  1.000 19.99622  ? 288 SER A C   1 
ATOM   172 O O   . SER A 1 25 ? -6.90872  2.09635   -9.14845  1.000 21.22278  ? 288 SER A O   1 
ATOM   173 C CB  . SER A 1 25 ? -4.38488  3.91202   -8.70031  1.000 22.81476  ? 288 SER A CB  1 
ATOM   174 O OG  . SER A 1 25 ? -3.74637  4.68933   -7.69569  1.000 25.98176  ? 288 SER A OG  1 
ATOM   175 N N   . GLY A 1 26 ? -5.18306  0.83293   -9.83221  1.000 20.88182  ? 289 GLY A N   1 
ATOM   176 C CA  . GLY A 1 26 ? -6.01344  0.02444   -10.69904 1.000 22.33128  ? 289 GLY A CA  1 
ATOM   177 C C   . GLY A 1 26 ? -6.70679  -1.13899  -10.03353 1.000 23.29596  ? 289 GLY A C   1 
ATOM   178 O O   . GLY A 1 26 ? -7.52307  -1.80908  -10.67009 1.000 25.38484  ? 289 GLY A O   1 
ATOM   179 N N   . VAL A 1 27 ? -6.42250  -1.38516  -8.75770  1.000 22.12798  ? 290 VAL A N   1 
ATOM   180 C CA  A VAL A 1 27 ? -6.94654  -2.53946  -8.04083  0.357 23.37156  ? 290 VAL A CA  1 
ATOM   181 C CA  B VAL A 1 27 ? -6.98933  -2.53300  -8.06365  0.643 23.13704  ? 290 VAL A CA  1 
ATOM   182 C C   . VAL A 1 27 ? -7.82866  -2.15792  -6.85135  1.000 22.02095  ? 290 VAL A C   1 
ATOM   183 O O   . VAL A 1 27 ? -8.63902  -2.98698  -6.40141  1.000 24.15198  ? 290 VAL A O   1 
ATOM   184 C CB  A VAL A 1 27 ? -5.78474  -3.46516  -7.60355  0.357 25.67247  ? 290 VAL A CB  1 
ATOM   185 C CB  B VAL A 1 27 ? -5.91721  -3.57889  -7.68517  0.643 25.46714  ? 290 VAL A CB  1 
ATOM   186 C CG1 A VAL A 1 27 ? -6.20925  -4.52555  -6.60162  0.357 26.06367  ? 290 VAL A CG1 1 
ATOM   187 C CG1 B VAL A 1 27 ? -5.12712  -3.99753  -8.91449  0.643 26.32055  ? 290 VAL A CG1 1 
ATOM   188 C CG2 A VAL A 1 27 ? -5.15254  -4.11705  -8.82433  0.357 26.90073  ? 290 VAL A CG2 1 
ATOM   189 C CG2 B VAL A 1 27 ? -4.99345  -3.04205  -6.60719  0.643 26.29283  ? 290 VAL A CG2 1 
ATOM   190 N N   . THR A 1 28 ? -7.70981  -0.94095  -6.32057  1.000 18.74042  ? 291 THR A N   1 
ATOM   191 C CA  . THR A 1 28 ? -8.51233  -0.48065  -5.19773  1.000 16.92367  ? 291 THR A CA  1 
ATOM   192 C C   . THR A 1 28 ? -8.99305  0.93186   -5.48050  1.000 15.23714  ? 291 THR A C   1 
ATOM   193 O O   . THR A 1 28 ? -8.32939  1.69783   -6.18525  1.000 14.66547  ? 291 THR A O   1 
ATOM   194 C CB  . THR A 1 28 ? -7.71319  -0.47261  -3.87330  1.000 18.10600  ? 291 THR A CB  1 
ATOM   195 O OG1 . THR A 1 28 ? -8.53788  0.02548   -2.80667  1.000 19.15003  ? 291 THR A OG1 1 
ATOM   196 C CG2 . THR A 1 28 ? -6.45414  0.40039   -3.98191  1.000 19.42722  ? 291 THR A CG2 1 
ATOM   197 N N   . ALA A 1 29 ? -10.15634 1.26616   -4.92293  1.000 13.91680  ? 292 ALA A N   1 
ATOM   198 C CA  . ALA A 1 29 ? -10.65924 2.62729   -4.90662  1.000 14.16185  ? 292 ALA A CA  1 
ATOM   199 C C   . ALA A 1 29 ? -10.20013 3.41777   -3.68667  1.000 13.86597  ? 292 ALA A C   1 
ATOM   200 O O   . ALA A 1 29 ? -10.42982 4.63017   -3.63409  1.000 14.71077  ? 292 ALA A O   1 
ATOM   201 C CB  . ALA A 1 29 ? -12.18743 2.61651   -4.95157  1.000 14.31800  ? 292 ALA A CB  1 
ATOM   202 N N   . ALA A 1 30 ? -9.55899  2.77650   -2.71344  1.000 15.72387  ? 293 ALA A N   1 
ATOM   203 C CA  . ALA A 1 30 ? -9.05669  3.50707   -1.56002  1.000 16.44449  ? 293 ALA A CA  1 
ATOM   204 C C   . ALA A 1 30 ? -7.89551  4.41020   -1.98002  1.000 14.82990  ? 293 ALA A C   1 
ATOM   205 O O   . ALA A 1 30 ? -7.16554  4.09569   -2.92835  1.000 13.57772  ? 293 ALA A O   1 
ATOM   206 C CB  . ALA A 1 30 ? -8.57325  2.53599   -0.48957  1.000 18.20473  ? 293 ALA A CB  1 
ATOM   207 N N   . PRO A 1 31 ? -7.69500  5.53572   -1.28615  1.000 15.87452  ? 294 PRO A N   1 
ATOM   208 C CA  . PRO A 1 31 ? -6.54915  6.39673   -1.60379  1.000 14.89456  ? 294 PRO A CA  1 
ATOM   209 C C   . PRO A 1 31 ? -5.25134  5.62836   -1.43520  1.000 12.22450  ? 294 PRO A C   1 
ATOM   210 O O   . PRO A 1 31 ? -5.08267  4.87292   -0.48277  1.000 13.27322  ? 294 PRO A O   1 
ATOM   211 C CB  . PRO A 1 31 ? -6.65526  7.52714   -0.57022  1.000 17.19267  ? 294 PRO A CB  1 
ATOM   212 C CG  . PRO A 1 31 ? -8.07969  7.52708   -0.14412  1.000 19.04880  ? 294 PRO A CG  1 
ATOM   213 C CD  . PRO A 1 31 ? -8.50241  6.08851   -0.18262  1.000 18.37695  ? 294 PRO A CD  1 
ATOM   214 N N   . VAL A 1 32 ? -4.33405  5.82939   -2.37037  1.000 10.88057  ? 295 VAL A N   1 
ATOM   215 C CA  . VAL A 1 32 ? -3.00765  5.22594   -2.33346  1.000 10.93916  ? 295 VAL A CA  1 
ATOM   216 C C   . VAL A 1 32 ? -2.00285  6.36041   -2.22574  1.000 10.55104  ? 295 VAL A C   1 
ATOM   217 O O   . VAL A 1 32 ? -2.12389  7.36880   -2.93003  1.000 12.83961  ? 295 VAL A O   1 
ATOM   218 C CB  . VAL A 1 32 ? -2.73668  4.38601   -3.60054  1.000 11.49620  ? 295 VAL A CB  1 
ATOM   219 C CG1 . VAL A 1 32 ? -1.42416  3.63708   -3.47823  1.000 12.37976  ? 295 VAL A CG1 1 
ATOM   220 C CG2 . VAL A 1 32 ? -3.88446  3.41658   -3.87753  1.000 14.08062  ? 295 VAL A CG2 1 
ATOM   221 N N   . PHE A 1 33 ? -1.02025  6.21619   -1.34091  1.000 10.04417  ? 296 PHE A N   1 
ATOM   222 C CA  . PHE A 1 33 ? -0.09101  7.30862   -1.10698  1.000 10.14969  ? 296 PHE A CA  1 
ATOM   223 C C   . PHE A 1 33 ? 1.25843   6.73984   -0.70996  1.000 9.92184   ? 296 PHE A C   1 
ATOM   224 O O   . PHE A 1 33 ? 1.37558   5.57968   -0.31118  1.000 10.66243  ? 296 PHE A O   1 
ATOM   225 C CB  . PHE A 1 33 ? -0.62230  8.28619   -0.04715  1.000 11.31994  ? 296 PHE A CB  1 
ATOM   226 C CG  . PHE A 1 33 ? -0.89092  7.65780   1.29310   1.000 11.40016  ? 296 PHE A CG  1 
ATOM   227 C CD1 . PHE A 1 33 ? -2.09940  7.03372   1.56642   1.000 12.28907  ? 296 PHE A CD1 1 
ATOM   228 C CD2 . PHE A 1 33 ? 0.07230   7.71609   2.29617   1.000 11.84471  ? 296 PHE A CD2 1 
ATOM   229 C CE1 . PHE A 1 33 ? -2.33527  6.47666   2.81749   1.000 13.12440  ? 296 PHE A CE1 1 
ATOM   230 C CE2 . PHE A 1 33 ? -0.16259  7.16077   3.53746   1.000 12.06937  ? 296 PHE A CE2 1 
ATOM   231 C CZ  . PHE A 1 33 ? -1.36739  6.54054   3.80010   1.000 12.88646  ? 296 PHE A CZ  1 
ATOM   232 N N   . ILE A 1 34 ? 2.27656   7.57987   -0.80878  1.000 10.30652  ? 297 ILE A N   1 
ATOM   233 C CA  . ILE A 1 34 ? 3.62791   7.23002   -0.39729  1.000 10.01273  ? 297 ILE A CA  1 
ATOM   234 C C   . ILE A 1 34 ? 3.96332   8.03590   0.84245   1.000 10.40988  ? 297 ILE A C   1 
ATOM   235 O O   . ILE A 1 34 ? 3.75441   9.25377   0.87227   1.000 12.87884  ? 297 ILE A O   1 
ATOM   236 C CB  . ILE A 1 34 ? 4.64140   7.48835   -1.52387  1.000 11.80667  ? 297 ILE A CB  1 
ATOM   237 C CG1 . ILE A 1 34 ? 4.32881   6.56719   -2.70695  1.000 14.16958  ? 297 ILE A CG1 1 
ATOM   238 C CG2 . ILE A 1 34 ? 6.07209   7.26129   -1.02453  1.000 13.30022  ? 297 ILE A CG2 1 
ATOM   239 C CD1 . ILE A 1 34 ? 5.00737   6.96790   -3.99661  1.000 16.22255  ? 297 ILE A CD1 1 
ATOM   240 N N   . SER A 1 35 ? 4.45097   7.35924   1.87202   1.000 10.34473  ? 298 SER A N   1 
ATOM   241 C CA  . SER A 1 35 ? 4.94182   8.00809   3.08261   1.000 11.62840  ? 298 SER A CA  1 
ATOM   242 C C   . SER A 1 35 ? 6.43600   7.72416   3.15010   1.000 11.10059  ? 298 SER A C   1 
ATOM   243 O O   . SER A 1 35 ? 6.84987   6.57941   3.35126   1.000 12.30962  ? 298 SER A O   1 
ATOM   244 C CB  . SER A 1 35 ? 4.21894   7.47365   4.31688   1.000 14.17686  ? 298 SER A CB  1 
ATOM   245 O OG  . SER A 1 35 ? 4.85485   7.90782   5.50042   1.000 16.38384  ? 298 SER A OG  1 
ATOM   246 N N   . SER A 1 36 ? 7.24094   8.75475   2.94969   1.000 11.52334  ? 299 SER A N   1 
ATOM   247 C CA  . SER A 1 36 ? 8.68925   8.61799   2.91414   1.000 13.30363  ? 299 SER A CA  1 
ATOM   248 C C   . SER A 1 36 ? 9.26831   9.06380   4.24963   1.000 13.31922  ? 299 SER A C   1 
ATOM   249 O O   . SER A 1 36 ? 8.89676   10.12451  4.76722   1.000 15.20347  ? 299 SER A O   1 
ATOM   250 C CB  . SER A 1 36 ? 9.26642   9.47455   1.78691   1.000 14.69242  ? 299 SER A CB  1 
ATOM   251 O OG  . SER A 1 36 ? 8.68766   9.11938   0.54204   1.000 17.53157  ? 299 SER A OG  1 
ATOM   252 N N   . VAL A 1 37 ? 10.18787  8.26562   4.79847   1.000 12.46683  ? 300 VAL A N   1 
ATOM   253 C CA  . VAL A 1 37 ? 10.79638  8.54135   6.09416   1.000 12.85363  ? 300 VAL A CA  1 
ATOM   254 C C   . VAL A 1 37 ? 12.28387  8.22403   6.03696   1.000 12.18099  ? 300 VAL A C   1 
ATOM   255 O O   . VAL A 1 37 ? 12.75180  7.49025   5.16417   1.000 14.23002  ? 300 VAL A O   1 
ATOM   256 C CB  . VAL A 1 37 ? 10.12241  7.73612   7.22793   1.000 14.94650  ? 300 VAL A CB  1 
ATOM   257 C CG1 . VAL A 1 37 ? 8.67580   8.19507   7.43533   1.000 16.42590  ? 300 VAL A CG1 1 
ATOM   258 C CG2 . VAL A 1 37 ? 10.17738  6.24013   6.92837   1.000 15.81913  ? 300 VAL A CG2 1 
ATOM   259 N N   . VAL A 1 38 ? 13.02807  8.77497   6.99100   1.000 12.18210  ? 301 VAL A N   1 
ATOM   260 C CA  . VAL A 1 38 ? 14.43658  8.43035   7.15063   1.000 12.46795  ? 301 VAL A CA  1 
ATOM   261 C C   . VAL A 1 38 ? 14.52334  7.19055   8.02898   1.000 13.54237  ? 301 VAL A C   1 
ATOM   262 O O   . VAL A 1 38 ? 13.99561  7.17256   9.14566   1.000 15.06059  ? 301 VAL A O   1 
ATOM   263 C CB  . VAL A 1 38 ? 15.24015  9.58609   7.76272   1.000 12.99106  ? 301 VAL A CB  1 
ATOM   264 C CG1 . VAL A 1 38 ? 16.70947  9.18240   7.88616   1.000 13.69083  ? 301 VAL A CG1 1 
ATOM   265 C CG2 . VAL A 1 38 ? 15.12303  10.83386  6.91571   1.000 14.08745  ? 301 VAL A CG2 1 
ATOM   266 N N   . ARG A 1 39 ? 15.17434  6.14901   7.51962   1.000 13.81744  ? 302 ARG A N   1 
ATOM   267 C CA  . ARG A 1 39 ? 15.43543  4.93836   8.28579   1.000 15.34146  ? 302 ARG A CA  1 
ATOM   268 C C   . ARG A 1 39 ? 16.82596  4.45525   7.92690   1.000 14.56569  ? 302 ARG A C   1 
ATOM   269 O O   . ARG A 1 39 ? 17.15354  4.34165   6.74248   1.000 14.86461  ? 302 ARG A O   1 
ATOM   270 C CB  . ARG A 1 39 ? 14.42832  3.83519   7.93487   1.000 18.35501  ? 302 ARG A CB  1 
ATOM   271 C CG  . ARG A 1 39 ? 12.98894  4.12011   8.31867   1.000 22.24825  ? 302 ARG A CG  1 
ATOM   272 C CD  . ARG A 1 39 ? 12.75048  3.88348   9.79836   1.000 25.24211  ? 302 ARG A CD  1 
ATOM   273 N NE  . ARG A 1 39 ? 11.34084  4.00554   10.16466  1.000 26.64938  ? 302 ARG A NE  1 
ATOM   274 C CZ  . ARG A 1 39 ? 10.71546  5.15954   10.38122  1.000 27.78895  ? 302 ARG A CZ  1 
ATOM   275 N NH1 . ARG A 1 39 ? 11.36812  6.30841   10.25572  1.000 27.43856  ? 302 ARG A NH1 1 
ATOM   276 N NH2 . ARG A 1 39 ? 9.43197   5.16575   10.71942  1.000 29.11885  ? 302 ARG A NH2 1 
ATOM   277 N N   . ASN A 1 40 ? 17.64130  4.18064   8.94229   1.000 15.52290  ? 303 ASN A N   1 
ATOM   278 C CA  . ASN A 1 40 ? 18.96112  3.59312   8.71901   1.000 16.54598  ? 303 ASN A CA  1 
ATOM   279 C C   . ASN A 1 40 ? 19.79418  4.42552   7.75169   1.000 17.02671  ? 303 ASN A C   1 
ATOM   280 O O   . ASN A 1 40 ? 20.46481  3.89912   6.86387   1.000 17.17760  ? 303 ASN A O   1 
ATOM   281 C CB  . ASN A 1 40 ? 18.84475  2.13891   8.25763   1.000 17.47832  ? 303 ASN A CB  1 
ATOM   282 C CG  . ASN A 1 40 ? 18.27653  1.25036   9.32937   1.000 18.00862  ? 303 ASN A CG  1 
ATOM   283 O OD1 . ASN A 1 40 ? 18.62599  1.39552   10.49594  1.000 18.44761  ? 303 ASN A OD1 1 
ATOM   284 N ND2 . ASN A 1 40 ? 17.37730  0.34296   8.95196   1.000 18.84008  ? 303 ASN A ND2 1 
ATOM   285 N N   . GLN A 1 41 ? 19.73436  5.74550   7.92585   1.000 16.66639  ? 304 GLN A N   1 
ATOM   286 C CA  . GLN A 1 41 ? 20.52991  6.71662   7.18157   1.000 17.39689  ? 304 GLN A CA  1 
ATOM   287 C C   . GLN A 1 41 ? 20.16745  6.79218   5.70942   1.000 17.36785  ? 304 GLN A C   1 
ATOM   288 O O   . GLN A 1 41 ? 20.96437  7.28612   4.90432   1.000 19.51485  ? 304 GLN A O   1 
ATOM   289 C CB  . GLN A 1 41 ? 22.03524  6.49999   7.34662   1.000 18.82697  ? 304 GLN A CB  1 
ATOM   290 C CG  . GLN A 1 41 ? 22.50052  6.53614   8.76801   1.000 19.83208  ? 304 GLN A CG  1 
ATOM   291 C CD  . GLN A 1 41 ? 24.00321  6.46633   8.85671   1.000 21.11156  ? 304 GLN A CD  1 
ATOM   292 O OE1 . GLN A 1 41 ? 24.60475  5.40304   8.69792   1.000 22.79999  ? 304 GLN A OE1 1 
ATOM   293 N NE2 . GLN A 1 41 ? 24.62486  7.60964   9.07499   1.000 21.56963  ? 304 GLN A NE2 1 
ATOM   294 N N   . GLN A 1 42 ? 18.98355  6.31683   5.33458   1.000 15.96413  ? 305 GLN A N   1 
ATOM   295 C CA  . GLN A 1 42 ? 18.52791  6.38159   3.95634   1.000 15.56545  ? 305 GLN A CA  1 
ATOM   296 C C   . GLN A 1 42 ? 17.05948  6.75696   3.96303   1.000 13.54176  ? 305 GLN A C   1 
ATOM   297 O O   . GLN A 1 42 ? 16.41095  6.76145   5.00565   1.000 15.02392  ? 305 GLN A O   1 
ATOM   298 C CB  . GLN A 1 42 ? 18.69617  5.03298   3.24813   1.000 19.72261  ? 305 GLN A CB  1 
ATOM   299 C CG  . GLN A 1 42 ? 20.11718  4.49600   3.22625   1.000 36.86468  ? 305 GLN A CG  1 
ATOM   300 C CD  . GLN A 1 42 ? 20.23256  3.21155   2.42891   1.000 77.62191  ? 305 GLN A CD  1 
ATOM   301 O OE1 . GLN A 1 42 ? 19.28954  2.80451   1.74834   1.000 52.48257  ? 305 GLN A OE1 1 
ATOM   302 N NE2 . GLN A 1 42 ? 21.39301  2.56842   2.50366   1.000 102.41012 ? 305 GLN A NE2 1 
ATOM   303 N N   . ILE A 1 43 ? 16.53084  7.05810   2.79265   1.000 13.76229  ? 306 ILE A N   1 
ATOM   304 C CA  . ILE A 1 43 ? 15.10739  7.33560   2.66254   1.000 13.32393  ? 306 ILE A CA  1 
ATOM   305 C C   . ILE A 1 43 ? 14.39022  6.04058   2.32215   1.000 13.67131  ? 306 ILE A C   1 
ATOM   306 O O   . ILE A 1 43 ? 14.82594  5.28781   1.44316   1.000 15.29030  ? 306 ILE A O   1 
ATOM   307 C CB  . ILE A 1 43 ? 14.83629  8.41020   1.59766   1.000 14.44694  ? 306 ILE A CB  1 
ATOM   308 C CG1 . ILE A 1 43 ? 15.64823  9.67572   1.88803   1.000 16.53788  ? 306 ILE A CG1 1 
ATOM   309 C CG2 . ILE A 1 43 ? 13.33669  8.73526   1.55400   1.000 15.99564  ? 306 ILE A CG2 1 
ATOM   310 C CD1 . ILE A 1 43 ? 15.46992  10.18101  3.29033   1.000 17.01784  ? 306 ILE A CD1 1 
ATOM   311 N N   . LEU A 1 44 ? 13.29071  5.77509   3.02245   1.000 13.39422  ? 307 LEU A N   1 
ATOM   312 C CA  . LEU A 1 44 ? 12.45245  4.61411   2.77311   1.000 13.84303  ? 307 LEU A CA  1 
ATOM   313 C C   . LEU A 1 44 ? 11.09182  5.11787   2.32229   1.000 12.20066  ? 307 LEU A C   1 
ATOM   314 O O   . LEU A 1 44 ? 10.43788  5.87231   3.05012   1.000 12.75655  ? 307 LEU A O   1 
ATOM   315 C CB  . LEU A 1 44 ? 12.30770  3.78495   4.04789   1.000 16.11615  ? 307 LEU A CB  1 
ATOM   316 C CG  . LEU A 1 44 ? 11.57508  2.45726   3.86590   1.000 17.15334  ? 307 LEU A CG  1 
ATOM   317 C CD1 . LEU A 1 44 ? 12.35574  1.52854   2.93930   1.000 18.85051  ? 307 LEU A CD1 1 
ATOM   318 C CD2 . LEU A 1 44 ? 11.30388  1.80197   5.21891   1.000 18.72677  ? 307 LEU A CD2 1 
ATOM   319 N N   . HIS A 1 45 ? 10.67567  4.71087   1.12334   1.000 12.18656  ? 308 HIS A N   1 
ATOM   320 C CA  . HIS A 1 45 ? 9.41756   5.15238   0.52178   1.000 11.79300  ? 308 HIS A CA  1 
ATOM   321 C C   . HIS A 1 45 ? 8.38357   4.04857   0.71179   1.000 11.83827  ? 308 HIS A C   1 
ATOM   322 O O   . HIS A 1 45 ? 8.42756   3.02628   0.02135   1.000 12.92510  ? 308 HIS A O   1 
ATOM   323 C CB  . HIS A 1 45 ? 9.61351   5.43390   -0.96714  1.000 12.67641  ? 308 HIS A CB  1 
ATOM   324 C CG  . HIS A 1 45 ? 10.66430  6.45395   -1.24984  1.000 14.38083  ? 308 HIS A CG  1 
ATOM   325 N ND1 . HIS A 1 45 ? 10.45820  7.80174   -1.05170  1.000 14.61752  ? 308 HIS A ND1 1 
ATOM   326 C CD2 . HIS A 1 45 ? 11.92681  6.32837   -1.71956  1.000 16.62901  ? 308 HIS A CD2 1 
ATOM   327 C CE1 . HIS A 1 45 ? 11.55074  8.46385   -1.38381  1.000 16.74327  ? 308 HIS A CE1 1 
ATOM   328 N NE2 . HIS A 1 45 ? 12.45861  7.59302   -1.78509  1.000 17.14939  ? 308 HIS A NE2 1 
ATOM   329 N N   . ARG A 1 46 ? 7.44963   4.25425   1.63414   1.000 10.46249  ? 309 ARG A N   1 
ATOM   330 C CA  . ARG A 1 46 ? 6.45016   3.24817   1.97760   1.000 10.84035  ? 309 ARG A CA  1 
ATOM   331 C C   . ARG A 1 46 ? 5.17554   3.50847   1.19671   1.000 10.30848  ? 309 ARG A C   1 
ATOM   332 O O   . ARG A 1 46 ? 4.65820   4.62628   1.20414   1.000 13.19939  ? 309 ARG A O   1 
ATOM   333 C CB  . ARG A 1 46 ? 6.16287   3.28354   3.47736   1.000 11.79927  ? 309 ARG A CB  1 
ATOM   334 C CG  . ARG A 1 46 ? 7.46979   3.16570   4.25946   1.000 16.08191  ? 309 ARG A CG  1 
ATOM   335 C CD  . ARG A 1 46 ? 7.38341   3.46584   5.72242   1.000 19.19284  ? 309 ARG A CD  1 
ATOM   336 N NE  . ARG A 1 46 ? 6.77968   4.75639   6.01661   1.000 17.94977  ? 309 ARG A NE  1 
ATOM   337 C CZ  . ARG A 1 46 ? 6.49906   5.13636   7.25161   1.000 18.16966  ? 309 ARG A CZ  1 
ATOM   338 N NH1 . ARG A 1 46 ? 6.81181   4.33056   8.26019   1.000 20.35132  ? 309 ARG A NH1 1 
ATOM   339 N NH2 . ARG A 1 46 ? 5.89234   6.28661   7.47860   1.000 18.60881  ? 309 ARG A NH2 1 
ATOM   340 N N   . VAL A 1 47 ? 4.67025   2.48273   0.52566   1.000 9.81923   ? 310 VAL A N   1 
ATOM   341 C CA  . VAL A 1 47 ? 3.46711   2.60911   -0.28637  1.000 9.58328   ? 310 VAL A CA  1 
ATOM   342 C C   . VAL A 1 47 ? 2.29508   2.08715   0.52776   1.000 8.98724   ? 310 VAL A C   1 
ATOM   343 O O   . VAL A 1 47 ? 2.27873   0.91534   0.92461   1.000 10.13624  ? 310 VAL A O   1 
ATOM   344 C CB  . VAL A 1 47 ? 3.60450   1.86082   -1.61951  1.000 11.55154  ? 310 VAL A CB  1 
ATOM   345 C CG1 . VAL A 1 47 ? 2.34183   2.03269   -2.45183  1.000 13.06911  ? 310 VAL A CG1 1 
ATOM   346 C CG2 . VAL A 1 47 ? 4.82557   2.35910   -2.38633  1.000 12.91143  ? 310 VAL A CG2 1 
ATOM   347 N N   . ARG A 1 48 ? 1.32501   2.95731   0.79262   1.000 9.50972   ? 311 ARG A N   1 
ATOM   348 C CA  . ARG A 1 48 ? 0.23705   2.67925   1.71021   1.000 9.55588   ? 311 ARG A CA  1 
ATOM   349 C C   . ARG A 1 48 ? -1.09586  3.01421   1.06481   1.000 9.50442   ? 311 ARG A C   1 
ATOM   350 O O   . ARG A 1 48 ? -1.17087  3.71724   0.05269   1.000 10.26337  ? 311 ARG A O   1 
ATOM   351 C CB  . ARG A 1 48 ? 0.40397   3.48613   3.00047   1.000 9.89354   ? 311 ARG A CB  1 
ATOM   352 C CG  . ARG A 1 48 ? 1.60883   3.03915   3.78610   1.000 10.47985  ? 311 ARG A CG  1 
ATOM   353 C CD  . ARG A 1 48 ? 1.82249   3.83686   5.03996   1.000 11.27691  ? 311 ARG A CD  1 
ATOM   354 N NE  . ARG A 1 48 ? 2.82742   3.16063   5.85258   1.000 11.35846  ? 311 ARG A NE  1 
ATOM   355 C CZ  . ARG A 1 48 ? 3.10970   3.45989   7.11072   1.000 13.33447  ? 311 ARG A CZ  1 
ATOM   356 N NH1 . ARG A 1 48 ? 2.49322   4.46316   7.71761   1.000 16.30032  ? 311 ARG A NH1 1 
ATOM   357 N NH2 . ARG A 1 48 ? 4.01482   2.74127   7.75789   1.000 15.44712  ? 311 ARG A NH2 1 
ATOM   358 N N   . LEU A 1 49 ? -2.16149  2.49671   1.66334   1.000 10.57663  ? 312 LEU A N   1 
ATOM   359 C CA  . LEU A 1 49 ? -3.48835  2.87716   1.20463   1.000 12.09610  ? 312 LEU A CA  1 
ATOM   360 C C   . LEU A 1 49 ? -4.44932  2.95229   2.37818   1.000 9.92158   ? 312 LEU A C   1 
ATOM   361 O O   . LEU A 1 49 ? -4.27493  2.27974   3.39703   1.000 10.91471  ? 312 LEU A O   1 
ATOM   362 C CB  . LEU A 1 49 ? -3.99768  2.02150   0.04999   1.000 15.73317  ? 312 LEU A CB  1 
ATOM   363 C CG  . LEU A 1 49 ? -4.17073  0.57969   0.45464   1.000 16.05483  ? 312 LEU A CG  1 
ATOM   364 C CD1 . LEU A 1 49 ? -5.62838  0.29758   0.68757   1.000 18.54980  ? 312 LEU A CD1 1 
ATOM   365 C CD2 . LEU A 1 49 ? -3.64179  -0.32398  -0.63119  1.000 20.15376  ? 312 LEU A CD2 1 
ATOM   366 N N   . GLY A 1 50 ? -5.44509  3.81392   2.22981   1.000 10.71709  ? 313 GLY A N   1 
ATOM   367 C CA  . GLY A 1 50 ? -6.40485  4.05930   3.27088   1.000 11.45089  ? 313 GLY A CA  1 
ATOM   368 C C   . GLY A 1 50 ? -6.71651  5.53672   3.34215   1.000 12.44267  ? 313 GLY A C   1 
ATOM   369 O O   . GLY A 1 50 ? -6.12949  6.34049   2.61341   1.000 14.22302  ? 313 GLY A O   1 
ATOM   370 N N   . PRO A 1 51 ? -7.63530  5.93514   4.24136   1.000 11.43257  ? 314 PRO A N   1 
ATOM   371 C CA  . PRO A 1 51 ? -8.24366  5.08117   5.26825   1.000 11.20954  ? 314 PRO A CA  1 
ATOM   372 C C   . PRO A 1 51 ? -9.36773  4.19671   4.74136   1.000 10.83166  ? 314 PRO A C   1 
ATOM   373 O O   . PRO A 1 51 ? -10.26361 4.65708   4.01599   1.000 13.53181  ? 314 PRO A O   1 
ATOM   374 C CB  . PRO A 1 51 ? -8.81375  6.09474   6.26790   1.000 11.56100  ? 314 PRO A CB  1 
ATOM   375 C CG  . PRO A 1 51 ? -9.08307  7.32199   5.44914   1.000 12.81957  ? 314 PRO A CG  1 
ATOM   376 C CD  . PRO A 1 51 ? -8.00957  7.35429   4.40281   1.000 13.04012  ? 314 PRO A CD  1 
ATOM   377 N N   . ILE A 1 52 ? -9.34250  2.93324   5.13399   1.000 10.31211  ? 315 ILE A N   1 
ATOM   378 C CA  . ILE A 1 52 ? -10.37088 1.97639   4.75275   1.000 10.70398  ? 315 ILE A CA  1 
ATOM   379 C C   . ILE A 1 52 ? -11.40980 1.91071   5.86732   1.000 10.61286  ? 315 ILE A C   1 
ATOM   380 O O   . ILE A 1 52 ? -11.07007 1.90698   7.05988   1.000 11.62858  ? 315 ILE A O   1 
ATOM   381 C CB  . ILE A 1 52 ? -9.72656  0.60938   4.46008   1.000 11.91508  ? 315 ILE A CB  1 
ATOM   382 C CG1 . ILE A 1 52 ? -8.76467  0.73665   3.27315   1.000 14.93397  ? 315 ILE A CG1 1 
ATOM   383 C CG2 . ILE A 1 52 ? -10.78687 -0.43518  4.20001   1.000 12.20353  ? 315 ILE A CG2 1 
ATOM   384 C CD1 . ILE A 1 52 ? -7.96275  -0.50967  2.99500   1.000 18.07578  ? 315 ILE A CD1 1 
ATOM   385 N N   . GLY A 1 53 ? -12.68610 1.86899   5.48570   1.000 11.11587  ? 316 GLY A N   1 
ATOM   386 C CA  . GLY A 1 53 ? -13.74872 2.07029   6.44882   1.000 11.57279  ? 316 GLY A CA  1 
ATOM   387 C C   . GLY A 1 53 ? -14.17273 0.86557   7.26114   1.000 11.65595  ? 316 GLY A C   1 
ATOM   388 O O   . GLY A 1 53 ? -14.98041 1.04342   8.17629   1.000 13.12850  ? 316 GLY A O   1 
ATOM   389 N N   . SER A 1 54 ? -13.69389 -0.34129  6.96030   1.000 10.78356  ? 317 SER A N   1 
ATOM   390 C CA  . SER A 1 54 ? -14.12254 -1.50090  7.73409   1.000 10.76003  ? 317 SER A CA  1 
ATOM   391 C C   . SER A 1 54 ? -13.05883 -2.57945  7.62935   1.000 10.39803  ? 317 SER A C   1 
ATOM   392 O O   . SER A 1 54 ? -12.31666 -2.65462  6.64338   1.000 10.69963  ? 317 SER A O   1 
ATOM   393 C CB  . SER A 1 54 ? -15.44650 -2.11635  7.24125   1.000 11.46151  ? 317 SER A CB  1 
ATOM   394 O OG  . SER A 1 54 ? -15.33927 -2.61053  5.91568   1.000 11.56688  ? 317 SER A OG  1 
ATOM   395 N N   . ALA A 1 55 ? -13.05520 -3.46741  8.61886   1.000 11.29372  ? 318 ALA A N   1 
ATOM   396 C CA  . ALA A 1 55 ? -12.14751 -4.60654  8.59341   1.000 11.88342  ? 318 ALA A CA  1 
ATOM   397 C C   . ALA A 1 55 ? -12.43456 -5.52323  7.41053   1.000 11.45264  ? 318 ALA A C   1 
ATOM   398 O O   . ALA A 1 55 ? -11.50656 -6.03799  6.77946   1.000 11.38182  ? 318 ALA A O   1 
ATOM   399 C CB  . ALA A 1 55 ? -12.25031 -5.36945  9.91296   1.000 14.15018  ? 318 ALA A CB  1 
ATOM   400 N N   . ASP A 1 56 ? -13.71249 -5.73815  7.08656   1.000 11.93725  ? 319 ASP A N   1 
ATOM   401 C CA  . ASP A 1 56 ? -14.02529 -6.60868  5.96218   1.000 13.03095  ? 319 ASP A CA  1 
ATOM   402 C C   . ASP A 1 56 ? -13.51460 -6.03001  4.65212   1.000 10.95899  ? 319 ASP A C   1 
ATOM   403 O O   . ASP A 1 56 ? -13.02599 -6.77307  3.79321   1.000 11.14720  ? 319 ASP A O   1 
ATOM   404 C CB  . ASP A 1 56 ? -15.52204 -6.86939  5.88109   1.000 17.12290  ? 319 ASP A CB  1 
ATOM   405 C CG  . ASP A 1 56 ? -15.98908 -7.86988  6.91088   1.000 22.61668  ? 319 ASP A CG  1 
ATOM   406 O OD1 . ASP A 1 56 ? -15.13385 -8.57836  7.48779   1.000 22.77479  ? 319 ASP A OD1 1 
ATOM   407 O OD2 . ASP A 1 56 ? -17.20991 -7.94450  7.13827   1.000 25.22341  ? 319 ASP A OD2 1 
ATOM   408 N N   . GLU A 1 57 ? -13.61308 -4.70668  4.47138   1.000 10.66857  ? 320 GLU A N   1 
ATOM   409 C CA  . GLU A 1 57 ? -13.02571 -4.12657  3.27114   1.000 9.79829   ? 320 GLU A CA  1 
ATOM   410 C C   . GLU A 1 57 ? -11.50663 -4.28625  3.26037   1.000 9.23703   ? 320 GLU A C   1 
ATOM   411 O O   . GLU A 1 57 ? -10.92000 -4.52078  2.20085   1.000 9.52267   ? 320 GLU A O   1 
ATOM   412 C CB  . GLU A 1 57 ? -13.43667 -2.66515  3.08777   1.000 10.12607  ? 320 GLU A CB  1 
ATOM   413 C CG  . GLU A 1 57 ? -12.86155 -2.12689  1.78729   1.000 10.53643  ? 320 GLU A CG  1 
ATOM   414 C CD  . GLU A 1 57 ? -13.26822 -0.71505  1.43728   1.000 11.54020  ? 320 GLU A CD  1 
ATOM   415 O OE1 . GLU A 1 57 ? -14.20883 -0.15848  2.04484   1.000 12.23931  ? 320 GLU A OE1 1 
ATOM   416 O OE2 . GLU A 1 57 ? -12.61004 -0.15472  0.53447   1.000 12.50015  ? 320 GLU A OE2 1 
ATOM   417 N N   . VAL A 1 58 ? -10.84535 -4.17294  4.41903   1.000 9.12996   ? 321 VAL A N   1 
ATOM   418 C CA  . VAL A 1 58 ? -9.40679  -4.44200  4.46211   1.000 9.83278   ? 321 VAL A CA  1 
ATOM   419 C C   . VAL A 1 58 ? -9.10474  -5.83812  3.92787   1.000 10.37081  ? 321 VAL A C   1 
ATOM   420 O O   . VAL A 1 58 ? -8.22090  -6.01680  3.08034   1.000 10.25373  ? 321 VAL A O   1 
ATOM   421 C CB  . VAL A 1 58 ? -8.85554  -4.25545  5.88685   1.000 10.22898  ? 321 VAL A CB  1 
ATOM   422 C CG1 . VAL A 1 58 ? -7.43244  -4.81076  5.97488   1.000 11.75920  ? 321 VAL A CG1 1 
ATOM   423 C CG2 . VAL A 1 58 ? -8.89448  -2.79719  6.29175   1.000 11.27123  ? 321 VAL A CG2 1 
ATOM   424 N N   . SER A 1 59 ? -9.83522  -6.84960  4.41356   1.000 10.87792  ? 322 SER A N   1 
ATOM   425 C CA  A SER A 1 59 ? -9.56503  -8.21782  3.99213   0.456 12.24685  ? 322 SER A CA  1 
ATOM   426 C CA  B SER A 1 59 ? -9.55314  -8.21583  3.98941   0.156 11.54315  ? 322 SER A CA  1 
ATOM   427 C CA  C SER A 1 59 ? -9.59447  -8.23023  3.99159   0.388 12.03974  ? 322 SER A CA  1 
ATOM   428 C C   . SER A 1 59 ? -9.75102  -8.38334  2.48638   1.000 11.06704  ? 322 SER A C   1 
ATOM   429 O O   . SER A 1 59 ? -8.92049  -9.01006  1.81484   1.000 11.55010  ? 322 SER A O   1 
ATOM   430 C CB  A SER A 1 59 ? -10.46680 -9.17543  4.76568   0.456 14.53374  ? 322 SER A CB  1 
ATOM   431 C CB  B SER A 1 59 ? -10.39992 -9.21316  4.78209   0.156 12.54975  ? 322 SER A CB  1 
ATOM   432 C CB  C SER A 1 59 ? -10.58530 -9.15824  4.68826   0.388 13.96159  ? 322 SER A CB  1 
ATOM   433 O OG  A SER A 1 59 ? -10.13249 -10.51328 4.47612   0.456 14.42784  ? 322 SER A OG  1 
ATOM   434 O OG  B SER A 1 59 ? -11.75288 -9.18077  4.37223   0.156 12.44834  ? 322 SER A OG  1 
ATOM   435 O OG  C SER A 1 59 ? -10.33333 -9.21351  6.06846   0.388 13.91169  ? 322 SER A OG  1 
ATOM   436 N N   . ARG A 1 60 ? -10.83285 -7.83184  1.94083   1.000 10.78842  ? 323 ARG A N   1 
ATOM   437 C CA  . ARG A 1 60 ? -11.06501 -7.96691  0.51020   1.000 11.35832  ? 323 ARG A CA  1 
ATOM   438 C C   . ARG A 1 60 ? -10.03378 -7.19215  -0.29670  1.000 10.75517  ? 323 ARG A C   1 
ATOM   439 O O   . ARG A 1 60 ? -9.68083  -7.60212  -1.40886  1.000 11.42116  ? 323 ARG A O   1 
ATOM   440 C CB  . ARG A 1 60 ? -12.49132 -7.54244  0.16816   1.000 12.73722  ? 323 ARG A CB  1 
ATOM   441 C CG  . ARG A 1 60 ? -13.51196 -8.58767  0.61069   1.000 14.83235  ? 323 ARG A CG  1 
ATOM   442 C CD  . ARG A 1 60 ? -14.90030 -8.24597  0.12850   1.000 17.64197  ? 323 ARG A CD  1 
ATOM   443 N NE  . ARG A 1 60 ? -15.42862 -7.08966  0.83610   1.000 18.70209  ? 323 ARG A NE  1 
ATOM   444 C CZ  . ARG A 1 60 ? -16.21717 -7.16798  1.90199   1.000 20.58555  ? 323 ARG A CZ  1 
ATOM   445 N NH1 . ARG A 1 60 ? -16.66020 -6.06292  2.47593   1.000 20.78929  ? 323 ARG A NH1 1 
ATOM   446 N NH2 . ARG A 1 60 ? -16.56029 -8.35264  2.39538   1.000 22.42521  ? 323 ARG A NH2 1 
ATOM   447 N N   . THR A 1 61 ? -9.54932  -6.07127  0.24093   1.000 10.19102  ? 324 THR A N   1 
ATOM   448 C CA  . THR A 1 61 ? -8.50828  -5.31274  -0.43795  1.000 10.34809  ? 324 THR A CA  1 
ATOM   449 C C   . THR A 1 61 ? -7.20079  -6.08738  -0.44569  1.000 10.16193  ? 324 THR A C   1 
ATOM   450 O O   . THR A 1 61 ? -6.49282  -6.11048  -1.45822  1.000 10.79311  ? 324 THR A O   1 
ATOM   451 C CB  . THR A 1 61 ? -8.34842  -3.93617  0.22231   1.000 10.68647  ? 324 THR A CB  1 
ATOM   452 O OG1 . THR A 1 61 ? -9.60906  -3.25574  0.20908   1.000 11.27593  ? 324 THR A OG1 1 
ATOM   453 C CG2 . THR A 1 61 ? -7.32638  -3.08853  -0.51880  1.000 11.79219  ? 324 THR A CG2 1 
ATOM   454 N N   . GLN A 1 62 ? -6.85868  -6.72149  0.67823   1.000 10.82166  ? 325 GLN A N   1 
ATOM   455 C CA  . GLN A 1 62 ? -5.69358  -7.60015  0.71211   1.000 11.44769  ? 325 GLN A CA  1 
ATOM   456 C C   . GLN A 1 62 ? -5.79989  -8.68247  -0.35425  1.000 11.83951  ? 325 GLN A C   1 
ATOM   457 O O   . GLN A 1 62 ? -4.83383  -8.95248  -1.08088  1.000 11.43688  ? 325 GLN A O   1 
ATOM   458 C CB  . GLN A 1 62 ? -5.54072  -8.21417  2.10457   1.000 11.76575  ? 325 GLN A CB  1 
ATOM   459 C CG  . GLN A 1 62 ? -5.12360  -7.21483  3.16904   1.000 12.26635  ? 325 GLN A CG  1 
ATOM   460 C CD  . GLN A 1 62 ? -5.02506  -7.84196  4.54604   1.000 13.39986  ? 325 GLN A CD  1 
ATOM   461 O OE1 . GLN A 1 62 ? -6.02476  -8.30293  5.10305   1.000 16.18921  ? 325 GLN A OE1 1 
ATOM   462 N NE2 . GLN A 1 62 ? -3.81381  -7.89059  5.09121   1.000 15.88798  ? 325 GLN A NE2 1 
ATOM   463 N N   . ASP A 1 63 ? -6.97734  -9.30665  -0.46834  1.000 11.58596  ? 326 ASP A N   1 
ATOM   464 C CA  . ASP A 1 63 ? -7.19797  -10.32696 -1.49056  1.000 12.60314  ? 326 ASP A CA  1 
ATOM   465 C C   . ASP A 1 63 ? -6.94900  -9.76840  -2.88669  1.000 12.48310  ? 326 ASP A C   1 
ATOM   466 O O   . ASP A 1 63 ? -6.26902  -10.39732 -3.70302  1.000 12.77843  ? 326 ASP A O   1 
ATOM   467 C CB  . ASP A 1 63 ? -8.63164  -10.85852 -1.40965  1.000 13.31127  ? 326 ASP A CB  1 
ATOM   468 C CG  . ASP A 1 63 ? -8.92201  -11.63315 -0.13228  1.000 15.06236  ? 326 ASP A CG  1 
ATOM   469 O OD1 . ASP A 1 63 ? -7.99379  -11.95047 0.64444   1.000 14.93580  ? 326 ASP A OD1 1 
ATOM   470 O OD2 . ASP A 1 63 ? -10.11934 -11.92652 0.09046   1.000 17.31564  ? 326 ASP A OD2 1 
ATOM   471 N N   . SER A 1 64 ? -7.49626  -8.58351  -3.18494  1.000 12.33808  ? 327 SER A N   1 
ATOM   472 C CA  A SER A 1 64 ? -7.34207  -8.01114  -4.52091  0.611 13.38192  ? 327 SER A CA  1 
ATOM   473 C CA  B SER A 1 64 ? -7.34193  -8.03434  -4.52841  0.389 12.86867  ? 327 SER A CA  1 
ATOM   474 C C   . SER A 1 64 ? -5.88152  -7.72584  -4.83955  1.000 12.22480  ? 327 SER A C   1 
ATOM   475 O O   . SER A 1 64 ? -5.43039  -7.91186  -5.97924  1.000 13.15435  ? 327 SER A O   1 
ATOM   476 C CB  A SER A 1 64 ? -8.15795  -6.72646  -4.62652  0.611 15.25902  ? 327 SER A CB  1 
ATOM   477 C CB  B SER A 1 64 ? -8.22426  -6.79790  -4.71016  0.389 13.94226  ? 327 SER A CB  1 
ATOM   478 O OG  A SER A 1 64 ? -9.53178  -6.99283  -4.45842  0.611 17.85783  ? 327 SER A OG  1 
ATOM   479 O OG  B SER A 1 64 ? -7.79609  -5.72990  -3.88709  0.389 15.05609  ? 327 SER A OG  1 
ATOM   480 N N   . ILE A 1 65 ? -5.12515  -7.26687  -3.84272  1.000 11.51574  ? 328 ILE A N   1 
ATOM   481 C CA  . ILE A 1 65 ? -3.71017  -6.98239  -4.04924  1.000 11.72084  ? 328 ILE A CA  1 
ATOM   482 C C   . ILE A 1 65 ? -2.94572  -8.26861  -4.34683  1.000 11.74523  ? 328 ILE A C   1 
ATOM   483 O O   . ILE A 1 65 ? -2.07196  -8.30262  -5.22594  1.000 13.06170  ? 328 ILE A O   1 
ATOM   484 C CB  . ILE A 1 65 ? -3.15047  -6.22773  -2.82951  1.000 11.74289  ? 328 ILE A CB  1 
ATOM   485 C CG1 . ILE A 1 65 ? -3.75602  -4.82036  -2.76698  1.000 12.54856  ? 328 ILE A CG1 1 
ATOM   486 C CG2 . ILE A 1 65 ? -1.63197  -6.20283  -2.85700  1.000 13.38118  ? 328 ILE A CG2 1 
ATOM   487 C CD1 . ILE A 1 65 ? -3.64053  -4.14830  -1.40552  1.000 14.25256  ? 328 ILE A CD1 1 
ATOM   488 N N   . ARG A 1 66 ? -3.27731  -9.35189  -3.63888  1.000 12.15675  ? 329 ARG A N   1 
ATOM   489 C CA  . ARG A 1 66 ? -2.62241  -10.62865 -3.89968  1.000 12.83311  ? 329 ARG A CA  1 
ATOM   490 C C   . ARG A 1 66 ? -2.99785  -11.18662 -5.27086  1.000 12.92478  ? 329 ARG A C   1 
ATOM   491 O O   . ARG A 1 66 ? -2.13714  -11.71948 -5.97856  1.000 13.41242  ? 329 ARG A O   1 
ATOM   492 C CB  . ARG A 1 66 ? -2.91875  -11.63252 -2.78288  1.000 13.97087  ? 329 ARG A CB  1 
ATOM   493 C CG  . ARG A 1 66 ? -2.27617  -11.27150 -1.44855  1.000 14.74535  ? 329 ARG A CG  1 
ATOM   494 C CD  . ARG A 1 66 ? -2.20909  -12.47051 -0.52014  1.000 18.27705  ? 329 ARG A CD  1 
ATOM   495 N NE  . ARG A 1 66 ? -1.39446  -12.18666 0.66126   1.000 21.24735  ? 329 ARG A NE  1 
ATOM   496 C CZ  . ARG A 1 66 ? -1.87712  -11.72842 1.81167   1.000 23.59121  ? 329 ARG A CZ  1 
ATOM   497 N NH1 . ARG A 1 66 ? -3.18101  -11.50658 1.94841   1.000 23.91677  ? 329 ARG A NH1 1 
ATOM   498 N NH2 . ARG A 1 66 ? -1.05570  -11.49846 2.83104   1.000 24.39746  ? 329 ARG A NH2 1 
ATOM   499 N N   . VAL A 1 67 ? -4.26954  -11.06531 -5.67280  1.000 13.18278  ? 330 VAL A N   1 
ATOM   500 C CA  . VAL A 1 67 ? -4.67567  -11.50468 -7.01033  1.000 14.63209  ? 330 VAL A CA  1 
ATOM   501 C C   . VAL A 1 67 ? -3.85639  -10.79230 -8.07320  1.000 14.56295  ? 330 VAL A C   1 
ATOM   502 O O   . VAL A 1 67 ? -3.43276  -11.39944 -9.06366  1.000 15.30661  ? 330 VAL A O   1 
ATOM   503 C CB  . VAL A 1 67 ? -6.18635  -11.29207 -7.23019  1.000 15.63297  ? 330 VAL A CB  1 
ATOM   504 C CG1 . VAL A 1 67 ? -6.56750  -11.45946 -8.71417  1.000 17.32493  ? 330 VAL A CG1 1 
ATOM   505 C CG2 . VAL A 1 67 ? -6.98511  -12.24484 -6.38002  1.000 16.48688  ? 330 VAL A CG2 1 
ATOM   506 N N   . ALA A 1 68 ? -3.61492  -9.49401  -7.88065  1.000 14.61743  ? 331 ALA A N   1 
ATOM   507 C CA  . ALA A 1 68 ? -2.84938  -8.69347  -8.82320  1.000 15.50816  ? 331 ALA A CA  1 
ATOM   508 C C   . ALA A 1 68 ? -1.35148  -8.92529  -8.71350  1.000 15.91229  ? 331 ALA A C   1 
ATOM   509 O O   . ALA A 1 68 ? -0.59446  -8.34921  -9.50176  1.000 16.52798  ? 331 ALA A O   1 
ATOM   510 C CB  . ALA A 1 68 ? -3.15915  -7.21193  -8.60698  1.000 16.05407  ? 331 ALA A CB  1 
ATOM   511 N N   . ASN A 1 69 ? -0.91157  -9.73647  -7.75207  1.000 16.34987  ? 332 ASN A N   1 
ATOM   512 C CA  . ASN A 1 69 ? 0.49860   -10.06491 -7.57046  1.000 17.62930  ? 332 ASN A CA  1 
ATOM   513 C C   . ASN A 1 69 ? 1.33982   -8.82048  -7.31212  1.000 17.19885  ? 332 ASN A C   1 
ATOM   514 O O   . ASN A 1 69 ? 2.43911   -8.67095  -7.84494  1.000 18.85551  ? 332 ASN A O   1 
ATOM   515 C CB  . ASN A 1 69 ? 1.04022   -10.88467 -8.74442  1.000 21.14695  ? 332 ASN A CB  1 
ATOM   516 C CG  . ASN A 1 69 ? 2.30900   -11.62383 -8.39965  1.000 24.78539  ? 332 ASN A CG  1 
ATOM   517 O OD1 . ASN A 1 69 ? 2.55885   -11.93470 -7.23877  1.000 26.26002  ? 332 ASN A OD1 1 
ATOM   518 N ND2 . ASN A 1 69 ? 3.12262   -11.90685 -9.40902  1.000 27.47215  ? 332 ASN A ND2 1 
ATOM   519 N N   . LEU A 1 70 ? 0.82015   -7.91709  -6.48465  1.000 15.87894  ? 333 LEU A N   1 
ATOM   520 C CA  . LEU A 1 70 ? 1.46709   -6.63288  -6.25704  1.000 16.71561  ? 333 LEU A CA  1 
ATOM   521 C C   . LEU A 1 70 ? 2.23669   -6.55474  -4.94539  1.000 19.72147  ? 333 LEU A C   1 
ATOM   522 O O   . LEU A 1 70 ? 2.90612   -5.54776  -4.70216  1.000 22.40735  ? 333 LEU A O   1 
ATOM   523 C CB  . LEU A 1 70 ? 0.45350   -5.48613  -6.35547  1.000 16.74126  ? 333 LEU A CB  1 
ATOM   524 C CG  . LEU A 1 70 ? -0.05686  -5.20846  -7.77084  1.000 17.32787  ? 333 LEU A CG  1 
ATOM   525 C CD1 . LEU A 1 70 ? -1.13804  -4.14028  -7.76136  1.000 18.52992  ? 333 LEU A CD1 1 
ATOM   526 C CD2 . LEU A 1 70 ? 1.09092   -4.79707  -8.67977  1.000 18.37674  ? 333 LEU A CD2 1 
ATOM   527 N N   . GLY A 1 71 ? 2.18680   -7.58028  -4.11151  1.000 18.87294  ? 334 GLY A N   1 
ATOM   528 C CA  . GLY A 1 71 ? 2.95707   -7.58453  -2.89056  1.000 19.49204  ? 334 GLY A CA  1 
ATOM   529 C C   . GLY A 1 71 ? 2.16899   -8.20121  -1.75872  1.000 19.76720  ? 334 GLY A C   1 
ATOM   530 O O   . GLY A 1 71 ? 1.08668   -8.75051  -1.95161  1.000 20.58094  ? 334 GLY A O   1 
ATOM   531 N N   . GLN A 1 72 ? 2.73532   -8.11189  -0.55684  1.000 19.26099  ? 335 GLN A N   1 
ATOM   532 C CA  . GLN A 1 72 ? 2.13474   -8.69426  0.63956   1.000 19.65369  ? 335 GLN A CA  1 
ATOM   533 C C   . GLN A 1 72 ? 1.56620   -7.57638  1.50041   1.000 19.09294  ? 335 GLN A C   1 
ATOM   534 O O   . GLN A 1 72 ? 2.31593   -6.89751  2.21931   1.000 24.00893  ? 335 GLN A O   1 
ATOM   535 C CB  . GLN A 1 72 ? 3.17349   -9.50389  1.42092   1.000 23.42479  ? 335 GLN A CB  1 
ATOM   536 C CG  . GLN A 1 72 ? 3.66808   -10.75658 0.69891   1.000 26.48638  ? 335 GLN A CG  1 
ATOM   537 C CD  . GLN A 1 72 ? 2.55289   -11.72930 0.33560   1.000 29.47046  ? 335 GLN A CD  1 
ATOM   538 O OE1 . GLN A 1 72 ? 1.52316   -11.80332 1.01064   1.000 30.33415  ? 335 GLN A OE1 1 
ATOM   539 N NE2 . GLN A 1 72 ? 2.75926   -12.48534 -0.73737  1.000 31.64778  ? 335 GLN A NE2 1 
ATOM   540 N N   . PRO A 1 73 ? 0.25787   -7.34291  1.45762   1.000 14.45664  ? 336 PRO A N   1 
ATOM   541 C CA  . PRO A 1 73 ? -0.32842  -6.17298  2.12282   1.000 14.67715  ? 336 PRO A CA  1 
ATOM   542 C C   . PRO A 1 73 ? -0.51919  -6.43920  3.61271   1.000 14.43336  ? 336 PRO A C   1 
ATOM   543 O O   . PRO A 1 73 ? -1.16010  -7.41861  3.99881   1.000 16.58300  ? 336 PRO A O   1 
ATOM   544 C CB  . PRO A 1 73 ? -1.67653  -6.02132  1.41042   1.000 17.02695  ? 336 PRO A CB  1 
ATOM   545 C CG  . PRO A 1 73 ? -2.02087  -7.41686  0.96550   1.000 18.80176  ? 336 PRO A CG  1 
ATOM   546 C CD  . PRO A 1 73 ? -0.73802  -8.14492  0.72762   1.000 17.15806  ? 336 PRO A CD  1 
ATOM   547 N N   . THR A 1 74 ? 0.02071   -5.55380  4.45002   1.000 12.08145  ? 337 THR A N   1 
ATOM   548 C CA  . THR A 1 74 ? -0.04807  -5.68751  5.89901   1.000 12.71581  ? 337 THR A CA  1 
ATOM   549 C C   . THR A 1 74 ? -0.67898  -4.45022  6.52370   1.000 11.18040  ? 337 THR A C   1 
ATOM   550 O O   . THR A 1 74 ? -0.52569  -3.34231  6.02298   1.000 11.59361  ? 337 THR A O   1 
ATOM   551 C CB  . THR A 1 74 ? 1.34578   -5.92133  6.50627   1.000 16.45895  ? 337 THR A CB  1 
ATOM   552 O OG1 . THR A 1 74 ? 2.20422   -4.82079  6.18309   1.000 18.40082  ? 337 THR A OG1 1 
ATOM   553 C CG2 . THR A 1 74 ? 1.95794   -7.19403  5.96225   1.000 18.78321  ? 337 THR A CG2 1 
ATOM   554 N N   . LEU A 1 75 ? -1.39581  -4.64839  7.62568   1.000 10.56318  ? 338 LEU A N   1 
ATOM   555 C CA  . LEU A 1 75 ? -1.98431  -3.52626  8.34638   1.000 11.61203  ? 338 LEU A CA  1 
ATOM   556 C C   . LEU A 1 75 ? -0.89873  -2.68970  9.00651   1.000 12.39366  ? 338 LEU A C   1 
ATOM   557 O O   . LEU A 1 75 ? 0.06190   -3.22411  9.57159   1.000 13.77156  ? 338 LEU A O   1 
ATOM   558 C CB  . LEU A 1 75 ? -2.94677  -4.02808  9.41846   1.000 12.28292  ? 338 LEU A CB  1 
ATOM   559 C CG  . LEU A 1 75 ? -4.35273  -4.35214  8.92177   1.000 13.78663  ? 338 LEU A CG  1 
ATOM   560 C CD1 . LEU A 1 75 ? -5.08522  -5.15487  9.95428   1.000 17.11905  ? 338 LEU A CD1 1 
ATOM   561 C CD2 . LEU A 1 75 ? -5.12228  -3.06884  8.62234   1.000 15.69987  ? 338 LEU A CD2 1 
ATOM   562 N N   . VAL A 1 76 ? -1.06498  -1.36270  8.94948   1.000 12.90274  ? 339 VAL A N   1 
ATOM   563 C CA  . VAL A 1 76 ? -0.16399  -0.41621  9.60159   1.000 16.47332  ? 339 VAL A CA  1 
ATOM   564 C C   . VAL A 1 76 ? -0.98698  0.69585   10.24313  1.000 21.14722  ? 339 VAL A C   1 
ATOM   565 O O   . VAL A 1 76 ? -2.10862  0.99077   9.82659   1.000 20.71666  ? 339 VAL A O   1 
ATOM   566 C CB  . VAL A 1 76 ? 0.84885   0.21087   8.61765   1.000 17.07579  ? 339 VAL A CB  1 
ATOM   567 C CG1 . VAL A 1 76 ? 1.82919   -0.84457  8.11021   1.000 18.38319  ? 339 VAL A CG1 1 
ATOM   568 C CG2 . VAL A 1 76 ? 0.11978   0.94682   7.46577   1.000 14.58661  ? 339 VAL A CG2 1 
ATOM   569 N N   . ARG A 1 77 ? -0.40983  1.33173   11.25946  1.000 28.84137  ? 340 ARG A N   1 
ATOM   570 C CA  . ARG A 1 77 ? -1.04333  2.48328   11.90510  1.000 37.22816  ? 340 ARG A CA  1 
ATOM   571 C C   . ARG A 1 77 ? -0.13446  3.69526   11.77417  1.000 40.02815  ? 340 ARG A C   1 
ATOM   572 O O   . ARG A 1 77 ? 0.86651   3.80396   12.50521  1.000 40.51634  ? 340 ARG A O   1 
ATOM   573 C CB  . ARG A 1 77 ? -1.34849  2.19635   13.37498  1.000 41.23553  ? 340 ARG A CB  1 
ATOM   574 C CG  . ARG A 1 77 ? -2.72868  1.59614   13.61308  1.000 44.36662  ? 340 ARG A CG  1 
ATOM   575 C CD  . ARG A 1 77 ? -2.80450  0.88832   14.95866  1.000 46.87271  ? 340 ARG A CD  1 
ATOM   576 N NE  . ARG A 1 77 ? -1.80934  -0.17542  15.07056  1.000 48.82455  ? 340 ARG A NE  1 
ATOM   577 C CZ  . ARG A 1 77 ? -0.80548  -0.17308  15.94209  1.000 50.11269  ? 340 ARG A CZ  1 
ATOM   578 N NH1 . ARG A 1 77 ? -0.65791  0.83939   16.78626  1.000 50.33910  ? 340 ARG A NH1 1 
ATOM   579 N NH2 . ARG A 1 77 ? 0.05219   -1.18425  15.96895  1.000 50.42814  ? 340 ARG A NH2 1 
ATOM   580 N N   . PRO A 1 78 ? -0.43157  4.63508   10.86070  1.000 42.23428  ? 341 PRO A N   1 
ATOM   581 C CA  . PRO A 1 78 ? 0.39331   5.83261   10.65609  1.000 43.32893  ? 341 PRO A CA  1 
ATOM   582 C C   . PRO A 1 78 ? 0.46984   6.71013   11.90006  1.000 44.21268  ? 341 PRO A C   1 
ATOM   583 O O   . PRO A 1 78 ? -0.55940  6.92187   12.54055  1.000 44.91562  ? 341 PRO A O   1 
ATOM   584 C CB  . PRO A 1 78 ? -0.34114  6.57767   9.53393   1.000 43.33056  ? 341 PRO A CB  1 
ATOM   585 C CG  . PRO A 1 78 ? -1.15307  5.53436   8.84786   1.000 43.14882  ? 341 PRO A CG  1 
ATOM   586 C CD  . PRO A 1 78 ? -1.57161  4.59115   9.93094   1.000 42.91884  ? 341 PRO A CD  1 
HETATM 587 O O   . HOH B 2 .  ? 2.55480   10.04796  -7.26990  1.000 43.22895  ? 401 HOH A O   1 
HETATM 588 O O   . HOH B 2 .  ? 9.80374   8.95888   -8.90825  1.000 38.28966  ? 402 HOH A O   1 
HETATM 589 O O   . HOH B 2 .  ? -2.12828  6.53522   -8.14239  1.000 35.90102  ? 403 HOH A O   1 
HETATM 590 O O   . HOH B 2 .  ? -13.08825 -9.98629  6.99987   1.000 30.28048  ? 404 HOH A O   1 
HETATM 591 O O   . HOH B 2 .  ? 7.91240   12.06691  6.08595   1.000 22.14998  ? 405 HOH A O   1 
HETATM 592 O O   . HOH B 2 .  ? -0.24575  -9.91911  4.68120   1.000 55.11430  ? 406 HOH A O   1 
HETATM 593 O O   . HOH B 2 .  ? -4.60299  0.50999   10.30528  1.000 16.67363  ? 407 HOH A O   1 
HETATM 594 O O   . HOH B 2 .  ? -11.13973 5.55870   1.71334   1.000 14.08586  ? 408 HOH A O   1 
HETATM 595 O O   . HOH B 2 .  ? -11.47880 -11.33898 2.37995   1.000 26.40519  ? 409 HOH A O   1 
HETATM 596 O O   . HOH B 2 .  ? -5.78876  5.99560   -6.67249  1.000 26.25963  ? 410 HOH A O   1 
HETATM 597 O O   . HOH B 2 .  ? -8.52833  -13.95308 2.27010   1.000 37.09395  ? 411 HOH A O   1 
HETATM 598 O O   . HOH B 2 .  ? 5.31074   -4.76982  -3.95947  1.000 38.96807  ? 412 HOH A O   1 
HETATM 599 O O   . HOH B 2 .  ? -10.70440 7.22420   12.24465  1.000 37.22227  ? 413 HOH A O   1 
HETATM 600 O O   . HOH B 2 .  ? 23.06642  8.60137   3.92766   1.000 39.58037  ? 414 HOH A O   1 
HETATM 601 O O   . HOH B 2 .  ? -7.50786  8.22467   9.10624   1.000 29.32978  ? 415 HOH A O   1 
HETATM 602 O O   . HOH B 2 .  ? -11.64777 -0.14472  -3.22333  1.000 58.81768  ? 416 HOH A O   1 
HETATM 603 O O   . HOH B 2 .  ? -5.71496  2.68308   11.76088  1.000 27.67024  ? 417 HOH A O   1 
HETATM 604 O O   . HOH B 2 .  ? -12.07805 -11.28829 -1.61141  1.000 23.46153  ? 418 HOH A O   1 
HETATM 605 O O   . HOH B 2 .  ? -8.78629  3.90957   -8.56231  1.000 37.31506  ? 419 HOH A O   1 
HETATM 606 O O   . HOH B 2 .  ? 5.13764   -6.53813  -0.29570  1.000 30.13164  ? 420 HOH A O   1 
HETATM 607 O O   . HOH B 2 .  ? 21.03861  1.62868   5.53450   1.000 34.84646  ? 421 HOH A O   1 
HETATM 608 O O   . HOH B 2 .  ? -7.49074  4.27339   -5.60434  1.000 17.07839  ? 422 HOH A O   1 
HETATM 609 O O   . HOH B 2 .  ? -10.22108 -2.06720  -2.15310  1.000 19.64343  ? 423 HOH A O   1 
HETATM 610 O O   . HOH B 2 .  ? -1.24339  -6.90501  -11.72167 1.000 36.62082  ? 424 HOH A O   1 
HETATM 611 O O   . HOH B 2 .  ? -3.03558  -2.32970  -11.79422 1.000 27.71727  ? 425 HOH A O   1 
HETATM 612 O O   . HOH B 2 .  ? -2.18290  -1.88430  12.95994  1.000 42.15914  ? 426 HOH A O   1 
HETATM 613 O O   . HOH B 2 .  ? 2.28372   10.73059  2.66747   1.000 30.53261  ? 427 HOH A O   1 
HETATM 614 O O   . HOH B 2 .  ? 16.69073  5.80845   -0.51693  1.000 26.33055  ? 428 HOH A O   1 
HETATM 615 O O   . HOH B 2 .  ? -13.33400 2.37042   2.71198   0.422 9.49754   ? 429 HOH A O   1 
HETATM 616 O O   . HOH B 2 .  ? -5.50768  9.02747   2.55660   1.000 19.76011  ? 430 HOH A O   1 
HETATM 617 O O   . HOH B 2 .  ? -5.30919  -12.58571 0.54691   1.000 19.23412  ? 431 HOH A O   1 
HETATM 618 O O   . HOH B 2 .  ? -2.09687  -11.14264 -11.47217 1.000 36.01504  ? 432 HOH A O   1 
HETATM 619 O O   . HOH B 2 .  ? 1.67008   9.85261   -2.53854  1.000 19.06103  ? 433 HOH A O   1 
HETATM 620 O O   . HOH B 2 .  ? -2.55875  4.44517   -12.09086 1.000 43.20306  ? 434 HOH A O   1 
HETATM 621 O O   . HOH B 2 .  ? 15.84878  2.68868   4.93363   1.000 20.93365  ? 435 HOH A O   1 
HETATM 622 O O   . HOH B 2 .  ? -3.46299  9.68599   -2.12592  1.000 28.69206  ? 436 HOH A O   1 
HETATM 623 O O   . HOH B 2 .  ? -7.08438  -7.73487  -8.22505  1.000 19.21948  ? 437 HOH A O   1 
HETATM 624 O O   . HOH B 2 .  ? 7.33252   -1.22878  -8.01808  1.000 20.15641  ? 438 HOH A O   1 
HETATM 625 O O   . HOH B 2 .  ? 2.40528   7.05206   -8.86036  1.000 21.26829  ? 439 HOH A O   1 
HETATM 626 O O   . HOH B 2 .  ? -2.94110  -9.27197  7.36688   1.000 34.89487  ? 440 HOH A O   1 
HETATM 627 O O   . HOH B 2 .  ? -16.32976 -0.34106  10.20588  1.000 23.01278  ? 441 HOH A O   1 
HETATM 628 O O   . HOH B 2 .  ? 10.29780  1.44114   9.70227   1.000 54.79192  ? 442 HOH A O   1 
HETATM 629 O O   . HOH B 2 .  ? -11.33802 -9.07904  -3.13458  1.000 18.34543  ? 443 HOH A O   1 
HETATM 630 O O   . HOH B 2 .  ? 10.33132  8.85723   10.84870  1.000 48.11607  ? 444 HOH A O   1 
HETATM 631 O O   . HOH B 2 .  ? 3.91812   -5.05604  3.64426   1.000 26.43474  ? 445 HOH A O   1 
HETATM 632 O O   . HOH B 2 .  ? -9.90495  -3.83108  -3.86632  1.000 21.02746  ? 446 HOH A O   1 
HETATM 633 O O   . HOH B 2 .  ? 0.61166   -5.40068  11.32062  1.000 17.06558  ? 447 HOH A O   1 
HETATM 634 O O   . HOH B 2 .  ? -14.76925 -2.73615  10.78180  1.000 21.03261  ? 448 HOH A O   1 
HETATM 635 O O   . HOH B 2 .  ? -10.37145 -13.36998 4.35338   1.000 41.66011  ? 449 HOH A O   1 
HETATM 636 O O   . HOH B 2 .  ? -15.87564 -5.36522  8.94623   1.000 22.91096  ? 450 HOH A O   1 
HETATM 637 O O   . HOH B 2 .  ? 16.54915  4.26465   11.60442  1.000 28.06362  ? 451 HOH A O   1 
HETATM 638 O O   . HOH B 2 .  ? 14.25849  -0.94777  -2.25436  1.000 30.46395  ? 452 HOH A O   1 
HETATM 639 O O   . HOH B 2 .  ? 15.75678  2.67946   2.24381   1.000 20.64937  ? 453 HOH A O   1 
HETATM 640 O O   . HOH B 2 .  ? 26.90974  4.59585   10.23055  1.000 50.27865  ? 454 HOH A O   1 
HETATM 641 O O   . HOH B 2 .  ? -10.82807 -6.85233  -7.04199  1.000 37.05162  ? 455 HOH A O   1 
HETATM 642 O O   . HOH B 2 .  ? 1.48849   -10.47481 -4.24723  1.000 31.16564  ? 456 HOH A O   1 
HETATM 643 O O   . HOH B 2 .  ? -1.37220  10.22608  -3.04351  1.000 48.44228  ? 457 HOH A O   1 
HETATM 644 O O   . HOH B 2 .  ? 15.99774  0.37314   6.37920   1.000 30.21126  ? 458 HOH A O   1 
HETATM 645 O O   . HOH B 2 .  ? -4.60558  9.56985   5.24038   1.000 35.32508  ? 459 HOH A O   1 
HETATM 646 O O   . HOH B 2 .  ? 15.21255  8.36119   -2.39113  1.000 30.13163  ? 460 HOH A O   1 
HETATM 647 O O   . HOH B 2 .  ? 19.18607  4.11446   -0.86425  1.000 59.91626  ? 461 HOH A O   1 
HETATM 648 O O   . HOH B 2 .  ? -10.93573 -14.67952 0.66177   1.000 34.14430  ? 462 HOH A O   1 
HETATM 649 O O   . HOH B 2 .  ? 1.32807   6.96029   6.72680   1.000 33.45906  ? 463 HOH A O   1 
HETATM 650 O O   . HOH B 2 .  ? -18.65374 -5.68959  8.32644   1.000 53.03651  ? 464 HOH A O   1 
HETATM 651 O O   . HOH B 2 .  ? 2.23518   0.38289   12.08769  1.000 55.01506  ? 465 HOH A O   1 
HETATM 652 O O   . HOH B 2 .  ? 11.90525  10.82588  8.76484   1.000 20.60094  ? 466 HOH A O   1 
HETATM 653 O O   . HOH B 2 .  ? -16.04435 3.78632   8.35134   1.000 20.06828  ? 467 HOH A O   1 
HETATM 654 O O   . HOH B 2 .  ? 27.54906  7.60000   9.46270   1.000 47.85274  ? 468 HOH A O   1 
HETATM 655 O O   . HOH B 2 .  ? 8.55065   -3.88072  -0.42477  1.000 24.40813  ? 469 HOH A O   1 
HETATM 656 O O   . HOH B 2 .  ? 6.06273   -3.12548  3.15957   1.000 21.38991  ? 470 HOH A O   1 
HETATM 657 O O   . HOH B 2 .  ? 18.65093  7.56900   0.78439   1.000 30.13090  ? 471 HOH A O   1 
HETATM 658 O O   . HOH B 2 .  ? -5.14131  7.60930   -4.61971  1.000 20.96712  ? 472 HOH A O   1 
HETATM 659 O O   . HOH B 2 .  ? -7.37077  -11.28551 3.48834   1.000 29.55847  ? 473 HOH A O   1 
HETATM 660 O O   . HOH B 2 .  ? -11.97023 -5.33091  -4.99211  1.000 52.94012  ? 474 HOH A O   1 
HETATM 661 O O   . HOH B 2 .  ? 18.58505  7.13970   10.32161  1.000 24.41448  ? 475 HOH A O   1 
HETATM 662 O O   . HOH B 2 .  ? 6.19190   12.45819  -9.33608  1.000 47.95329  ? 476 HOH A O   1 
HETATM 663 O O   . HOH B 2 .  ? -6.84407  6.29654   11.64600  1.000 41.60279  ? 477 HOH A O   1 
HETATM 664 O O   . HOH B 2 .  ? 16.03735  7.44895   11.37933  1.000 49.74427  ? 478 HOH A O   1 
HETATM 665 O O   . HOH B 2 .  ? 8.08041   0.07382   6.84287   1.000 37.23035  ? 479 HOH A O   1 
HETATM 666 O O   . HOH B 2 .  ? 13.90734  0.17166   -4.43365  1.000 28.26308  ? 480 HOH A O   1 
HETATM 667 O O   . HOH B 2 .  ? 6.26809   12.63865  -6.85547  1.000 45.18985  ? 481 HOH A O   1 
HETATM 668 O O   . HOH B 2 .  ? -10.16944 8.00556   9.10126   1.000 29.50416  ? 482 HOH A O   1 
HETATM 669 O O   . HOH B 2 .  ? -9.17180  -5.40409  -8.30085  1.000 32.77428  ? 483 HOH A O   1 
HETATM 670 O O   . HOH B 2 .  ? 5.04578   11.03845  5.68645   1.000 36.35461  ? 484 HOH A O   1 
HETATM 671 O O   . HOH B 2 .  ? 4.99938   4.74056   10.79541  1.000 37.74251  ? 485 HOH A O   1 
HETATM 672 O O   . HOH B 2 .  ? 5.77387   0.29538   8.73568   1.000 33.90971  ? 486 HOH A O   1 
HETATM 673 O O   . HOH B 2 .  ? -18.88968 -7.14150  4.56849   1.000 31.23210  ? 487 HOH A O   1 
HETATM 674 O O   . HOH B 2 .  ? 13.80609  10.51123  -2.26480  1.000 34.40634  ? 488 HOH A O   1 
HETATM 675 O O   . HOH B 2 .  ? 10.75526  8.70227   -13.59765 1.000 36.03174  ? 489 HOH A O   1 
HETATM 676 O O   . HOH B 2 .  ? -10.77404 5.21312   13.77861  1.000 45.58474  ? 490 HOH A O   1 
HETATM 677 O O   . HOH B 2 .  ? 4.98581   -4.79450  -7.16459  1.000 37.10692  ? 492 HOH A O   1 
HETATM 678 O O   . HOH B 2 .  ? -12.77452 6.71105   11.66154  1.000 32.20895  ? 493 HOH A O   1 
HETATM 679 O O   . HOH B 2 .  ? 5.00184   -2.43455  -8.90501  1.000 23.06845  ? 494 HOH A O   1 
HETATM 680 O O   . HOH B 2 .  ? 7.15027   2.90165   11.82423  1.000 50.41783  ? 495 HOH A O   1 
HETATM 681 O O   . HOH B 2 .  ? -9.79402  -10.47036 -4.99667  1.000 22.78876  ? 496 HOH A O   1 
HETATM 682 O O   . HOH B 2 .  ? 8.16525   8.40191   11.15540  1.000 44.68239  ? 497 HOH A O   1 
HETATM 683 O O   . HOH B 2 .  ? -13.51262 2.95627   10.73843  1.000 50.43605  ? 498 HOH A O   1 
HETATM 684 O O   . HOH B 2 .  ? -2.98862  3.44443   17.36448  1.000 48.97106  ? 499 HOH A O   1 
HETATM 685 O O   . HOH B 2 .  ? 17.50290  4.23143   -5.16561  1.000 57.69483  ? 501 HOH A O   1 
HETATM 686 O O   . HOH B 2 .  ? -10.94150 2.83304   -8.49755  1.000 28.30656  ? 502 HOH A O   1 
HETATM 687 O O   . HOH B 2 .  ? -3.85841  4.85478   12.18921  1.000 52.40786  ? 503 HOH A O   1 
HETATM 688 O O   . HOH B 2 .  ? -9.40963  -9.20837  -7.53571  1.000 27.04476  ? 504 HOH A O   1 
HETATM 689 O O   . HOH B 2 .  ? -12.74656 4.13947   12.92475  1.000 70.44110  ? 505 HOH A O   1 
HETATM 690 O O   . HOH B 2 .  ? -5.18105  -3.95926  -12.76485 1.000 46.84281  ? 506 HOH A O   1 
HETATM 691 O O   . HOH B 2 .  ? -2.10578  8.90609   6.92810   1.000 54.43011  ? 507 HOH A O   1 
HETATM 692 O O   . HOH B 2 .  ? -6.04257  -8.13535  -10.67643 1.000 28.10909  ? 508 HOH A O   1 
HETATM 693 O O   . HOH B 2 .  ? 5.38121   -7.20127  4.73937   1.000 50.58534  ? 509 HOH A O   1 
HETATM 694 O O   . HOH B 2 .  ? -0.01134  7.36330   -9.81639  1.000 34.31076  ? 510 HOH A O   1 
HETATM 695 O O   . HOH B 2 .  ? 1.59095   -6.05177  -12.58953 1.000 52.32338  ? 511 HOH A O   1 
HETATM 696 O O   . HOH B 2 .  ? -18.28689 -10.58967 -0.54050  1.000 37.47274  ? 512 HOH A O   1 
HETATM 697 O O   . HOH B 2 .  ? -13.05091 0.47382   11.76758  1.000 52.10372  ? 513 HOH A O   1 
HETATM 698 O O   . HOH B 2 .  ? 15.40452  -0.04896  1.77628   1.000 37.15387  ? 514 HOH A O   1 
HETATM 699 O O   . HOH B 2 .  ? 9.88044   -1.94088  5.56229   1.000 44.30510  ? 515 HOH A O   1 
HETATM 700 O O   . HOH B 2 .  ? -11.88132 -15.49949 -1.43034  1.000 35.59726  ? 516 HOH A O   1 
HETATM 701 O O   . HOH B 2 .  ? -19.13298 -2.99950  7.89598   1.000 32.48465  ? 517 HOH A O   1 
HETATM 702 O O   . HOH B 2 .  ? -7.96703  6.17326   -10.15302 1.000 57.67993  ? 518 HOH A O   1 
HETATM 703 O O   . HOH B 2 .  ? -4.84986  -1.48665  12.27714  1.000 24.04836  ? 519 HOH A O   1 
HETATM 704 O O   . HOH B 2 .  ? -14.44220 -11.95362 -0.48450  1.000 59.27757  ? 520 HOH A O   1 
HETATM 705 O O   . HOH B 2 .  ? 3.19213   -6.52381  10.12310  1.000 45.65187  ? 521 HOH A O   1 
HETATM 706 O O   . HOH B 2 .  ? 4.32748   -9.78911  4.89925   1.000 49.03564  ? 522 HOH A O   1 
HETATM 707 O O   . HOH B 2 .  ? 17.43908  7.16475   -5.59636  1.000 56.17088  ? 523 HOH A O   1 
HETATM 708 O O   . HOH B 2 .  ? 6.74826   -7.11287  1.81358   1.000 43.06323  ? 524 HOH A O   1 
HETATM 709 O O   . HOH B 2 .  ? -18.02810 -12.51206 1.57045   1.000 56.91629  ? 525 HOH A O   1 
HETATM 710 O O   . HOH B 2 .  ? -0.85448  -4.46615  -11.83697 1.000 50.39057  ? 527 HOH A O   1 
HETATM 711 O O   . HOH B 2 .  ? -4.23114  -6.81382  -11.90858 1.000 49.12957  ? 528 HOH A O   1 
HETATM 712 O O   . HOH B 2 .  ? 16.11713  -1.37160  -3.99925  1.000 47.86674  ? 529 HOH A O   1 
HETATM 713 O O   . HOH B 2 .  ? -18.53438 -1.63797  9.77989   1.000 33.64478  ? 530 HOH A O   1 
HETATM 714 O O   . HOH B 2 .  ? -9.24279  -16.30301 2.08251   1.000 65.36078  ? 531 HOH A O   1 
HETATM 715 O O   . HOH B 2 .  ? -4.10927  10.13996  0.57452   1.000 25.18457  ? 532 HOH A O   1 
HETATM 716 O O   . HOH B 2 .  ? 7.04578   -3.86563  -6.60615  1.000 41.12651  ? 533 HOH A O   1 
HETATM 717 O O   . HOH B 2 .  ? -2.28580  10.07965  4.25059   1.000 51.42387  ? 534 HOH A O   1 
HETATM 718 O O   . HOH B 2 .  ? -10.26404 7.13517   15.35029  1.000 45.17930  ? 535 HOH A O   1 
HETATM 719 O O   . HOH B 2 .  ? 12.25459  -1.98863  4.83885   1.000 54.55038  ? 536 HOH A O   1 
HETATM 720 O O   . HOH B 2 .  ? -13.54488 9.18965   9.99826   1.000 39.84269  ? 537 HOH A O   1 
HETATM 721 O O   . HOH B 2 .  ? -10.76193 -13.06896 -5.50055  0.426 23.15247  ? 538 HOH A O   1 
# 
loop_
_atom_site_anisotrop.id 
_atom_site_anisotrop.type_symbol 
_atom_site_anisotrop.pdbx_label_atom_id 
_atom_site_anisotrop.pdbx_label_alt_id 
_atom_site_anisotrop.pdbx_label_comp_id 
_atom_site_anisotrop.pdbx_label_asym_id 
_atom_site_anisotrop.pdbx_label_seq_id 
_atom_site_anisotrop.pdbx_PDB_ins_code 
_atom_site_anisotrop.U[1][1] 
_atom_site_anisotrop.U[2][2] 
_atom_site_anisotrop.U[3][3] 
_atom_site_anisotrop.U[1][2] 
_atom_site_anisotrop.U[1][3] 
_atom_site_anisotrop.U[2][3] 
_atom_site_anisotrop.pdbx_auth_seq_id 
_atom_site_anisotrop.pdbx_auth_comp_id 
_atom_site_anisotrop.pdbx_auth_asym_id 
_atom_site_anisotrop.pdbx_auth_atom_id 
1   N N   . GLY A 3  ? 0.27746 0.23387 0.31015 0.05695  0.00279  -0.06543 266 GLY A N   
2   C CA  . GLY A 3  ? 0.25243 0.19297 0.25517 0.06072  0.01163  -0.03345 266 GLY A CA  
3   C C   . GLY A 3  ? 0.21967 0.18076 0.20403 0.01441  0.02220  -0.02208 266 GLY A C   
4   O O   . GLY A 3  ? 0.23204 0.23635 0.20119 -0.02500 0.01061  -0.03602 266 GLY A O   
5   N N   . LEU A 4  ? 0.19044 0.13125 0.17678 0.02400  0.02184  -0.01586 267 LEU A N   
6   C CA  . LEU A 4  ? 0.15787 0.13102 0.14466 0.01313  0.01053  -0.00561 267 LEU A CA  
7   C C   . LEU A 4  ? 0.12751 0.13152 0.11955 -0.00078 0.00576  -0.00850 267 LEU A C   
8   O O   . LEU A 4  ? 0.13384 0.15358 0.12311 0.00420  0.00278  0.01843  267 LEU A O   
9   C CB  . LEU A 4  ? 0.15637 0.16719 0.13094 -0.01524 0.01361  -0.00063 267 LEU A CB  
10  C CG  . LEU A 4  ? 0.18166 0.22796 0.11756 -0.04965 0.02008  0.00693  267 LEU A CG  
11  C CD1 . LEU A 4  ? 0.19730 0.26219 0.14481 -0.08127 0.02524  -0.00422 267 LEU A CD1 
12  C CD2 . LEU A 4  ? 0.20718 0.26049 0.11129 -0.04831 0.01961  0.00984  267 LEU A CD2 
13  N N   . TYR A 5  ? 0.13326 0.14177 0.12281 0.00117  -0.00046 0.00410  268 TYR A N   
14  C CA  . TYR A 5  ? 0.12814 0.11842 0.15439 -0.01672 0.00925  -0.01739 268 TYR A CA  
15  C C   . TYR A 5  ? 0.13010 0.13332 0.12697 0.00741  -0.00392 0.00159  268 TYR A C   
16  O O   . TYR A 5  ? 0.15099 0.14093 0.12621 0.01788  -0.00142 -0.00333 268 TYR A O   
17  C CB  . TYR A 5  ? 0.14476 0.14532 0.17000 0.00307  0.00221  -0.01472 268 TYR A CB  
18  C CG  . TYR A 5  ? 0.14469 0.13035 0.18129 0.00105  0.00614  -0.02570 268 TYR A CG  
19  C CD1 . TYR A 5  ? 0.17007 0.14007 0.19416 0.00196  0.00072  -0.04113 268 TYR A CD1 
20  C CD2 . TYR A 5  ? 0.16431 0.13782 0.18908 -0.01738 0.01046  -0.02401 268 TYR A CD2 
21  C CE1 . TYR A 5  ? 0.18478 0.15147 0.20206 0.00609  -0.00628 -0.03193 268 TYR A CE1 
22  C CE2 . TYR A 5  ? 0.17781 0.14759 0.20797 0.00135  0.00152  -0.03319 268 TYR A CE2 
23  C CZ  . TYR A 5  ? 0.17624 0.13285 0.22738 0.00767  -0.00930 -0.03527 268 TYR A CZ  
24  O OH  . TYR A 5  ? 0.19861 0.14561 0.27057 0.02481  -0.02231 -0.04911 268 TYR A OH  
25  N N   . LEU A 6  ? 0.12857 0.11459 0.13117 -0.00528 0.01288  -0.00304 269 LEU A N   
26  C CA  . LEU A 6  ? 0.11911 0.10168 0.15367 -0.01040 0.01876  -0.01015 269 LEU A CA  
27  C C   . LEU A 6  ? 0.13092 0.10450 0.15148 0.00017  0.01798  0.00614  269 LEU A C   
28  O O   . LEU A 6  ? 0.14895 0.10891 0.17446 -0.00425 0.02174  0.02758  269 LEU A O   
29  C CB  . LEU A 6  ? 0.12642 0.11749 0.14988 -0.01131 0.00743  -0.00032 269 LEU A CB  
30  C CG  . LEU A 6  ? 0.12744 0.12622 0.13035 -0.01640 -0.00611 0.01266  269 LEU A CG  
31  C CD1 . LEU A 6  ? 0.15342 0.13125 0.13833 -0.00452 -0.02285 0.00138  269 LEU A CD1 
32  C CD2 . LEU A 6  ? 0.13392 0.12073 0.14156 -0.01720 -0.01525 0.02466  269 LEU A CD2 
33  N N   . GLN A 7  ? 0.11647 0.11482 0.14367 -0.01212 0.00773  0.01141  270 GLN A N   
34  C CA  . GLN A 7  ? 0.11341 0.11405 0.15281 -0.01146 0.00930  0.01203  270 GLN A CA  
35  C C   . GLN A 7  ? 0.12711 0.11198 0.15611 -0.02218 0.01886  0.01505  270 GLN A C   
36  O O   . GLN A 7  ? 0.15409 0.11478 0.17953 -0.00953 0.03092  0.01890  270 GLN A O   
37  C CB  . GLN A 7  ? 0.11571 0.13622 0.15888 0.00128  0.00121  0.01646  270 GLN A CB  
38  C CG  . GLN A 7  ? 0.11964 0.16049 0.16267 -0.01183 -0.00931 0.01621  270 GLN A CG  
39  C CD  . GLN A 7  ? 0.13689 0.15949 0.18028 -0.00231 -0.01915 0.02958  270 GLN A CD  
40  O OE1 . GLN A 7  ? 0.14597 0.17114 0.17757 -0.01192 -0.02792 0.01860  270 GLN A OE1 
41  N NE2 . GLN A 7  ? 0.13850 0.20617 0.21750 0.01331  -0.02665 0.01424  270 GLN A NE2 
42  N N   . VAL A 8  ? 0.15555 0.13972 0.15323 -0.03165 0.02189  0.00769  271 VAL A N   
43  C CA  . VAL A 8  ? 0.18661 0.15621 0.18481 -0.04601 0.01692  -0.00774 271 VAL A CA  
44  C C   . VAL A 8  ? 0.20162 0.15084 0.21648 -0.02186 0.00926  -0.01617 271 VAL A C   
45  O O   . VAL A 8  ? 0.22774 0.16748 0.27043 -0.01537 0.01205  -0.04568 271 VAL A O   
46  C CB  . VAL A 8  ? 0.18248 0.21884 0.18236 -0.06954 0.00644  -0.00559 271 VAL A CB  
47  C CG1 . VAL A 8  ? 0.21410 0.23827 0.20042 -0.07820 0.00177  -0.01407 271 VAL A CG1 
48  C CG2 . VAL A 8  ? 0.17693 0.29182 0.16783 -0.07641 0.01301  0.00148  271 VAL A CG2 
49  N N   . GLY A 9  ? 0.17541 0.13378 0.19129 -0.01193 -0.00306 0.00572  272 GLY A N   
50  C CA  . GLY A 9  ? 0.17488 0.15463 0.19663 -0.00645 0.00180  -0.01693 272 GLY A CA  
51  C C   . GLY A 9  ? 0.16007 0.13334 0.20900 -0.01564 0.01244  -0.00860 272 GLY A C   
52  O O   . GLY A 9  ? 0.15462 0.12680 0.21466 0.00443  0.02458  -0.00641 272 GLY A O   
53  N N   . ALA A 10 ? 0.15998 0.13267 0.24365 -0.00095 0.02904  -0.01456 273 ALA A N   
54  C CA  . ALA A 10 ? 0.15486 0.15111 0.26972 0.00132  0.02739  -0.01483 273 ALA A CA  
55  C C   . ALA A 10 ? 0.15598 0.15792 0.30374 0.03561  0.03495  -0.02239 273 ALA A C   
56  O O   . ALA A 10 ? 0.18239 0.16773 0.35053 0.03242  0.05922  -0.02066 273 ALA A O   
57  C CB  . ALA A 10 ? 0.16961 0.19843 0.27972 0.00329  0.00733  -0.03427 273 ALA A CB  
58  N N   . PHE A 11 ? 0.14207 0.14483 0.27316 0.00133  0.04117  -0.02431 274 PHE A N   
59  C CA  . PHE A 11 ? 0.13900 0.15406 0.28036 -0.01116 0.05055  -0.04063 274 PHE A CA  
60  C C   . PHE A 11 ? 0.14052 0.17903 0.31144 -0.00466 0.06292  -0.05074 274 PHE A C   
61  O O   . PHE A 11 ? 0.14079 0.17890 0.30264 -0.00069 0.07019  -0.05274 274 PHE A O   
62  C CB  . PHE A 11 ? 0.17042 0.19287 0.27337 -0.01554 0.03301  -0.04280 274 PHE A CB  
63  C CG  . PHE A 11 ? 0.18581 0.20426 0.26134 -0.01760 0.02839  -0.03072 274 PHE A CG  
64  C CD1 . PHE A 11 ? 0.17382 0.19948 0.26584 -0.02787 0.02358  -0.01817 274 PHE A CD1 
65  C CD2 . PHE A 11 ? 0.20518 0.22242 0.28572 -0.02220 0.03809  -0.04489 274 PHE A CD2 
66  C CE1 . PHE A 11 ? 0.19468 0.20946 0.27022 -0.02675 0.00583  -0.02728 274 PHE A CE1 
67  C CE2 . PHE A 11 ? 0.22194 0.24466 0.28527 -0.02701 0.02581  -0.04430 274 PHE A CE2 
68  C CZ  . PHE A 11 ? 0.21484 0.24505 0.27705 -0.03088 0.01297  -0.03914 274 PHE A CZ  
69  N N   . ALA A 12 ? 0.14080 0.20615 0.35670 0.00158  0.07485  -0.05962 275 ALA A N   
70  C CA  . ALA A 12 ? 0.15438 0.23764 0.37653 0.00237  0.08935  -0.05460 275 ALA A CA  
71  C C   . ALA A 12 ? 0.18309 0.23024 0.39338 -0.02338 0.11709  -0.05640 275 ALA A C   
72  O O   . ALA A 12 ? 0.22871 0.24847 0.41266 -0.03842 0.10429  -0.06687 275 ALA A O   
73  C CB  . ALA A 12 ? 0.16163 0.28249 0.38345 0.02690  0.07191  -0.05398 275 ALA A CB  
74  N N   . ASN A 13 ? 0.20954 0.25335 0.38567 -0.02076 0.11916  -0.05331 276 ASN A N   
75  C CA  . ASN A 13 ? 0.25475 0.27721 0.37802 -0.02290 0.12802  -0.04988 276 ASN A CA  
76  C C   . ASN A 13 ? 0.24966 0.25584 0.33304 -0.02815 0.12024  -0.01701 276 ASN A C   
77  O O   . ASN A 13 ? 0.22697 0.23488 0.33522 -0.02184 0.12678  -0.00656 276 ASN A O   
78  C CB  . ASN A 13 ? 0.30849 0.35616 0.41599 -0.00686 0.13330  -0.08044 276 ASN A CB  
79  C CG  . ASN A 13 ? 0.35583 0.41578 0.45330 -0.02392 0.13884  -0.10117 276 ASN A CG  
80  O OD1 . ASN A 13 ? 0.36309 0.46305 0.46434 -0.02413 0.14845  -0.10926 276 ASN A OD1 
81  N ND2 . ASN A 13 ? 0.38691 0.44290 0.48107 -0.02520 0.10778  -0.10067 276 ASN A ND2 
82  N N   . PRO A 14 ? 0.26737 0.24809 0.29634 -0.04035 0.09738  -0.01649 277 PRO A N   
83  C CA  . PRO A 14 ? 0.28278 0.24969 0.28179 -0.03441 0.08389  -0.01768 277 PRO A CA  
84  C C   . PRO A 14 ? 0.27535 0.20885 0.24989 -0.04075 0.08336  -0.00576 277 PRO A C   
85  O O   . PRO A 14 ? 0.26742 0.18291 0.23937 -0.04766 0.08746  0.00743  277 PRO A O   
86  C CB  . PRO A 14 ? 0.29896 0.24901 0.30586 -0.02992 0.06575  -0.03282 277 PRO A CB  
87  C CG  . PRO A 14 ? 0.29985 0.25480 0.31671 -0.03453 0.06764  -0.02907 277 PRO A CG  
88  C CD  . PRO A 14 ? 0.28808 0.24319 0.30991 -0.03966 0.08513  -0.02052 277 PRO A CD  
89  N N   . ASP A 15 ? 0.27764 0.21975 0.22534 -0.05052 0.08660  -0.00042 278 ASP A N   
90  C CA  . ASP A 15 ? 0.28050 0.23904 0.23317 -0.05583 0.09591  -0.00218 278 ASP A CA  
91  C C   . ASP A 15 ? 0.26111 0.20618 0.21727 -0.03009 0.09222  -0.00404 278 ASP A C   
92  O O   . ASP A 15 ? 0.25629 0.20191 0.20316 -0.02997 0.09863  0.00751  278 ASP A O   
93  C CB  . ASP A 15 ? 0.30825 0.28113 0.24209 -0.07567 0.11201  0.00777  278 ASP A CB  
94  C CG  . ASP A 15 ? 0.34300 0.31851 0.28232 -0.08339 0.10744  0.00102  278 ASP A CG  
95  O OD1 . ASP A 15 ? 0.35706 0.32018 0.28503 -0.08316 0.08552  0.02704  278 ASP A OD1 
96  O OD2 . ASP A 15 ? 0.37041 0.35554 0.30175 -0.07802 0.10880  -0.00892 278 ASP A OD2 
97  N N   . ALA A 16 ? 0.24654 0.20297 0.20745 -0.01578 0.08853  -0.00076 279 ALA A N   
98  C CA  . ALA A 16 ? 0.24037 0.20720 0.20197 0.00101  0.07235  -0.01014 279 ALA A CA  
99  C C   . ALA A 16 ? 0.22167 0.17274 0.17723 -0.00593 0.05493  -0.01422 279 ALA A C   
100 O O   . ALA A 16 ? 0.22437 0.15129 0.17729 -0.01331 0.04531  -0.02174 279 ALA A O   
101 C CB  . ALA A 16 ? 0.25299 0.21773 0.23140 0.01341  0.06487  -0.02061 279 ALA A CB  
102 N N   . ALA A 17 ? 0.20851 0.16980 0.16821 -0.01520 0.04224  -0.01963 280 ALA A N   
103 C CA  . ALA A 17 ? 0.20154 0.16298 0.14637 -0.01748 0.04242  -0.01428 280 ALA A CA  
104 C C   . ALA A 17 ? 0.21602 0.15931 0.13838 -0.01988 0.03835  -0.00371 280 ALA A C   
105 O O   . ALA A 17 ? 0.19906 0.16395 0.13553 -0.02500 0.04248  -0.01344 280 ALA A O   
106 C CB  . ALA A 17 ? 0.21810 0.16314 0.17236 -0.03026 0.03139  -0.03702 280 ALA A CB  
107 N N   . GLU A 18 ? 0.24774 0.16182 0.14734 -0.00286 0.04424  -0.00204 281 GLU A N   
108 C CA  A GLU A 18 ? 0.25567 0.16371 0.14538 -0.01143 0.05553  0.01265  281 GLU A CA  
109 C CA  B GLU A 18 ? 0.25816 0.16693 0.15607 -0.00593 0.04954  0.00643  281 GLU A CA  
110 C C   . GLU A 18 ? 0.24863 0.16441 0.13018 -0.00024 0.05313  0.01300  281 GLU A C   
111 O O   . GLU A 18 ? 0.24191 0.14701 0.15116 0.00550  0.05035  0.00502  281 GLU A O   
112 C CB  A GLU A 18 ? 0.28066 0.16889 0.17540 -0.02367 0.05736  0.01319  281 GLU A CB  
113 C CB  B GLU A 18 ? 0.28261 0.17792 0.19921 -0.01346 0.04639  0.00166  281 GLU A CB  
114 C CG  A GLU A 18 ? 0.30812 0.16727 0.19093 -0.02694 0.04879  0.01657  281 GLU A CG  
115 C CG  B GLU A 18 ? 0.30682 0.18929 0.23464 -0.01484 0.03733  -0.00208 281 GLU A CG  
116 C CD  A GLU A 18 ? 0.33715 0.20262 0.23044 -0.02901 0.04133  -0.00840 281 GLU A CD  
117 C CD  B GLU A 18 ? 0.32780 0.20893 0.26437 -0.01380 0.03052  -0.00801 281 GLU A CD  
118 O OE1 A GLU A 18 ? 0.35808 0.25060 0.25202 -0.01035 0.04029  -0.01785 281 GLU A OE1 
119 O OE1 B GLU A 18 ? 0.33036 0.23082 0.26428 -0.00527 0.02931  -0.00494 281 GLU A OE1 
120 O OE2 A GLU A 18 ? 0.35794 0.22227 0.26327 -0.01726 0.02505  -0.02380 281 GLU A OE2 
121 O OE2 B GLU A 18 ? 0.34425 0.21695 0.29142 -0.01484 0.02243  -0.02232 281 GLU A OE2 
122 N N   . LEU A 19 ? 0.24654 0.14612 0.13254 0.00003  0.05344  -0.00263 282 LEU A N   
123 C CA  . LEU A 19 ? 0.22943 0.15162 0.14445 -0.00054 0.05439  -0.00666 282 LEU A CA  
124 C C   . LEU A 19 ? 0.21959 0.15312 0.14084 -0.00832 0.05243  -0.00814 282 LEU A C   
125 O O   . LEU A 19 ? 0.22119 0.18049 0.13937 -0.00505 0.05357  -0.00481 282 LEU A O   
126 C CB  . LEU A 19 ? 0.21751 0.16869 0.15086 0.01156  0.04855  -0.00573 282 LEU A CB  
127 C CG  . LEU A 19 ? 0.23070 0.18174 0.13152 0.02791  0.04712  0.00720  282 LEU A CG  
128 C CD1 . LEU A 19 ? 0.23901 0.20693 0.14116 0.04621  0.03648  0.00071  282 LEU A CD1 
129 C CD2 . LEU A 19 ? 0.23772 0.20389 0.15793 0.04680  0.03599  -0.00220 282 LEU A CD2 
130 N N   . LEU A 20 ? 0.21120 0.13774 0.13492 -0.00186 0.03974  0.00825  283 LEU A N   
131 C CA  . LEU A 20 ? 0.20439 0.13828 0.13765 -0.01309 0.03363  0.00863  283 LEU A CA  
132 C C   . LEU A 20 ? 0.19420 0.15213 0.13956 0.00343  0.03551  -0.00561 283 LEU A C   
133 O O   . LEU A 20 ? 0.17859 0.17070 0.15043 0.00311  0.03503  -0.00739 283 LEU A O   
134 C CB  . LEU A 20 ? 0.21026 0.15261 0.14183 -0.02941 0.03020  0.00909  283 LEU A CB  
135 C CG  . LEU A 20 ? 0.21469 0.15540 0.16409 -0.05381 0.02274  0.00900  283 LEU A CG  
136 C CD1 . LEU A 20 ? 0.23969 0.17093 0.19313 -0.07858 0.02028  -0.00468 283 LEU A CD1 
137 C CD2 . LEU A 20 ? 0.21078 0.17603 0.16189 -0.04481 0.01071  0.01230  283 LEU A CD2 
138 N N   . LYS A 21 ? 0.19312 0.13441 0.13127 0.00443  0.04904  -0.00616 284 LYS A N   
139 C CA  . LYS A 21 ? 0.20936 0.15407 0.14376 0.00350  0.04414  -0.01070 284 LYS A CA  
140 C C   . LYS A 21 ? 0.20747 0.17156 0.13445 -0.01745 0.03481  0.00513  284 LYS A C   
141 O O   . LYS A 21 ? 0.20694 0.18765 0.13853 -0.00022 0.03095  0.00576  284 LYS A O   
142 C CB  . LYS A 21 ? 0.22966 0.14662 0.15748 0.00831  0.06619  -0.00190 284 LYS A CB  
143 C CG  . LYS A 21 ? 0.26268 0.13275 0.18602 0.00638  0.06249  0.00050  284 LYS A CG  
144 C CD  . LYS A 21 ? 0.30099 0.14298 0.22254 0.02146  0.05820  -0.00194 284 LYS A CD  
145 C CE  . LYS A 21 ? 0.33522 0.16785 0.26797 0.02831  0.04257  -0.01299 284 LYS A CE  
146 N NZ  . LYS A 21 ? 0.36465 0.26762 0.28923 0.01871  0.03674  -0.03089 284 LYS A NZ  
147 N N   . ALA A 22 ? 0.22359 0.18344 0.12805 -0.00311 0.03305  0.01994  285 ALA A N   
148 C CA  . ALA A 22 ? 0.24279 0.20982 0.13215 -0.00199 0.03767  0.00483  285 ALA A CA  
149 C C   . ALA A 22 ? 0.25144 0.22888 0.13237 0.00021  0.02376  -0.00530 285 ALA A C   
150 O O   . ALA A 22 ? 0.26489 0.25010 0.15598 0.00391  0.00785  -0.01753 285 ALA A O   
151 C CB  . ALA A 22 ? 0.25284 0.22807 0.13665 0.00117  0.04480  0.00280  285 ALA A CB  
152 N N   . LYS A 23 ? 0.24890 0.20253 0.14533 -0.00263 0.02361  -0.02333 286 LYS A N   
153 C CA  . LYS A 23 ? 0.24286 0.19849 0.16814 -0.00418 0.02803  -0.02582 286 LYS A CA  
154 C C   . LYS A 23 ? 0.22208 0.19962 0.16896 -0.02591 0.01646  -0.02848 286 LYS A C   
155 O O   . LYS A 23 ? 0.22151 0.22544 0.18712 -0.02150 -0.00034 -0.03290 286 LYS A O   
156 C CB  . LYS A 23 ? 0.25848 0.19283 0.19960 -0.00350 0.05136  -0.04953 286 LYS A CB  
157 C CG  . LYS A 23 ? 0.28222 0.22295 0.24233 -0.01218 0.07734  -0.07530 286 LYS A CG  
158 C CD  . LYS A 23 ? 0.31860 0.26583 0.30820 -0.00773 0.09377  -0.09720 286 LYS A CD  
159 C CE  . LYS A 23 ? 0.34391 0.28942 0.37614 0.01537  0.09910  -0.11638 286 LYS A CE  
160 N NZ  . LYS A 23 ? 0.37061 0.33173 0.41933 0.02198  0.08539  -0.12080 286 LYS A NZ  
161 N N   . LEU A 24 ? 0.21818 0.19665 0.16447 -0.02403 0.01899  -0.03324 287 LEU A N   
162 C CA  . LEU A 24 ? 0.21426 0.18723 0.17056 -0.02620 0.02521  -0.02970 287 LEU A CA  
163 C C   . LEU A 24 ? 0.23083 0.19628 0.18301 -0.01086 0.02189  -0.02464 287 LEU A C   
164 O O   . LEU A 24 ? 0.21019 0.20337 0.18351 -0.01581 0.00359  -0.01937 287 LEU A O   
165 C CB  . LEU A 24 ? 0.20952 0.19100 0.15808 -0.03772 0.01977  -0.02992 287 LEU A CB  
166 C CG  . LEU A 24 ? 0.21191 0.16752 0.15466 -0.05178 0.01831  -0.02053 287 LEU A CG  
167 C CD1 . LEU A 24 ? 0.21730 0.18227 0.14149 -0.06244 0.02279  -0.02593 287 LEU A CD1 
168 C CD2 . LEU A 24 ? 0.22048 0.19246 0.16497 -0.06423 0.01371  -0.01457 287 LEU A CD2 
169 N N   . SER A 25 ? 0.25681 0.20017 0.20981 0.02189  0.04268  -0.01619 288 SER A N   
170 C CA  . SER A 25 ? 0.28266 0.23125 0.24526 0.02563  0.03654  -0.00522 288 SER A CA  
171 C C   . SER A 25 ? 0.28236 0.26210 0.21531 0.03598  0.01927  0.01903  288 SER A C   
172 O O   . SER A 25 ? 0.28297 0.30991 0.21349 0.03107  0.01937  0.02400  288 SER A O   
173 C CB  . SER A 25 ? 0.32354 0.24454 0.29878 0.02812  0.02840  -0.01747 288 SER A CB  
174 O OG  . SER A 25 ? 0.35678 0.29328 0.33712 0.04722  0.02932  -0.02945 288 SER A OG  
175 N N   . GLY A 26 ? 0.29239 0.27074 0.23027 0.03793  -0.01445 0.00982  289 GLY A N   
176 C CA  . GLY A 26 ? 0.29871 0.29392 0.25585 0.03350  -0.05582 -0.00004 289 GLY A CA  
177 C C   . GLY A 26 ? 0.30486 0.26594 0.31434 0.01810  -0.08079 -0.02337 289 GLY A C   
178 O O   . GLY A 26 ? 0.31950 0.31427 0.33074 0.00184  -0.10199 -0.04510 289 GLY A O   
179 N N   . VAL A 27 ? 0.29231 0.21022 0.33824 0.03327  -0.08396 -0.00956 290 VAL A N   
180 C CA  A VAL A 27 ? 0.29587 0.22924 0.36289 0.02222  -0.06883 -0.00548 290 VAL A CA  
181 C CA  B VAL A 27 ? 0.29447 0.22442 0.36020 0.03156  -0.07294 -0.00427 290 VAL A CA  
182 C C   . VAL A 27 ? 0.26456 0.21485 0.35728 0.00045  -0.05178 0.00626  290 VAL A C   
183 O O   . VAL A 27 ? 0.26789 0.24882 0.40094 -0.03036 -0.02447 -0.01079 290 VAL A O   
184 C CB  A VAL A 27 ? 0.32390 0.25825 0.39329 0.02970  -0.06293 -0.00976 290 VAL A CB  
185 C CB  B VAL A 27 ? 0.32129 0.25184 0.39451 0.04969  -0.06645 -0.00774 290 VAL A CB  
186 C CG1 A VAL A 27 ? 0.32528 0.26303 0.40200 0.03277  -0.06486 -0.01231 290 VAL A CG1 
187 C CG1 B VAL A 27 ? 0.32905 0.26872 0.40230 0.05897  -0.06355 -0.00569 290 VAL A CG1 
188 C CG2 A VAL A 27 ? 0.34178 0.27583 0.40448 0.03452  -0.06003 -0.00806 290 VAL A CG2 
189 C CG2 B VAL A 27 ? 0.33394 0.25513 0.40993 0.05835  -0.06878 -0.00932 290 VAL A CG2 
190 N N   . THR A 28 ? 0.22303 0.18422 0.30482 0.01840  -0.04395 0.02641  291 THR A N   
191 C CA  . THR A 28 ? 0.19213 0.18248 0.26841 -0.00919 -0.01333 0.04311  291 THR A CA  
192 C C   . THR A 28 ? 0.16977 0.19363 0.21554 -0.01568 -0.00578 0.03814  291 THR A C   
193 O O   . THR A 28 ? 0.17201 0.19760 0.18761 -0.01023 0.02159  0.02974  291 THR A O   
194 C CB  . THR A 28 ? 0.18952 0.24308 0.25535 0.00125  -0.00588 0.07274  291 THR A CB  
195 O OG1 . THR A 28 ? 0.20027 0.28370 0.24365 0.00270  -0.00520 0.09129  291 THR A OG1 
196 C CG2 . THR A 28 ? 0.18490 0.29340 0.25983 -0.00116 -0.02077 0.06175  291 THR A CG2 
197 N N   . ALA A 29 ? 0.14169 0.19648 0.19061 -0.03092 -0.01126 0.04021  292 ALA A N   
198 C CA  . ALA A 29 ? 0.13117 0.24632 0.16059 -0.03640 -0.01541 0.01968  292 ALA A CA  
199 C C   . ALA A 29 ? 0.12753 0.26552 0.13379 -0.04738 -0.00559 0.03080  292 ALA A C   
200 O O   . ALA A 29 ? 0.13988 0.25595 0.16311 -0.03018 0.00290  -0.00635 292 ALA A O   
201 C CB  . ALA A 29 ? 0.13154 0.24655 0.16593 -0.02807 -0.01589 0.00307  292 ALA A CB  
202 N N   . ALA A 30 ? 0.14088 0.33087 0.12568 -0.05774 -0.01303 0.03397  293 ALA A N   
203 C CA  . ALA A 30 ? 0.14723 0.33764 0.13995 -0.04809 -0.01317 0.02504  293 ALA A CA  
204 C C   . ALA A 30 ? 0.11932 0.29435 0.14980 -0.03119 0.00408  -0.01509 293 ALA A C   
205 O O   . ALA A 30 ? 0.12049 0.27015 0.12524 -0.01612 -0.00103 -0.00674 293 ALA A O   
206 C CB  . ALA A 30 ? 0.18536 0.35554 0.15080 -0.04211 -0.01291 0.06118  293 ALA A CB  
207 N N   . PRO A 31 ? 0.11908 0.31472 0.16936 -0.00717 -0.00091 -0.05083 294 PRO A N   
208 C CA  . PRO A 31 ? 0.11059 0.28345 0.17189 0.02070  -0.01950 -0.05155 294 PRO A CA  
209 C C   . PRO A 31 ? 0.09902 0.22494 0.14052 0.00316  -0.02134 -0.01780 294 PRO A C   
210 O O   . PRO A 31 ? 0.11385 0.25134 0.13915 -0.00170 0.00307  0.00316  294 PRO A O   
211 C CB  . PRO A 31 ? 0.13205 0.31401 0.20720 0.03787  -0.02430 -0.07456 294 PRO A CB  
212 C CG  . PRO A 31 ? 0.13359 0.35904 0.23115 0.02934  -0.01238 -0.09072 294 PRO A CG  
213 C CD  . PRO A 31 ? 0.11151 0.35815 0.22858 -0.01581 0.01982  -0.08827 294 PRO A CD  
214 N N   . VAL A 32 ? 0.10049 0.18605 0.12688 0.00102  -0.01074 0.00345  295 VAL A N   
215 C CA  . VAL A 32 ? 0.10531 0.17207 0.13826 0.00237  -0.00759 -0.00758 295 VAL A CA  
216 C C   . VAL A 32 ? 0.10937 0.15682 0.13469 -0.00604 -0.01464 0.01929  295 VAL A C   
217 O O   . VAL A 32 ? 0.14786 0.17271 0.16727 0.00017  -0.02206 0.03381  295 VAL A O   
218 C CB  . VAL A 32 ? 0.12366 0.18297 0.13017 -0.00922 -0.00361 -0.00532 295 VAL A CB  
219 C CG1 . VAL A 32 ? 0.13331 0.18437 0.15269 -0.00411 0.01488  -0.00280 295 VAL A CG1 
220 C CG2 . VAL A 32 ? 0.14305 0.21615 0.17580 -0.01662 0.00118  -0.02714 295 VAL A CG2 
221 N N   . PHE A 33 ? 0.10980 0.13202 0.13981 -0.00507 -0.00708 -0.00626 296 PHE A N   
222 C CA  . PHE A 33 ? 0.11048 0.13316 0.14201 -0.01640 -0.00127 -0.00314 296 PHE A CA  
223 C C   . PHE A 33 ? 0.11415 0.13431 0.12852 -0.02345 -0.00418 0.01061  296 PHE A C   
224 O O   . PHE A 33 ? 0.11986 0.12219 0.16307 -0.01353 -0.00306 0.01307  296 PHE A O   
225 C CB  . PHE A 33 ? 0.13549 0.12575 0.16886 -0.01723 -0.00285 -0.01157 296 PHE A CB  
226 C CG  . PHE A 33 ? 0.12847 0.13395 0.17074 -0.02198 0.01046  -0.01932 296 PHE A CG  
227 C CD1 . PHE A 33 ? 0.14829 0.14166 0.17699 -0.01444 0.03081  -0.03140 296 PHE A CD1 
228 C CD2 . PHE A 33 ? 0.15099 0.14742 0.15164 -0.00393 -0.00573 -0.01743 296 PHE A CD2 
229 C CE1 . PHE A 33 ? 0.15443 0.16334 0.18090 -0.03343 0.02364  -0.04794 296 PHE A CE1 
230 C CE2 . PHE A 33 ? 0.15203 0.13573 0.17083 -0.01795 0.01890  -0.03931 296 PHE A CE2 
231 C CZ  . PHE A 33 ? 0.15973 0.15572 0.17419 -0.03005 0.01922  -0.05178 296 PHE A CZ  
232 N N   . ILE A 34 ? 0.11901 0.11919 0.15340 -0.01496 -0.01119 -0.00033 297 ILE A N   
233 C CA  . ILE A 34 ? 0.11212 0.12609 0.14223 -0.01419 -0.00545 0.00333  297 ILE A CA  
234 C C   . ILE A 34 ? 0.12256 0.12337 0.14958 -0.01411 -0.00442 0.00152  297 ILE A C   
235 O O   . ILE A 34 ? 0.18094 0.12424 0.18415 -0.00263 -0.01829 -0.00629 297 ILE A O   
236 C CB  . ILE A 34 ? 0.12708 0.16480 0.15672 -0.01254 0.01166  -0.02251 297 ILE A CB  
237 C CG1 . ILE A 34 ? 0.16715 0.19987 0.17135 -0.00788 0.02478  -0.03370 297 ILE A CG1 
238 C CG2 . ILE A 34 ? 0.11876 0.19913 0.18747 -0.01474 0.01141  -0.02576 297 ILE A CG2 
239 C CD1 . ILE A 34 ? 0.19498 0.22561 0.19580 -0.00271 0.03895  -0.03453 297 ILE A CD1 
240 N N   . SER A 35 ? 0.10521 0.14514 0.14270 -0.01561 -0.00634 -0.00687 298 SER A N   
241 C CA  . SER A 35 ? 0.12429 0.16028 0.15726 -0.00853 -0.01903 -0.00836 298 SER A CA  
242 C C   . SER A 35 ? 0.11069 0.12846 0.18262 0.00337  -0.02237 -0.01830 298 SER A C   
243 O O   . SER A 35 ? 0.13007 0.13392 0.20371 0.00775  -0.04091 -0.02754 298 SER A O   
244 C CB  . SER A 35 ? 0.17096 0.21295 0.15475 -0.02076 -0.00807 -0.01529 298 SER A CB  
245 O OG  . SER A 35 ? 0.22523 0.24094 0.15635 -0.00971 -0.02676 -0.01609 298 SER A OG  
246 N N   . SER A 36 ? 0.11365 0.13018 0.19401 -0.01108 -0.02108 -0.02400 299 SER A N   
247 C CA  . SER A 36 ? 0.11660 0.16430 0.22459 -0.02025 -0.01916 -0.04097 299 SER A CA  
248 C C   . SER A 36 ? 0.12286 0.15410 0.22910 -0.00424 -0.02312 -0.02838 299 SER A C   
249 O O   . SER A 36 ? 0.14583 0.17499 0.25684 0.01928  -0.03679 -0.05645 299 SER A O   
250 C CB  . SER A 36 ? 0.12697 0.21660 0.21467 -0.04735 -0.01387 -0.05116 299 SER A CB  
251 O OG  . SER A 36 ? 0.14434 0.28874 0.23304 -0.06420 -0.00468 -0.08146 299 SER A OG  
252 N N   . VAL A 37 ? 0.11208 0.15199 0.20960 -0.01828 -0.01331 -0.00980 300 VAL A N   
253 C CA  . VAL A 37 ? 0.12539 0.15778 0.20521 -0.00393 -0.01744 0.00553  300 VAL A CA  
254 C C   . VAL A 37 ? 0.11241 0.14720 0.20321 -0.00644 -0.01281 0.00219  300 VAL A C   
255 O O   . VAL A 37 ? 0.11637 0.17680 0.24750 -0.00432 -0.00778 -0.03672 300 VAL A O   
256 C CB  . VAL A 37 ? 0.14464 0.17848 0.24478 0.00493  0.00900  0.00129  300 VAL A CB  
257 C CG1 . VAL A 37 ? 0.15472 0.20340 0.26597 0.00556  0.03049  -0.00815 300 VAL A CG1 
258 C CG2 . VAL A 37 ? 0.15057 0.19588 0.25460 -0.00746 0.00061  0.00444  300 VAL A CG2 
259 N N   . VAL A 38 ? 0.11142 0.15654 0.19491 0.00106  -0.02334 0.02186  301 VAL A N   
260 C CA  . VAL A 38 ? 0.12726 0.15187 0.19459 -0.00173 -0.02331 0.04153  301 VAL A CA  
261 C C   . VAL A 38 ? 0.14532 0.17353 0.19569 0.00733  -0.01419 0.04874  301 VAL A C   
262 O O   . VAL A 38 ? 0.16660 0.21639 0.18925 0.00233  0.01030  0.04291  301 VAL A O   
263 C CB  . VAL A 38 ? 0.13224 0.15267 0.20870 -0.01255 -0.04334 0.02921  301 VAL A CB  
264 C CG1 . VAL A 38 ? 0.12717 0.18073 0.21229 -0.00785 -0.02595 0.02995  301 VAL A CG1 
265 C CG2 . VAL A 38 ? 0.15805 0.15034 0.22688 0.00489  -0.05055 0.02702  301 VAL A CG2 
266 N N   . ARG A 39 ? 0.13956 0.15890 0.22654 0.02605  -0.01494 0.05626  302 ARG A N   
267 C CA  . ARG A 39 ? 0.14019 0.18427 0.25844 0.02223  -0.01535 0.06709  302 ARG A CA  
268 C C   . ARG A 39 ? 0.13720 0.16411 0.25212 0.00954  -0.02527 0.07637  302 ARG A C   
269 O O   . ARG A 39 ? 0.12803 0.17989 0.25686 -0.00065 -0.01704 0.06629  302 ARG A O   
270 C CB  . ARG A 39 ? 0.15803 0.23481 0.30457 0.00552  -0.00272 0.06069  302 ARG A CB  
271 C CG  . ARG A 39 ? 0.18810 0.32819 0.32905 -0.00570 0.00045  0.05030  302 ARG A CG  
272 C CD  . ARG A 39 ? 0.20562 0.41973 0.33373 0.00157  0.00665  0.05722  302 ARG A CD  
273 N NE  . ARG A 39 ? 0.21675 0.46405 0.33175 -0.01306 0.02139  0.06695  302 ARG A NE  
274 C CZ  . ARG A 39 ? 0.21973 0.50551 0.33062 -0.03236 0.03558  0.06660  302 ARG A CZ  
275 N NH1 . ARG A 39 ? 0.22666 0.49703 0.31885 -0.03963 0.04137  0.07335  302 ARG A NH1 
276 N NH2 . ARG A 39 ? 0.22233 0.53616 0.34790 -0.04105 0.03693  0.05768  302 ARG A NH2 
277 N N   . ASN A 40 ? 0.14561 0.17825 0.26593 0.00576  -0.02572 0.07441  303 ASN A N   
278 C CA  . ASN A 40 ? 0.16063 0.18649 0.28154 0.02552  -0.02481 0.07357  303 ASN A CA  
279 C C   . ASN A 40 ? 0.16564 0.19180 0.28950 0.01625  -0.03736 0.06813  303 ASN A C   
280 O O   . ASN A 40 ? 0.15325 0.18931 0.31012 0.01468  -0.03231 0.05790  303 ASN A O   
281 C CB  . ASN A 40 ? 0.17229 0.19710 0.29471 0.01992  -0.01082 0.07633  303 ASN A CB  
282 C CG  . ASN A 40 ? 0.18505 0.20833 0.29086 0.03191  -0.02277 0.09014  303 ASN A CG  
283 O OD1 . ASN A 40 ? 0.19462 0.22551 0.28079 0.01479  -0.02458 0.10434  303 ASN A OD1 
284 N ND2 . ASN A 40 ? 0.19575 0.22915 0.29093 0.01624  -0.00739 0.08801  303 ASN A ND2 
285 N N   . GLN A 41 ? 0.16669 0.17759 0.28897 -0.00071 -0.05295 0.07904  304 GLN A N   
286 C CA  . GLN A 41 ? 0.16413 0.19655 0.30032 -0.01827 -0.05741 0.07630  304 GLN A CA  
287 C C   . GLN A 41 ? 0.15658 0.22080 0.28253 -0.02475 -0.02914 0.08126  304 GLN A C   
288 O O   . GLN A 41 ? 0.16780 0.26871 0.30497 -0.02650 -0.03013 0.08016  304 GLN A O   
289 C CB  . GLN A 41 ? 0.16976 0.20415 0.34142 -0.02054 -0.08454 0.05617  304 GLN A CB  
290 C CG  . GLN A 41 ? 0.19779 0.19935 0.35639 -0.01629 -0.08965 0.06607  304 GLN A CG  
291 C CD  . GLN A 41 ? 0.20767 0.18676 0.40772 -0.01159 -0.10456 0.05308  304 GLN A CD  
292 O OE1 . GLN A 41 ? 0.21719 0.19931 0.44981 -0.01618 -0.10207 0.03676  304 GLN A OE1 
293 N NE2 . GLN A 41 ? 0.20867 0.20036 0.41052 -0.02268 -0.11451 0.04425  304 GLN A NE2 
294 N N   . GLN A 42 ? 0.14659 0.21233 0.24764 -0.00457 -0.01559 0.07309  305 GLN A N   
295 C CA  . GLN A 42 ? 0.15235 0.21915 0.21992 0.01496  -0.00630 0.05287  305 GLN A CA  
296 C C   . GLN A 42 ? 0.11644 0.18945 0.20864 0.01388  0.00099  0.05405  305 GLN A C   
297 O O   . GLN A 42 ? 0.14838 0.21707 0.20540 0.03937  0.00329  0.05029  305 GLN A O   
303 N N   . ILE A 43 ? 0.11253 0.20881 0.20157 0.00466  0.00011  0.04039  306 ILE A N   
304 C CA  . ILE A 43 ? 0.11916 0.18068 0.20640 0.01117  -0.02151 0.02547  306 ILE A CA  
305 C C   . ILE A 43 ? 0.12914 0.16595 0.22435 0.01281  -0.00935 0.00079  306 ILE A C   
306 O O   . ILE A 43 ? 0.16691 0.18742 0.22663 0.00910  0.00913  -0.00515 306 ILE A O   
307 C CB  . ILE A 43 ? 0.15625 0.17459 0.21807 -0.00105 -0.03593 0.02153  306 ILE A CB  
308 C CG1 . ILE A 43 ? 0.19260 0.20265 0.23312 -0.02464 -0.03043 0.01103  306 ILE A CG1 
309 C CG2 . ILE A 43 ? 0.16486 0.21034 0.23256 0.01254  -0.05282 0.01470  306 ILE A CG2 
310 C CD1 . ILE A 43 ? 0.20080 0.21064 0.23516 -0.03755 -0.03265 -0.00638 306 ILE A CD1 
311 N N   . LEU A 44 ? 0.10877 0.16198 0.23817 -0.00151 -0.01718 -0.00222 307 LEU A N   
312 C CA  . LEU A 44 ? 0.11142 0.15332 0.26125 0.00221  -0.01841 -0.01879 307 LEU A CA  
313 C C   . LEU A 44 ? 0.10068 0.12886 0.23403 -0.00578 -0.00614 -0.01445 307 LEU A C   
314 O O   . LEU A 44 ? 0.11505 0.14489 0.22476 0.00545  -0.01921 -0.03721 307 LEU A O   
315 C CB  . LEU A 44 ? 0.14708 0.17296 0.29230 0.01062  -0.02553 -0.01972 307 LEU A CB  
316 C CG  . LEU A 44 ? 0.16710 0.17981 0.30484 0.00903  -0.03069 -0.00838 307 LEU A CG  
317 C CD1 . LEU A 44 ? 0.19012 0.19720 0.32890 0.01491  -0.02528 -0.02237 307 LEU A CD1 
318 C CD2 . LEU A 44 ? 0.17756 0.23659 0.29738 0.00426  -0.03498 -0.00305 307 LEU A CD2 
319 N N   . HIS A 45 ? 0.10776 0.13430 0.22098 -0.01876 0.00346  -0.01960 308 HIS A N   
320 C CA  . HIS A 45 ? 0.11559 0.13670 0.19579 -0.02466 0.00369  -0.01769 308 HIS A CA  
321 C C   . HIS A 45 ? 0.11490 0.13305 0.20184 -0.00595 0.00351  -0.01809 308 HIS A C   
322 O O   . HIS A 45 ? 0.12402 0.13015 0.23692 -0.00848 0.01447  -0.04188 308 HIS A O   
323 C CB  . HIS A 45 ? 0.13860 0.14837 0.19466 -0.03905 0.01450  -0.01809 308 HIS A CB  
324 C CG  . HIS A 45 ? 0.15867 0.18017 0.20756 -0.04096 0.02135  -0.03583 308 HIS A CG  
325 N ND1 . HIS A 45 ? 0.18686 0.18391 0.18463 -0.06025 0.01811  -0.01163 308 HIS A ND1 
326 C CD2 . HIS A 45 ? 0.17938 0.20726 0.24519 -0.05739 0.03858  -0.04938 308 HIS A CD2 
327 C CE1 . HIS A 45 ? 0.20763 0.22857 0.19997 -0.07137 0.03352  -0.01168 308 HIS A CE1 
328 N NE2 . HIS A 45 ? 0.18905 0.22861 0.23393 -0.08161 0.04783  -0.03720 308 HIS A NE2 
329 N N   . ARG A 46 ? 0.10614 0.12181 0.16959 -0.00522 -0.00154 0.00187  309 ARG A N   
330 C CA  . ARG A 46 ? 0.11491 0.12106 0.17591 -0.01832 -0.00489 0.00278  309 ARG A CA  
331 C C   . ARG A 46 ? 0.11624 0.10218 0.17326 -0.02676 -0.00579 0.00187  309 ARG A C   
332 O O   . ARG A 46 ? 0.15516 0.10683 0.23952 0.00135  -0.04301 -0.03171 309 ARG A O   
333 C CB  . ARG A 46 ? 0.14470 0.13107 0.17254 0.00427  -0.01091 0.01075  309 ARG A CB  
334 C CG  . ARG A 46 ? 0.18229 0.23183 0.19692 0.05261  -0.03535 -0.01455 309 ARG A CG  
335 C CD  . ARG A 46 ? 0.23731 0.21692 0.27502 0.04740  -0.06860 -0.04313 309 ARG A CD  
336 N NE  . ARG A 46 ? 0.22400 0.18336 0.27465 0.01829  -0.07949 -0.02743 309 ARG A NE  
337 C CZ  . ARG A 46 ? 0.23161 0.20384 0.25493 -0.06095 -0.06264 0.02093  309 ARG A CZ  
338 N NH1 . ARG A 46 ? 0.26084 0.25232 0.26010 -0.06582 -0.06494 0.04805  309 ARG A NH1 
339 N NH2 . ARG A 46 ? 0.20754 0.26503 0.23449 -0.05704 -0.02701 0.03298  309 ARG A NH2 
340 N N   . VAL A 47 ? 0.10548 0.12061 0.14700 -0.02205 0.01012  -0.00037 310 VAL A N   
341 C CA  . VAL A 47 ? 0.11407 0.11688 0.13318 -0.02996 0.01211  -0.00490 310 VAL A CA  
342 C C   . VAL A 47 ? 0.11870 0.09083 0.13196 -0.02480 0.00835  -0.00138 310 VAL A C   
343 O O   . VAL A 47 ? 0.13503 0.10945 0.14065 -0.02024 0.00563  0.00425  310 VAL A O   
344 C CB  . VAL A 47 ? 0.14382 0.15972 0.13538 -0.03459 0.02593  -0.00813 310 VAL A CB  
345 C CG1 . VAL A 47 ? 0.16587 0.19348 0.13722 -0.03734 -0.00489 -0.01172 310 VAL A CG1 
346 C CG2 . VAL A 47 ? 0.17086 0.16332 0.15640 -0.03637 0.04804  -0.01192 310 VAL A CG2 
347 N N   . ARG A 48 ? 0.11547 0.12718 0.11867 -0.01080 0.00571  0.00811  311 ARG A N   
348 C CA  . ARG A 48 ? 0.11113 0.13309 0.11886 -0.01537 0.00145  0.00261  311 ARG A CA  
349 C C   . ARG A 48 ? 0.10870 0.13204 0.12038 -0.02562 0.01104  0.00505  311 ARG A C   
350 O O   . ARG A 48 ? 0.11959 0.14387 0.12650 -0.01978 -0.00118 0.02013  311 ARG A O   
351 C CB  . ARG A 48 ? 0.12262 0.13096 0.12233 -0.00035 -0.01938 -0.00714 311 ARG A CB  
352 C CG  . ARG A 48 ? 0.12284 0.14277 0.13258 -0.01642 -0.01390 -0.01015 311 ARG A CG  
353 C CD  . ARG A 48 ? 0.12820 0.16503 0.13524 -0.00650 -0.02404 -0.01043 311 ARG A CD  
354 N NE  . ARG A 48 ? 0.12397 0.17051 0.13709 -0.02333 -0.01563 0.00487  311 ARG A NE  
355 C CZ  . ARG A 48 ? 0.14685 0.20618 0.15363 -0.01000 -0.01596 0.00551  311 ARG A CZ  
356 N NH1 . ARG A 48 ? 0.17916 0.26972 0.17045 0.00191  -0.01215 -0.01808 311 ARG A NH1 
357 N NH2 . ARG A 48 ? 0.16838 0.25588 0.16266 0.00844  -0.03019 0.01545  311 ARG A NH2 
358 N N   . LEU A 49 ? 0.11166 0.15784 0.13237 -0.01876 -0.00502 -0.00513 312 LEU A N   
359 C CA  . LEU A 49 ? 0.12850 0.18713 0.14397 -0.02370 -0.00787 -0.02566 312 LEU A CA  
360 C C   . LEU A 49 ? 0.12821 0.12285 0.12592 -0.02407 0.01078  0.00005  312 LEU A C   
361 O O   . LEU A 49 ? 0.14159 0.12509 0.14803 0.00167  0.02521  0.01168  312 LEU A O   
362 C CB  . LEU A 49 ? 0.17442 0.22040 0.20296 0.01633  -0.01221 -0.03418 312 LEU A CB  
363 C CG  . LEU A 49 ? 0.19651 0.21882 0.19468 0.01870  -0.02675 0.01839  312 LEU A CG  
364 C CD1 . LEU A 49 ? 0.20839 0.24832 0.24810 -0.01713 -0.01892 -0.00770 312 LEU A CD1 
365 C CD2 . LEU A 49 ? 0.22806 0.34034 0.19735 0.05771  0.00183  0.01360  312 LEU A CD2 
366 N N   . GLY A 50 ? 0.14002 0.12124 0.14594 -0.00443 0.02997  -0.00894 313 GLY A N   
367 C CA  . GLY A 50 ? 0.16422 0.10817 0.16269 0.01211  0.03019  -0.01229 313 GLY A CA  
368 C C   . GLY A 50 ? 0.19343 0.11967 0.15967 0.00395  0.03393  0.00027  313 GLY A C   
369 O O   . GLY A 50 ? 0.24326 0.11943 0.17772 -0.00918 0.04913  0.00003  313 GLY A O   
370 N N   . PRO A 51 ? 0.18147 0.10275 0.15016 0.00916  0.01936  -0.00739 314 PRO A N   
371 C CA  . PRO A 51 ? 0.17129 0.11307 0.14155 0.00072  0.01212  -0.00978 314 PRO A CA  
372 C C   . PRO A 51 ? 0.16906 0.12032 0.12218 0.00984  -0.01040 0.01074  314 PRO A C   
373 O O   . PRO A 51 ? 0.21760 0.14108 0.15546 0.00177  -0.04085 0.00608  314 PRO A O   
374 C CB  . PRO A 51 ? 0.16618 0.12739 0.14569 0.01224  0.01264  -0.02017 314 PRO A CB  
375 C CG  . PRO A 51 ? 0.18265 0.14339 0.16105 0.01046  0.00854  -0.01587 314 PRO A CG  
376 C CD  . PRO A 51 ? 0.20316 0.12206 0.17025 0.02235  0.01278  -0.01461 314 PRO A CD  
377 N N   . ILE A 52 ? 0.14635 0.12605 0.11941 -0.00250 0.00573  0.00891  315 ILE A N   
378 C CA  . ILE A 52 ? 0.15262 0.12127 0.13281 0.00539  -0.00656 -0.00153 315 ILE A CA  
379 C C   . ILE A 52 ? 0.14255 0.12644 0.13425 0.00518  -0.01052 0.00284  315 ILE A C   
380 O O   . ILE A 52 ? 0.14827 0.17231 0.12125 0.00931  -0.00817 0.00672  315 ILE A O   
381 C CB  . ILE A 52 ? 0.18359 0.12411 0.14501 0.00552  0.01074  -0.01247 315 ILE A CB  
382 C CG1 . ILE A 52 ? 0.22009 0.16178 0.18556 0.01081  0.04989  -0.02749 315 ILE A CG1 
383 C CG2 . ILE A 52 ? 0.19269 0.11976 0.15122 0.00300  -0.02947 -0.01979 315 ILE A CG2 
384 C CD1 . ILE A 52 ? 0.26771 0.20755 0.21154 0.01337  0.05513  -0.03518 315 ILE A CD1 
385 N N   . GLY A 53 ? 0.13600 0.13265 0.15370 0.01811  -0.01299 -0.00160 316 GLY A N   
386 C CA  . GLY A 53 ? 0.14690 0.14346 0.14936 0.01624  -0.01002 -0.00025 316 GLY A CA  
387 C C   . GLY A 53 ? 0.13252 0.15758 0.15277 0.01662  -0.00941 -0.00058 316 GLY A C   
388 O O   . GLY A 53 ? 0.16466 0.16797 0.16619 0.02996  0.01659  -0.00124 316 GLY A O   
389 N N   . SER A 54 ? 0.12864 0.12948 0.15160 0.00945  -0.01652 0.00916  317 SER A N   
390 C CA  . SER A 54 ? 0.11947 0.13287 0.15649 0.00441  0.01194  0.00412  317 SER A CA  
391 C C   . SER A 54 ? 0.12336 0.13591 0.13580 0.01052  -0.00585 0.01693  317 SER A C   
392 O O   . SER A 54 ? 0.12255 0.14471 0.13929 0.01384  -0.00242 0.01431  317 SER A O   
393 C CB  . SER A 54 ? 0.13171 0.14784 0.15595 -0.00034 0.01021  -0.00083 317 SER A CB  
394 O OG  . SER A 54 ? 0.12561 0.14526 0.16861 0.00680  -0.01387 -0.00408 317 SER A OG  
395 N N   . ALA A 55 ? 0.14195 0.14256 0.14459 0.02137  -0.00102 0.02517  318 ALA A N   
396 C CA  . ALA A 55 ? 0.17053 0.15572 0.12527 0.02283  -0.01111 0.03642  318 ALA A CA  
397 C C   . ALA A 55 ? 0.15195 0.13966 0.14354 0.01194  -0.00679 0.03713  318 ALA A C   
398 O O   . ALA A 55 ? 0.15283 0.13655 0.14306 0.02431  0.00069  0.03267  318 ALA A O   
399 C CB  . ALA A 55 ? 0.20135 0.17812 0.15817 0.02187  -0.00635 0.01828  318 ALA A CB  
400 N N   . ASP A 56 ? 0.15805 0.13653 0.15897 -0.00415 -0.00833 0.02598  319 ASP A N   
401 C CA  . ASP A 56 ? 0.15839 0.16546 0.17127 -0.02537 -0.00592 0.03383  319 ASP A CA  
402 C C   . ASP A 56 ? 0.13119 0.12593 0.15926 0.00779  -0.00923 0.02678  319 ASP A C   
403 O O   . ASP A 56 ? 0.14494 0.12044 0.15815 0.00721  -0.00202 0.01384  319 ASP A O   
404 C CB  . ASP A 56 ? 0.18119 0.25406 0.21534 -0.07149 0.01750  0.02957  319 ASP A CB  
405 C CG  . ASP A 56 ? 0.22765 0.35362 0.27806 -0.07342 0.02658  0.01280  319 ASP A CG  
406 O OD1 . ASP A 56 ? 0.26218 0.29906 0.30410 -0.08604 0.04415  0.03339  319 ASP A OD1 
407 O OD2 . ASP A 56 ? 0.23691 0.41731 0.30416 -0.07666 0.02865  0.00269  319 ASP A OD2 
408 N N   . GLU A 57 ? 0.12264 0.13338 0.14934 0.00297  -0.01640 0.02176  320 GLU A N   
409 C CA  . GLU A 57 ? 0.11688 0.12178 0.13363 0.01239  -0.00836 0.01099  320 GLU A CA  
410 C C   . GLU A 57 ? 0.11911 0.10059 0.13126 0.02401  -0.02036 0.00026  320 GLU A C   
411 O O   . GLU A 57 ? 0.13238 0.11244 0.11699 0.02379  0.00005  0.00112  320 GLU A O   
412 C CB  . GLU A 57 ? 0.12581 0.12230 0.13663 0.02603  -0.01254 0.00442  320 GLU A CB  
413 C CG  . GLU A 57 ? 0.14504 0.12165 0.13364 0.02368  -0.01374 0.01726  320 GLU A CG  
414 C CD  . GLU A 57 ? 0.15422 0.12621 0.15803 0.01499  -0.01120 0.01739  320 GLU A CD  
415 O OE1 . GLU A 57 ? 0.16617 0.12704 0.17182 0.02846  -0.01747 0.02126  320 GLU A OE1 
416 O OE2 . GLU A 57 ? 0.17646 0.12655 0.17194 0.02527  -0.01680 0.02773  320 GLU A OE2 
417 N N   . VAL A 58 ? 0.11698 0.10639 0.12353 0.01136  -0.02434 0.00779  321 VAL A N   
418 C CA  . VAL A 58 ? 0.11884 0.13055 0.12422 0.02187  -0.01232 0.00507  321 VAL A CA  
419 C C   . VAL A 58 ? 0.13677 0.11598 0.14129 0.01236  -0.01315 0.00738  321 VAL A C   
420 O O   . VAL A 58 ? 0.13493 0.12452 0.13014 0.02476  -0.00663 0.00419  321 VAL A O   
421 C CB  . VAL A 58 ? 0.11356 0.15228 0.12282 0.00875  -0.01646 -0.00713 321 VAL A CB  
422 C CG1 . VAL A 58 ? 0.12892 0.19091 0.12697 0.02346  -0.01490 0.00138  321 VAL A CG1 
423 C CG2 . VAL A 58 ? 0.14149 0.15614 0.13062 0.01327  -0.01784 -0.01480 321 VAL A CG2 
424 N N   . SER A 59 ? 0.14998 0.11243 0.15090 0.02121  -0.00533 0.01992  322 SER A N   
425 C CA  A SER A 59 ? 0.16907 0.12629 0.16996 0.02719  0.00720  0.01452  322 SER A CA  
426 C CA  B SER A 59 ? 0.15969 0.11449 0.16440 0.02805  0.00290  0.01278  322 SER A CA  
427 C CA  C SER A 59 ? 0.17173 0.12239 0.16334 0.02839  0.00347  0.01291  322 SER A CA  
428 C C   . SER A 59 ? 0.15930 0.09385 0.16734 0.02671  0.00450  0.01333  322 SER A C   
429 O O   . SER A 59 ? 0.15324 0.09748 0.18814 0.01606  0.00205  -0.00634 322 SER A O   
430 C CB  A SER A 59 ? 0.20583 0.13873 0.20764 0.02698  0.01231  0.00326  322 SER A CB  
431 C CB  B SER A 59 ? 0.17217 0.12508 0.17958 0.03288  0.00517  0.00127  322 SER A CB  
432 C CB  C SER A 59 ? 0.21327 0.13139 0.18581 0.03147  0.00018  -0.00118 322 SER A CB  
433 O OG  A SER A 59 ? 0.21086 0.13117 0.20617 0.00987  0.02543  0.00859  322 SER A OG  
434 O OG  B SER A 59 ? 0.17259 0.12265 0.17775 0.03350  0.00780  -0.00277 322 SER A OG  
435 O OG  C SER A 59 ? 0.22672 0.12938 0.17248 0.02027  0.00029  -0.00188 322 SER A OG  
436 N N   . ARG A 60 ? 0.14940 0.08929 0.17122 0.00718  0.00077  0.00504  323 ARG A N   
437 C CA  . ARG A 60 ? 0.14692 0.11689 0.16776 0.01155  -0.00526 -0.00463 323 ARG A CA  
438 C C   . ARG A 60 ? 0.14777 0.11769 0.14319 0.00873  -0.00892 -0.00780 323 ARG A C   
439 O O   . ARG A 60 ? 0.15331 0.12931 0.15134 0.00034  -0.01070 -0.02337 323 ARG A O   
440 C CB  . ARG A 60 ? 0.14720 0.13649 0.20026 0.00206  -0.00616 -0.01069 323 ARG A CB  
441 C CG  . ARG A 60 ? 0.14550 0.18055 0.23751 -0.00246 -0.00989 -0.02609 323 ARG A CG  
442 C CD  . ARG A 60 ? 0.16100 0.26272 0.24660 0.02049  -0.01438 -0.03464 323 ARG A CD  
443 N NE  . ARG A 60 ? 0.15634 0.30891 0.24535 0.02114  -0.01313 -0.03412 323 ARG A NE  
444 C CZ  . ARG A 60 ? 0.18924 0.32832 0.26460 0.02253  -0.01023 -0.03085 323 ARG A CZ  
445 N NH1 . ARG A 60 ? 0.19675 0.33174 0.26141 0.05781  -0.03050 -0.03199 323 ARG A NH1 
446 N NH2 . ARG A 60 ? 0.21824 0.34945 0.28437 0.02979  -0.01613 -0.02805 323 ARG A NH2 
447 N N   . THR A 61 ? 0.14561 0.09484 0.14676 0.00125  -0.01176 -0.00358 324 THR A N   
448 C CA  . THR A 61 ? 0.14424 0.10670 0.14224 -0.00171 -0.00588 -0.01068 324 THR A CA  
449 C C   . THR A 61 ? 0.14928 0.09227 0.14456 0.00077  -0.00693 -0.01833 324 THR A C   
450 O O   . THR A 61 ? 0.16055 0.10715 0.14239 -0.00071 0.01071  -0.02473 324 THR A O   
451 C CB  . THR A 61 ? 0.14418 0.10804 0.15382 -0.00193 0.00250  -0.00580 324 THR A CB  
452 O OG1 . THR A 61 ? 0.15676 0.11050 0.16118 0.01192  -0.00400 0.00143  324 THR A OG1 
453 C CG2 . THR A 61 ? 0.16594 0.11310 0.16901 -0.02001 0.01769  -0.00473 324 THR A CG2 
454 N N   . GLN A 62 ? 0.14197 0.11108 0.15814 0.01083  -0.01806 -0.01261 325 GLN A N   
455 C CA  . GLN A 62 ? 0.15509 0.10337 0.17650 0.02447  -0.02062 -0.01782 325 GLN A CA  
456 C C   . GLN A 62 ? 0.15679 0.11854 0.17451 0.00519  0.00081  -0.02195 325 GLN A C   
457 O O   . GLN A 62 ? 0.14829 0.11569 0.17056 -0.00482 0.01457  -0.02671 325 GLN A O   
458 C CB  . GLN A 62 ? 0.15317 0.11117 0.18270 0.01453  -0.02744 -0.01236 325 GLN A CB  
459 C CG  . GLN A 62 ? 0.15394 0.12336 0.18876 0.01400  -0.01791 -0.00237 325 GLN A CG  
460 C CD  . GLN A 62 ? 0.16603 0.13338 0.20972 -0.00119 -0.01711 0.02495  325 GLN A CD  
461 O OE1 . GLN A 62 ? 0.19454 0.21341 0.20716 -0.00382 0.00766  0.03840  325 GLN A OE1 
462 N NE2 . GLN A 62 ? 0.19112 0.20215 0.21040 -0.02138 -0.03305 0.04477  325 GLN A NE2 
463 N N   . ASP A 63 ? 0.14609 0.10439 0.18973 -0.00626 0.00618  -0.02801 326 ASP A N   
464 C CA  . ASP A 63 ? 0.15446 0.12735 0.19706 -0.01252 0.01103  -0.04156 326 ASP A CA  
465 C C   . ASP A 63 ? 0.16215 0.13701 0.17515 -0.00892 -0.00539 -0.04382 326 ASP A C   
466 O O   . ASP A 63 ? 0.17616 0.12155 0.18782 -0.01500 0.00376  -0.05069 326 ASP A O   
467 C CB  . ASP A 63 ? 0.15889 0.12980 0.21707 -0.01642 0.01408  -0.03443 326 ASP A CB  
468 C CG  . ASP A 63 ? 0.17291 0.14960 0.24980 -0.01848 0.01536  -0.03845 326 ASP A CG  
469 O OD1 . ASP A 63 ? 0.20215 0.13431 0.23103 -0.00846 0.00681  -0.02839 326 ASP A OD1 
470 O OD2 . ASP A 63 ? 0.17661 0.19271 0.28859 -0.03333 0.02285  -0.03386 326 ASP A OD2 
471 N N   . SER A 64 ? 0.16735 0.13610 0.16533 -0.01175 -0.01207 -0.03724 327 SER A N   
472 C CA  A SER A 64 ? 0.18218 0.15446 0.17181 -0.00949 -0.01717 -0.03941 327 SER A CA  
473 C CA  B SER A 64 ? 0.18121 0.14110 0.16664 -0.00595 -0.00762 -0.04547 327 SER A CA  
474 C C   . SER A 64 ? 0.18140 0.11643 0.16665 -0.00536 -0.00171 -0.04130 327 SER A C   
475 O O   . SER A 64 ? 0.20255 0.13941 0.15786 -0.01031 0.01285  -0.04163 327 SER A O   
476 C CB  A SER A 64 ? 0.20102 0.19632 0.18242 0.00643  -0.02924 -0.02076 327 SER A CB  
477 C CB  B SER A 64 ? 0.19787 0.16694 0.16493 0.01179  -0.00484 -0.04789 327 SER A CB  
478 O OG  A SER A 64 ? 0.21888 0.25734 0.20230 0.01127  -0.03003 -0.00910 327 SER A OG  
479 O OG  B SER A 64 ? 0.21080 0.19942 0.16185 0.01597  0.00411  -0.05121 327 SER A OG  
480 N N   . ILE A 65 ? 0.16405 0.11591 0.15759 -0.02235 -0.00492 -0.02150 328 ILE A N   
481 C CA  . ILE A 65 ? 0.15833 0.12108 0.16594 -0.01710 0.00764  -0.03892 328 ILE A CA  
482 C C   . ILE A 65 ? 0.16344 0.10372 0.17911 -0.01531 0.01867  -0.04273 328 ILE A C   
483 O O   . ILE A 65 ? 0.18723 0.12227 0.18678 -0.01134 0.02298  -0.04291 328 ILE A O   
484 C CB  . ILE A 65 ? 0.15655 0.11758 0.17205 -0.01753 0.00885  -0.03585 328 ILE A CB  
485 C CG1 . ILE A 65 ? 0.18488 0.11366 0.17825 -0.01787 0.01079  -0.03697 328 ILE A CG1 
486 C CG2 . ILE A 65 ? 0.14049 0.15720 0.21073 -0.01771 0.01788  -0.05991 328 ILE A CG2 
487 C CD1 . ILE A 65 ? 0.20144 0.14321 0.19690 -0.01412 0.00125  -0.05930 328 ILE A CD1 
488 N N   . ARG A 66 ? 0.17055 0.09388 0.19748 -0.00877 0.01572  -0.04460 329 ARG A N   
489 C CA  . ARG A 66 ? 0.19839 0.09875 0.19047 -0.01267 0.01304  -0.03087 329 ARG A CA  
490 C C   . ARG A 66 ? 0.19568 0.11160 0.18380 -0.02026 0.02456  -0.03366 329 ARG A C   
491 O O   . ARG A 66 ? 0.19842 0.11413 0.19706 -0.00195 0.04062  -0.04272 329 ARG A O   
492 C CB  . ARG A 66 ? 0.22523 0.11446 0.19114 0.00259  -0.00443 -0.01644 329 ARG A CB  
493 C CG  . ARG A 66 ? 0.25498 0.12784 0.17744 0.01225  -0.02510 0.00097  329 ARG A CG  
494 C CD  . ARG A 66 ? 0.30361 0.18763 0.20320 0.00162  -0.04955 -0.00498 329 ARG A CD  
495 N NE  . ARG A 66 ? 0.35119 0.20048 0.25563 -0.01172 -0.06195 -0.01345 329 ARG A NE  
496 C CZ  . ARG A 66 ? 0.38007 0.23979 0.27650 0.00953  -0.08859 -0.00467 329 ARG A CZ  
497 N NH1 . ARG A 66 ? 0.37673 0.22214 0.30985 0.02438  -0.07986 0.01366  329 ARG A NH1 
498 N NH2 . ARG A 66 ? 0.40840 0.25992 0.25868 0.00452  -0.11361 -0.01017 329 ARG A NH2 
499 N N   . VAL A 67 ? 0.19687 0.11959 0.18443 -0.02460 0.01863  -0.03750 330 VAL A N   
500 C CA  . VAL A 67 ? 0.21830 0.14688 0.19077 -0.02487 0.01373  -0.05525 330 VAL A CA  
501 C C   . VAL A 67 ? 0.21699 0.14333 0.19301 -0.03779 0.01885  -0.05320 330 VAL A C   
502 O O   . VAL A 67 ? 0.23388 0.16223 0.18547 -0.03196 0.01777  -0.05324 330 VAL A O   
503 C CB  . VAL A 67 ? 0.23762 0.15874 0.19761 -0.03801 0.00624  -0.05890 330 VAL A CB  
504 C CG1 . VAL A 67 ? 0.25632 0.19376 0.20819 -0.02046 -0.01671 -0.06507 330 VAL A CG1 
505 C CG2 . VAL A 67 ? 0.25913 0.16779 0.19950 -0.05651 0.01564  -0.05236 330 VAL A CG2 
506 N N   . ALA A 68 ? 0.22387 0.13678 0.19474 -0.03484 0.01404  -0.03323 331 ALA A N   
507 C CA  . ALA A 68 ? 0.24575 0.14178 0.20171 -0.02120 0.02123  -0.02298 331 ALA A CA  
508 C C   . ALA A 68 ? 0.25624 0.14253 0.20583 -0.01298 0.03982  -0.03853 331 ALA A C   
509 O O   . ALA A 68 ? 0.26314 0.15614 0.20871 0.00104  0.05682  -0.03490 331 ALA A O   
510 C CB  . ALA A 68 ? 0.24847 0.14756 0.21396 -0.02487 0.01495  -0.01277 331 ALA A CB  
511 N N   . ASN A 69 ? 0.26010 0.13313 0.22799 -0.00140 0.04993  -0.04426 332 ASN A N   
512 C CA  . ASN A 69 ? 0.26354 0.16386 0.24243 0.00555  0.06812  -0.04789 332 ASN A CA  
513 C C   . ASN A 69 ? 0.24030 0.17598 0.23719 -0.00700 0.07325  -0.03755 332 ASN A C   
514 O O   . ASN A 69 ? 0.24013 0.19764 0.27866 -0.02340 0.08219  -0.06381 332 ASN A O   
515 C CB  . ASN A 69 ? 0.30432 0.22411 0.27506 0.03450  0.07243  -0.06703 332 ASN A CB  
516 C CG  . ASN A 69 ? 0.34403 0.28976 0.30793 0.05426  0.07226  -0.07701 332 ASN A CG  
517 O OD1 . ASN A 69 ? 0.36546 0.30612 0.32618 0.07741  0.05459  -0.07952 332 ASN A OD1 
518 N ND2 . ASN A 69 ? 0.35752 0.35463 0.33167 0.06271  0.07487  -0.09099 332 ASN A ND2 
519 N N   . LEU A 70 ? 0.23642 0.14932 0.21759 0.00035  0.04878  -0.01762 333 LEU A N   
520 C CA  . LEU A 70 ? 0.25609 0.14480 0.23424 -0.00034 0.01811  -0.02039 333 LEU A CA  
521 C C   . LEU A 70 ? 0.30188 0.19521 0.25225 0.00189  -0.01146 -0.01043 333 LEU A C   
522 O O   . LEU A 70 ? 0.35587 0.20227 0.29323 -0.01639 -0.04459 -0.00666 333 LEU A O   
523 C CB  . LEU A 70 ? 0.24809 0.14853 0.23947 0.00171  0.01639  -0.02520 333 LEU A CB  
524 C CG  . LEU A 70 ? 0.25092 0.16803 0.23944 0.01139  0.00675  -0.02668 333 LEU A CG  
525 C CD1 . LEU A 70 ? 0.25579 0.17856 0.26971 0.01263  -0.00353 -0.03906 333 LEU A CD1 
526 C CD2 . LEU A 70 ? 0.26286 0.21699 0.21839 0.01725  0.01420  -0.02501 333 LEU A CD2 
527 N N   . GLY A 71 ? 0.28176 0.21962 0.21571 0.02004  0.01143  0.00020  334 GLY A N   
528 C CA  . GLY A 71 ? 0.26631 0.26352 0.21078 0.03463  0.01839  0.00434  334 GLY A CA  
529 C C   . GLY A 71 ? 0.25819 0.26756 0.22531 0.05258  0.02167  -0.00233 334 GLY A C   
530 O O   . GLY A 71 ? 0.26002 0.29859 0.22338 0.04905  0.02295  -0.01099 334 GLY A O   
531 N N   . GLN A 72 ? 0.25229 0.24918 0.23035 0.05928  0.01694  0.00702  335 GLN A N   
532 C CA  . GLN A 72 ? 0.25073 0.23435 0.26166 0.06563  0.01403  -0.00955 335 GLN A CA  
533 C C   . GLN A 72 ? 0.22368 0.23153 0.27024 0.00051  0.02520  -0.05958 335 GLN A C   
534 O O   . GLN A 72 ? 0.23290 0.36147 0.31787 -0.01919 0.02307  -0.11755 335 GLN A O   
535 C CB  . GLN A 72 ? 0.29270 0.28049 0.31685 0.09218  0.00791  -0.00372 335 GLN A CB  
536 C CG  . GLN A 72 ? 0.33105 0.29838 0.37692 0.08956  0.02381  -0.01997 335 GLN A CG  
537 C CD  . GLN A 72 ? 0.37515 0.31343 0.43117 0.08229  0.04443  -0.04103 335 GLN A CD  
538 O OE1 . GLN A 72 ? 0.39271 0.31458 0.44528 0.06444  0.04988  -0.02997 335 GLN A OE1 
539 N NE2 . GLN A 72 ? 0.39362 0.35407 0.45478 0.07471  0.05436  -0.06179 335 GLN A NE2 
540 N N   . PRO A 73 ? 0.19201 0.13664 0.22063 -0.01130 0.03387  -0.02535 336 PRO A N   
541 C CA  . PRO A 73 ? 0.19790 0.14668 0.21307 -0.00530 0.04370  -0.00272 336 PRO A CA  
542 C C   . PRO A 73 ? 0.20472 0.15487 0.18880 -0.02391 0.02826  0.00866  336 PRO A C   
543 O O   . PRO A 73 ? 0.25053 0.17657 0.20298 -0.07846 0.02711  0.01329  336 PRO A O   
544 C CB  . PRO A 73 ? 0.20509 0.20766 0.23420 0.02827  0.03826  -0.01472 336 PRO A CB  
545 C CG  . PRO A 73 ? 0.19306 0.26487 0.25645 0.03668  0.03063  -0.04963 336 PRO A CG  
546 C CD  . PRO A 73 ? 0.17991 0.21856 0.25345 -0.00020 0.02769  -0.05876 336 PRO A CD  
547 N N   . THR A 74 ? 0.16549 0.13393 0.15962 0.00302  0.01528  0.01934  337 THR A N   
548 C CA  . THR A 74 ? 0.15653 0.14991 0.17671 0.01946  0.00087  0.02039  337 THR A CA  
549 C C   . THR A 74 ? 0.12717 0.15125 0.14638 -0.00282 -0.00251 0.02935  337 THR A C   
550 O O   . THR A 74 ? 0.13520 0.13892 0.16639 -0.00877 0.01329  0.03788  337 THR A O   
551 C CB  . THR A 74 ? 0.17599 0.18249 0.26689 0.03136  -0.00321 -0.00380 337 THR A CB  
552 O OG1 . THR A 74 ? 0.15970 0.24000 0.29945 0.03290  -0.00120 -0.00421 337 THR A OG1 
553 C CG2 . THR A 74 ? 0.20693 0.21200 0.29476 0.07095  -0.00844 -0.01063 337 THR A CG2 
554 N N   . LEU A 75 ? 0.12983 0.12074 0.15078 -0.00839 -0.00153 0.03421  338 LEU A N   
555 C CA  . LEU A 75 ? 0.12555 0.14806 0.16760 -0.01524 -0.00447 0.02914  338 LEU A CA  
556 C C   . LEU A 75 ? 0.13067 0.17275 0.16747 -0.02044 -0.01930 0.03313  338 LEU A C   
557 O O   . LEU A 75 ? 0.14586 0.18800 0.18941 -0.01428 -0.03657 0.04178  338 LEU A O   
558 C CB  . LEU A 75 ? 0.12885 0.17545 0.16239 -0.02404 -0.01465 0.03948  338 LEU A CB  
559 C CG  . LEU A 75 ? 0.14183 0.19906 0.18294 -0.02622 -0.00394 0.02843  338 LEU A CG  
560 C CD1 . LEU A 75 ? 0.16831 0.29508 0.18705 -0.05716 0.01414  0.01435  338 LEU A CD1 
561 C CD2 . LEU A 75 ? 0.17101 0.20087 0.22465 0.01534  -0.02368 0.01119  338 LEU A CD2 
562 N N   . VAL A 76 ? 0.14973 0.15609 0.18443 -0.02390 -0.02056 0.01781  339 VAL A N   
563 C CA  . VAL A 76 ? 0.19004 0.18617 0.24971 -0.06637 -0.00408 -0.01245 339 VAL A CA  
564 C C   . VAL A 76 ? 0.23701 0.25442 0.31207 -0.11403 -0.00129 -0.06114 339 VAL A C   
565 O O   . VAL A 76 ? 0.22330 0.27829 0.28555 -0.08451 0.01483  -0.05210 339 VAL A O   
566 C CB  . VAL A 76 ? 0.20671 0.21249 0.22959 -0.02974 0.00649  0.00762  339 VAL A CB  
567 C CG1 . VAL A 76 ? 0.21702 0.23103 0.25042 -0.01667 0.01046  0.00090  339 VAL A CG1 
568 C CG2 . VAL A 76 ? 0.18554 0.17440 0.19428 -0.01302 0.02095  0.03058  339 VAL A CG2 
569 N N   . ARG A 77 ? 0.33593 0.33511 0.42480 -0.13020 -0.02086 -0.11453 340 ARG A N   
570 C CA  . ARG A 77 ? 0.43878 0.44504 0.53069 -0.10554 -0.04116 -0.13836 340 ARG A CA  
571 C C   . ARG A 77 ? 0.47764 0.43418 0.60905 -0.09836 -0.05974 -0.15608 340 ARG A C   
572 O O   . ARG A 77 ? 0.48014 0.45022 0.60908 -0.09849 -0.07134 -0.15893 340 ARG A O   
573 C CB  . ARG A 77 ? 0.49161 0.52094 0.55421 -0.10010 -0.04305 -0.13853 340 ARG A CB  
574 C CG  . ARG A 77 ? 0.53302 0.58127 0.57144 -0.09390 -0.05123 -0.13754 340 ARG A CG  
575 C CD  . ARG A 77 ? 0.57039 0.62699 0.58358 -0.08941 -0.05748 -0.13721 340 ARG A CD  
576 N NE  . ARG A 77 ? 0.60185 0.65964 0.59362 -0.08551 -0.06188 -0.13573 340 ARG A NE  
577 C CZ  . ARG A 77 ? 0.62238 0.67658 0.60509 -0.08489 -0.06675 -0.13966 340 ARG A CZ  
578 N NH1 . ARG A 77 ? 0.62983 0.67821 0.60462 -0.08782 -0.06957 -0.14116 340 ARG A NH1 
579 N NH2 . ARG A 77 ? 0.62892 0.67557 0.61154 -0.08480 -0.06481 -0.13945 340 ARG A NH2 
580 N N   . PRO A 78 ? 0.50643 0.43838 0.65990 -0.08686 -0.06431 -0.15612 341 PRO A N   
581 C CA  . PRO A 78 ? 0.52116 0.43910 0.68604 -0.08189 -0.05988 -0.15119 341 PRO A CA  
582 C C   . PRO A 78 ? 0.53433 0.43917 0.70638 -0.07597 -0.06163 -0.15633 341 PRO A C   
583 O O   . PRO A 78 ? 0.54107 0.44837 0.71714 -0.07625 -0.06516 -0.16013 341 PRO A O   
584 C CB  . PRO A 78 ? 0.52106 0.43510 0.69020 -0.07967 -0.05985 -0.14748 341 PRO A CB  
585 C CG  . PRO A 78 ? 0.51960 0.43271 0.68716 -0.07977 -0.06364 -0.14718 341 PRO A CG  
586 C CD  . PRO A 78 ? 0.51794 0.43443 0.67835 -0.07611 -0.06674 -0.15171 341 PRO A CD  
# 
